data_1HU3
# 
_entry.id   1HU3 
# 
_audit_conform.dict_name       mmcif_pdbx.dic 
_audit_conform.dict_version    5.397 
_audit_conform.dict_location   http://mmcif.pdb.org/dictionaries/ascii/mmcif_pdbx.dic 
# 
loop_
_database_2.database_id 
_database_2.database_code 
_database_2.pdbx_database_accession 
_database_2.pdbx_DOI 
PDB   1HU3         pdb_00001hu3 10.2210/pdb1hu3/pdb 
RCSB  RCSB012588   ?            ?                   
WWPDB D_1000012588 ?            ?                   
# 
loop_
_pdbx_audit_revision_history.ordinal 
_pdbx_audit_revision_history.data_content_type 
_pdbx_audit_revision_history.major_revision 
_pdbx_audit_revision_history.minor_revision 
_pdbx_audit_revision_history.revision_date 
1 'Structure model' 1 0 2001-02-21 
2 'Structure model' 1 1 2008-04-27 
3 'Structure model' 1 2 2011-07-13 
4 'Structure model' 1 3 2021-02-03 
5 'Structure model' 1 4 2024-10-30 
# 
_pdbx_audit_revision_details.ordinal             1 
_pdbx_audit_revision_details.revision_ordinal    1 
_pdbx_audit_revision_details.data_content_type   'Structure model' 
_pdbx_audit_revision_details.provider            repository 
_pdbx_audit_revision_details.type                'Initial release' 
_pdbx_audit_revision_details.description         ? 
_pdbx_audit_revision_details.details             ? 
# 
loop_
_pdbx_audit_revision_group.ordinal 
_pdbx_audit_revision_group.revision_ordinal 
_pdbx_audit_revision_group.data_content_type 
_pdbx_audit_revision_group.group 
1 2 'Structure model' 'Version format compliance' 
2 3 'Structure model' 'Version format compliance' 
3 4 'Structure model' 'Database references'       
4 4 'Structure model' 'Derived calculations'      
5 4 'Structure model' 'Structure summary'         
6 5 'Structure model' 'Data collection'           
7 5 'Structure model' 'Database references'       
8 5 'Structure model' 'Structure summary'         
# 
loop_
_pdbx_audit_revision_category.ordinal 
_pdbx_audit_revision_category.revision_ordinal 
_pdbx_audit_revision_category.data_content_type 
_pdbx_audit_revision_category.category 
1 4 'Structure model' audit_author              
2 4 'Structure model' citation_author           
3 4 'Structure model' struct_conn               
4 4 'Structure model' struct_ref_seq_dif        
5 5 'Structure model' chem_comp_atom            
6 5 'Structure model' chem_comp_bond            
7 5 'Structure model' database_2                
8 5 'Structure model' pdbx_entry_details        
9 5 'Structure model' pdbx_modification_feature 
# 
loop_
_pdbx_audit_revision_item.ordinal 
_pdbx_audit_revision_item.revision_ordinal 
_pdbx_audit_revision_item.data_content_type 
_pdbx_audit_revision_item.item 
1 4 'Structure model' '_audit_author.identifier_ORCID'      
2 4 'Structure model' '_citation_author.identifier_ORCID'   
3 4 'Structure model' '_struct_conn.pdbx_leaving_atom_flag' 
4 4 'Structure model' '_struct_ref_seq_dif.details'         
5 5 'Structure model' '_database_2.pdbx_DOI'                
6 5 'Structure model' '_database_2.pdbx_database_accession' 
# 
_pdbx_database_status.status_code                     REL 
_pdbx_database_status.entry_id                        1HU3 
_pdbx_database_status.recvd_initial_deposition_date   2001-01-03 
_pdbx_database_status.deposit_site                    RCSB 
_pdbx_database_status.process_site                    RCSB 
_pdbx_database_status.status_code_sf                  REL 
_pdbx_database_status.SG_entry                        . 
_pdbx_database_status.pdb_format_compatible           Y 
_pdbx_database_status.status_code_mr                  ? 
_pdbx_database_status.status_code_cs                  ? 
_pdbx_database_status.status_code_nmr_data            ? 
_pdbx_database_status.methods_development_category    ? 
# 
loop_
_audit_author.name 
_audit_author.pdbx_ordinal 
_audit_author.identifier_ORCID 
'Marcotrigiano, J.' 1 ?                   
'Lomakin, I.'       2 ?                   
'Pestova, T.V.'     3 ?                   
'Hellen, C.U.T.'    4 ?                   
'Sonenberg, N.'     5 ?                   
'Burley, S.K.'      6 0000-0002-2487-9713 
# 
_citation.id                        primary 
_citation.title                     
'A conserved HEAT domain within eIF4G directs assembly of the translation initiation machinery.' 
_citation.journal_abbrev            Mol.Cell 
_citation.journal_volume            7 
_citation.page_first                193 
_citation.page_last                 203 
_citation.year                      2001 
_citation.journal_id_ASTM           MOCEFL 
_citation.country                   US 
_citation.journal_id_ISSN           1097-2765 
_citation.journal_id_CSD            2168 
_citation.book_publisher            ? 
_citation.pdbx_database_id_PubMed   11172724 
_citation.pdbx_database_id_DOI      '10.1016/S1097-2765(01)00167-8' 
# 
loop_
_citation_author.citation_id 
_citation_author.name 
_citation_author.ordinal 
_citation_author.identifier_ORCID 
primary 'Marcotrigiano, J.' 1 ?                   
primary 'Lomakin, I.B.'     2 ?                   
primary 'Sonenberg, N.'     3 ?                   
primary 'Pestova, T.V.'     4 ?                   
primary 'Hellen, C.U.'      5 ?                   
primary 'Burley, S.K.'      6 0000-0002-2487-9713 
# 
loop_
_entity.id 
_entity.type 
_entity.src_method 
_entity.pdbx_description 
_entity.formula_weight 
_entity.pdbx_number_of_molecules 
_entity.pdbx_ec 
_entity.pdbx_mutation 
_entity.pdbx_fragment 
_entity.details 
1 polymer man EIF4GII 30826.410 1  ? ? 'RESIDUES 745-1003' ? 
2 water   nat water   18.015    69 ? ? ?                   ? 
# 
_entity_name_com.entity_id   1 
_entity_name_com.name        'EUKARYOTIC INITIATION FACTOR 4GII' 
# 
_entity_poly.entity_id                      1 
_entity_poly.type                           'polypeptide(L)' 
_entity_poly.nstd_linkage                   no 
_entity_poly.nstd_monomer                   yes 
_entity_poly.pdbx_seq_one_letter_code       
;SDPENIKTQELFRKVRSILNKLTPQ(MSE)FNQL(MSE)KQVSGLTVDTEERLKGVIDLVFEKAIDEPSFSVAYAN
(MSE)CRCLVTLKVP(MSE)ADKPGNTVNFRKLLLNRCQKEFEKDKADDDVFEKKQKELEAASAPEERTRLHDELEEAKD
KARRRSIGNIKFIGELFKLK(MSE)LTEAI(MSE)HDCVVKLLKNHDEESLECLCRLLTTIGKDLDFEKAKPR(MSE)DQ
YFNQ(MSE)EKIVKERKTSSRIRF(MSE)LQDVIDLRLCNWVSRRADQGPKTIEQIHKEA
;
_entity_poly.pdbx_seq_one_letter_code_can   
;SDPENIKTQELFRKVRSILNKLTPQMFNQLMKQVSGLTVDTEERLKGVIDLVFEKAIDEPSFSVAYANMCRCLVTLKVPM
ADKPGNTVNFRKLLLNRCQKEFEKDKADDDVFEKKQKELEAASAPEERTRLHDELEEAKDKARRRSIGNIKFIGELFKLK
MLTEAIMHDCVVKLLKNHDEESLECLCRLLTTIGKDLDFEKAKPRMDQYFNQMEKIVKERKTSSRIRFMLQDVIDLRLCN
WVSRRADQGPKTIEQIHKEA
;
_entity_poly.pdbx_strand_id                 A 
_entity_poly.pdbx_target_identifier         ? 
# 
_pdbx_entity_nonpoly.entity_id   2 
_pdbx_entity_nonpoly.name        water 
_pdbx_entity_nonpoly.comp_id     HOH 
# 
loop_
_entity_poly_seq.entity_id 
_entity_poly_seq.num 
_entity_poly_seq.mon_id 
_entity_poly_seq.hetero 
1 1   SER n 
1 2   ASP n 
1 3   PRO n 
1 4   GLU n 
1 5   ASN n 
1 6   ILE n 
1 7   LYS n 
1 8   THR n 
1 9   GLN n 
1 10  GLU n 
1 11  LEU n 
1 12  PHE n 
1 13  ARG n 
1 14  LYS n 
1 15  VAL n 
1 16  ARG n 
1 17  SER n 
1 18  ILE n 
1 19  LEU n 
1 20  ASN n 
1 21  LYS n 
1 22  LEU n 
1 23  THR n 
1 24  PRO n 
1 25  GLN n 
1 26  MSE n 
1 27  PHE n 
1 28  ASN n 
1 29  GLN n 
1 30  LEU n 
1 31  MSE n 
1 32  LYS n 
1 33  GLN n 
1 34  VAL n 
1 35  SER n 
1 36  GLY n 
1 37  LEU n 
1 38  THR n 
1 39  VAL n 
1 40  ASP n 
1 41  THR n 
1 42  GLU n 
1 43  GLU n 
1 44  ARG n 
1 45  LEU n 
1 46  LYS n 
1 47  GLY n 
1 48  VAL n 
1 49  ILE n 
1 50  ASP n 
1 51  LEU n 
1 52  VAL n 
1 53  PHE n 
1 54  GLU n 
1 55  LYS n 
1 56  ALA n 
1 57  ILE n 
1 58  ASP n 
1 59  GLU n 
1 60  PRO n 
1 61  SER n 
1 62  PHE n 
1 63  SER n 
1 64  VAL n 
1 65  ALA n 
1 66  TYR n 
1 67  ALA n 
1 68  ASN n 
1 69  MSE n 
1 70  CYS n 
1 71  ARG n 
1 72  CYS n 
1 73  LEU n 
1 74  VAL n 
1 75  THR n 
1 76  LEU n 
1 77  LYS n 
1 78  VAL n 
1 79  PRO n 
1 80  MSE n 
1 81  ALA n 
1 82  ASP n 
1 83  LYS n 
1 84  PRO n 
1 85  GLY n 
1 86  ASN n 
1 87  THR n 
1 88  VAL n 
1 89  ASN n 
1 90  PHE n 
1 91  ARG n 
1 92  LYS n 
1 93  LEU n 
1 94  LEU n 
1 95  LEU n 
1 96  ASN n 
1 97  ARG n 
1 98  CYS n 
1 99  GLN n 
1 100 LYS n 
1 101 GLU n 
1 102 PHE n 
1 103 GLU n 
1 104 LYS n 
1 105 ASP n 
1 106 LYS n 
1 107 ALA n 
1 108 ASP n 
1 109 ASP n 
1 110 ASP n 
1 111 VAL n 
1 112 PHE n 
1 113 GLU n 
1 114 LYS n 
1 115 LYS n 
1 116 GLN n 
1 117 LYS n 
1 118 GLU n 
1 119 LEU n 
1 120 GLU n 
1 121 ALA n 
1 122 ALA n 
1 123 SER n 
1 124 ALA n 
1 125 PRO n 
1 126 GLU n 
1 127 GLU n 
1 128 ARG n 
1 129 THR n 
1 130 ARG n 
1 131 LEU n 
1 132 HIS n 
1 133 ASP n 
1 134 GLU n 
1 135 LEU n 
1 136 GLU n 
1 137 GLU n 
1 138 ALA n 
1 139 LYS n 
1 140 ASP n 
1 141 LYS n 
1 142 ALA n 
1 143 ARG n 
1 144 ARG n 
1 145 ARG n 
1 146 SER n 
1 147 ILE n 
1 148 GLY n 
1 149 ASN n 
1 150 ILE n 
1 151 LYS n 
1 152 PHE n 
1 153 ILE n 
1 154 GLY n 
1 155 GLU n 
1 156 LEU n 
1 157 PHE n 
1 158 LYS n 
1 159 LEU n 
1 160 LYS n 
1 161 MSE n 
1 162 LEU n 
1 163 THR n 
1 164 GLU n 
1 165 ALA n 
1 166 ILE n 
1 167 MSE n 
1 168 HIS n 
1 169 ASP n 
1 170 CYS n 
1 171 VAL n 
1 172 VAL n 
1 173 LYS n 
1 174 LEU n 
1 175 LEU n 
1 176 LYS n 
1 177 ASN n 
1 178 HIS n 
1 179 ASP n 
1 180 GLU n 
1 181 GLU n 
1 182 SER n 
1 183 LEU n 
1 184 GLU n 
1 185 CYS n 
1 186 LEU n 
1 187 CYS n 
1 188 ARG n 
1 189 LEU n 
1 190 LEU n 
1 191 THR n 
1 192 THR n 
1 193 ILE n 
1 194 GLY n 
1 195 LYS n 
1 196 ASP n 
1 197 LEU n 
1 198 ASP n 
1 199 PHE n 
1 200 GLU n 
1 201 LYS n 
1 202 ALA n 
1 203 LYS n 
1 204 PRO n 
1 205 ARG n 
1 206 MSE n 
1 207 ASP n 
1 208 GLN n 
1 209 TYR n 
1 210 PHE n 
1 211 ASN n 
1 212 GLN n 
1 213 MSE n 
1 214 GLU n 
1 215 LYS n 
1 216 ILE n 
1 217 VAL n 
1 218 LYS n 
1 219 GLU n 
1 220 ARG n 
1 221 LYS n 
1 222 THR n 
1 223 SER n 
1 224 SER n 
1 225 ARG n 
1 226 ILE n 
1 227 ARG n 
1 228 PHE n 
1 229 MSE n 
1 230 LEU n 
1 231 GLN n 
1 232 ASP n 
1 233 VAL n 
1 234 ILE n 
1 235 ASP n 
1 236 LEU n 
1 237 ARG n 
1 238 LEU n 
1 239 CYS n 
1 240 ASN n 
1 241 TRP n 
1 242 VAL n 
1 243 SER n 
1 244 ARG n 
1 245 ARG n 
1 246 ALA n 
1 247 ASP n 
1 248 GLN n 
1 249 GLY n 
1 250 PRO n 
1 251 LYS n 
1 252 THR n 
1 253 ILE n 
1 254 GLU n 
1 255 GLN n 
1 256 ILE n 
1 257 HIS n 
1 258 LYS n 
1 259 GLU n 
1 260 ALA n 
# 
_entity_src_gen.entity_id                          1 
_entity_src_gen.pdbx_src_id                        1 
_entity_src_gen.pdbx_alt_source_flag               sample 
_entity_src_gen.pdbx_seq_type                      ? 
_entity_src_gen.pdbx_beg_seq_num                   ? 
_entity_src_gen.pdbx_end_seq_num                   ? 
_entity_src_gen.gene_src_common_name               human 
_entity_src_gen.gene_src_genus                     Homo 
_entity_src_gen.pdbx_gene_src_gene                 ? 
_entity_src_gen.gene_src_species                   ? 
_entity_src_gen.gene_src_strain                    ? 
_entity_src_gen.gene_src_tissue                    ? 
_entity_src_gen.gene_src_tissue_fraction           ? 
_entity_src_gen.gene_src_details                   ? 
_entity_src_gen.pdbx_gene_src_fragment             ? 
_entity_src_gen.pdbx_gene_src_scientific_name      'Homo sapiens' 
_entity_src_gen.pdbx_gene_src_ncbi_taxonomy_id     9606 
_entity_src_gen.pdbx_gene_src_variant              ? 
_entity_src_gen.pdbx_gene_src_cell_line            ? 
_entity_src_gen.pdbx_gene_src_atcc                 ? 
_entity_src_gen.pdbx_gene_src_organ                ? 
_entity_src_gen.pdbx_gene_src_organelle            ? 
_entity_src_gen.pdbx_gene_src_cell                 ? 
_entity_src_gen.pdbx_gene_src_cellular_location    ? 
_entity_src_gen.host_org_common_name               ? 
_entity_src_gen.pdbx_host_org_scientific_name      'Escherichia coli BL21(DE3)' 
_entity_src_gen.pdbx_host_org_ncbi_taxonomy_id     469008 
_entity_src_gen.host_org_genus                     Escherichia 
_entity_src_gen.pdbx_host_org_gene                 ? 
_entity_src_gen.pdbx_host_org_organ                ? 
_entity_src_gen.host_org_species                   'Escherichia coli' 
_entity_src_gen.pdbx_host_org_tissue               ? 
_entity_src_gen.pdbx_host_org_tissue_fraction      ? 
_entity_src_gen.pdbx_host_org_strain               'BL21(DE3)' 
_entity_src_gen.pdbx_host_org_variant              ? 
_entity_src_gen.pdbx_host_org_cell_line            ? 
_entity_src_gen.pdbx_host_org_atcc                 ? 
_entity_src_gen.pdbx_host_org_culture_collection   ? 
_entity_src_gen.pdbx_host_org_cell                 ? 
_entity_src_gen.pdbx_host_org_organelle            ? 
_entity_src_gen.pdbx_host_org_cellular_location    ? 
_entity_src_gen.pdbx_host_org_vector_type          ? 
_entity_src_gen.pdbx_host_org_vector               PLASMID 
_entity_src_gen.host_org_details                   ? 
_entity_src_gen.expression_system_id               ? 
_entity_src_gen.plasmid_name                       PET28 
_entity_src_gen.plasmid_details                    ? 
_entity_src_gen.pdbx_description                   ? 
# 
loop_
_chem_comp.id 
_chem_comp.type 
_chem_comp.mon_nstd_flag 
_chem_comp.name 
_chem_comp.pdbx_synonyms 
_chem_comp.formula 
_chem_comp.formula_weight 
ALA 'L-peptide linking' y ALANINE          ? 'C3 H7 N O2'     89.093  
ARG 'L-peptide linking' y ARGININE         ? 'C6 H15 N4 O2 1' 175.209 
ASN 'L-peptide linking' y ASPARAGINE       ? 'C4 H8 N2 O3'    132.118 
ASP 'L-peptide linking' y 'ASPARTIC ACID'  ? 'C4 H7 N O4'     133.103 
CYS 'L-peptide linking' y CYSTEINE         ? 'C3 H7 N O2 S'   121.158 
GLN 'L-peptide linking' y GLUTAMINE        ? 'C5 H10 N2 O3'   146.144 
GLU 'L-peptide linking' y 'GLUTAMIC ACID'  ? 'C5 H9 N O4'     147.129 
GLY 'peptide linking'   y GLYCINE          ? 'C2 H5 N O2'     75.067  
HIS 'L-peptide linking' y HISTIDINE        ? 'C6 H10 N3 O2 1' 156.162 
HOH non-polymer         . WATER            ? 'H2 O'           18.015  
ILE 'L-peptide linking' y ISOLEUCINE       ? 'C6 H13 N O2'    131.173 
LEU 'L-peptide linking' y LEUCINE          ? 'C6 H13 N O2'    131.173 
LYS 'L-peptide linking' y LYSINE           ? 'C6 H15 N2 O2 1' 147.195 
MET 'L-peptide linking' y METHIONINE       ? 'C5 H11 N O2 S'  149.211 
MSE 'L-peptide linking' n SELENOMETHIONINE ? 'C5 H11 N O2 Se' 196.106 
PHE 'L-peptide linking' y PHENYLALANINE    ? 'C9 H11 N O2'    165.189 
PRO 'L-peptide linking' y PROLINE          ? 'C5 H9 N O2'     115.130 
SER 'L-peptide linking' y SERINE           ? 'C3 H7 N O3'     105.093 
THR 'L-peptide linking' y THREONINE        ? 'C4 H9 N O3'     119.119 
TRP 'L-peptide linking' y TRYPTOPHAN       ? 'C11 H12 N2 O2'  204.225 
TYR 'L-peptide linking' y TYROSINE         ? 'C9 H11 N O3'    181.189 
VAL 'L-peptide linking' y VALINE           ? 'C5 H11 N O2'    117.146 
# 
loop_
_pdbx_poly_seq_scheme.asym_id 
_pdbx_poly_seq_scheme.entity_id 
_pdbx_poly_seq_scheme.seq_id 
_pdbx_poly_seq_scheme.mon_id 
_pdbx_poly_seq_scheme.ndb_seq_num 
_pdbx_poly_seq_scheme.pdb_seq_num 
_pdbx_poly_seq_scheme.auth_seq_num 
_pdbx_poly_seq_scheme.pdb_mon_id 
_pdbx_poly_seq_scheme.auth_mon_id 
_pdbx_poly_seq_scheme.pdb_strand_id 
_pdbx_poly_seq_scheme.pdb_ins_code 
_pdbx_poly_seq_scheme.hetero 
A 1 1   SER 1   1    1   SER SER A . n 
A 1 2   ASP 2   745  745 ASP ASP A . n 
A 1 3   PRO 3   746  746 PRO PRO A . n 
A 1 4   GLU 4   747  747 GLU GLU A . n 
A 1 5   ASN 5   748  748 ASN ASN A . n 
A 1 6   ILE 6   749  749 ILE ILE A . n 
A 1 7   LYS 7   750  750 LYS LYS A . n 
A 1 8   THR 8   751  751 THR THR A . n 
A 1 9   GLN 9   752  752 GLN GLN A . n 
A 1 10  GLU 10  753  753 GLU GLU A . n 
A 1 11  LEU 11  754  754 LEU LEU A . n 
A 1 12  PHE 12  755  755 PHE PHE A . n 
A 1 13  ARG 13  756  756 ARG ARG A . n 
A 1 14  LYS 14  757  757 LYS LYS A . n 
A 1 15  VAL 15  758  758 VAL VAL A . n 
A 1 16  ARG 16  759  759 ARG ARG A . n 
A 1 17  SER 17  760  760 SER SER A . n 
A 1 18  ILE 18  761  761 ILE ILE A . n 
A 1 19  LEU 19  762  762 LEU LEU A . n 
A 1 20  ASN 20  763  763 ASN ASN A . n 
A 1 21  LYS 21  764  764 LYS LYS A . n 
A 1 22  LEU 22  765  765 LEU LEU A . n 
A 1 23  THR 23  766  766 THR THR A . n 
A 1 24  PRO 24  767  767 PRO PRO A . n 
A 1 25  GLN 25  768  768 GLN GLN A . n 
A 1 26  MSE 26  769  769 MSE MSE A . n 
A 1 27  PHE 27  770  770 PHE PHE A . n 
A 1 28  ASN 28  771  771 ASN ASN A . n 
A 1 29  GLN 29  772  772 GLN GLN A . n 
A 1 30  LEU 30  773  773 LEU LEU A . n 
A 1 31  MSE 31  774  774 MSE MSE A . n 
A 1 32  LYS 32  775  775 LYS LYS A . n 
A 1 33  GLN 33  776  776 GLN GLN A . n 
A 1 34  VAL 34  777  777 VAL VAL A . n 
A 1 35  SER 35  778  778 SER SER A . n 
A 1 36  GLY 36  779  779 GLY GLY A . n 
A 1 37  LEU 37  780  780 LEU LEU A . n 
A 1 38  THR 38  781  781 THR THR A . n 
A 1 39  VAL 39  782  782 VAL VAL A . n 
A 1 40  ASP 40  783  783 ASP ASP A . n 
A 1 41  THR 41  784  784 THR THR A . n 
A 1 42  GLU 42  785  785 GLU GLU A . n 
A 1 43  GLU 43  786  786 GLU GLU A . n 
A 1 44  ARG 44  787  787 ARG ARG A . n 
A 1 45  LEU 45  788  788 LEU LEU A . n 
A 1 46  LYS 46  789  789 LYS LYS A . n 
A 1 47  GLY 47  790  790 GLY GLY A . n 
A 1 48  VAL 48  791  791 VAL VAL A . n 
A 1 49  ILE 49  792  792 ILE ILE A . n 
A 1 50  ASP 50  793  793 ASP ASP A . n 
A 1 51  LEU 51  794  794 LEU LEU A . n 
A 1 52  VAL 52  795  795 VAL VAL A . n 
A 1 53  PHE 53  796  796 PHE PHE A . n 
A 1 54  GLU 54  797  797 GLU GLU A . n 
A 1 55  LYS 55  798  798 LYS LYS A . n 
A 1 56  ALA 56  799  799 ALA ALA A . n 
A 1 57  ILE 57  800  800 ILE ILE A . n 
A 1 58  ASP 58  801  801 ASP ASP A . n 
A 1 59  GLU 59  802  802 GLU GLU A . n 
A 1 60  PRO 60  803  803 PRO PRO A . n 
A 1 61  SER 61  804  804 SER SER A . n 
A 1 62  PHE 62  805  805 PHE PHE A . n 
A 1 63  SER 63  806  806 SER SER A . n 
A 1 64  VAL 64  807  807 VAL VAL A . n 
A 1 65  ALA 65  808  808 ALA ALA A . n 
A 1 66  TYR 66  809  809 TYR TYR A . n 
A 1 67  ALA 67  810  810 ALA ALA A . n 
A 1 68  ASN 68  811  811 ASN ASN A . n 
A 1 69  MSE 69  812  812 MSE MSE A . n 
A 1 70  CYS 70  813  813 CYS CYS A . n 
A 1 71  ARG 71  814  814 ARG ARG A . n 
A 1 72  CYS 72  815  815 CYS CYS A . n 
A 1 73  LEU 73  816  816 LEU LEU A . n 
A 1 74  VAL 74  817  817 VAL VAL A . n 
A 1 75  THR 75  818  818 THR THR A . n 
A 1 76  LEU 76  819  819 LEU LEU A . n 
A 1 77  LYS 77  820  820 LYS LYS A . n 
A 1 78  VAL 78  821  821 VAL VAL A . n 
A 1 79  PRO 79  822  822 PRO PRO A . n 
A 1 80  MSE 80  823  ?   ?   ?   A . n 
A 1 81  ALA 81  824  ?   ?   ?   A . n 
A 1 82  ASP 82  825  ?   ?   ?   A . n 
A 1 83  LYS 83  826  ?   ?   ?   A . n 
A 1 84  PRO 84  827  ?   ?   ?   A . n 
A 1 85  GLY 85  828  ?   ?   ?   A . n 
A 1 86  ASN 86  829  ?   ?   ?   A . n 
A 1 87  THR 87  830  ?   ?   ?   A . n 
A 1 88  VAL 88  831  ?   ?   ?   A . n 
A 1 89  ASN 89  832  832 ASN ASN A . n 
A 1 90  PHE 90  833  833 PHE PHE A . n 
A 1 91  ARG 91  834  834 ARG ARG A . n 
A 1 92  LYS 92  835  835 LYS LYS A . n 
A 1 93  LEU 93  836  836 LEU LEU A . n 
A 1 94  LEU 94  837  837 LEU LEU A . n 
A 1 95  LEU 95  838  838 LEU LEU A . n 
A 1 96  ASN 96  839  839 ASN ASN A . n 
A 1 97  ARG 97  840  840 ARG ARG A . n 
A 1 98  CYS 98  841  841 CYS CYS A . n 
A 1 99  GLN 99  842  842 GLN GLN A . n 
A 1 100 LYS 100 843  843 LYS LYS A . n 
A 1 101 GLU 101 844  844 GLU GLU A . n 
A 1 102 PHE 102 845  845 PHE PHE A . n 
A 1 103 GLU 103 846  846 GLU GLU A . n 
A 1 104 LYS 104 847  847 LYS LYS A . n 
A 1 105 ASP 105 848  848 ASP ASP A . n 
A 1 106 LYS 106 849  849 LYS LYS A . n 
A 1 107 ALA 107 850  850 ALA ALA A . n 
A 1 108 ASP 108 851  ?   ?   ?   A . n 
A 1 109 ASP 109 852  ?   ?   ?   A . n 
A 1 110 ASP 110 853  ?   ?   ?   A . n 
A 1 111 VAL 111 854  ?   ?   ?   A . n 
A 1 112 PHE 112 855  ?   ?   ?   A . n 
A 1 113 GLU 113 856  ?   ?   ?   A . n 
A 1 114 LYS 114 857  ?   ?   ?   A . n 
A 1 115 LYS 115 858  ?   ?   ?   A . n 
A 1 116 GLN 116 859  ?   ?   ?   A . n 
A 1 117 LYS 117 860  ?   ?   ?   A . n 
A 1 118 GLU 118 861  ?   ?   ?   A . n 
A 1 119 LEU 119 862  ?   ?   ?   A . n 
A 1 120 GLU 120 863  ?   ?   ?   A . n 
A 1 121 ALA 121 864  ?   ?   ?   A . n 
A 1 122 ALA 122 865  ?   ?   ?   A . n 
A 1 123 SER 123 866  ?   ?   ?   A . n 
A 1 124 ALA 124 867  ?   ?   ?   A . n 
A 1 125 PRO 125 868  ?   ?   ?   A . n 
A 1 126 GLU 126 869  ?   ?   ?   A . n 
A 1 127 GLU 127 870  ?   ?   ?   A . n 
A 1 128 ARG 128 871  ?   ?   ?   A . n 
A 1 129 THR 129 872  ?   ?   ?   A . n 
A 1 130 ARG 130 873  ?   ?   ?   A . n 
A 1 131 LEU 131 874  ?   ?   ?   A . n 
A 1 132 HIS 132 875  ?   ?   ?   A . n 
A 1 133 ASP 133 876  ?   ?   ?   A . n 
A 1 134 GLU 134 877  ?   ?   ?   A . n 
A 1 135 LEU 135 878  ?   ?   ?   A . n 
A 1 136 GLU 136 879  ?   ?   ?   A . n 
A 1 137 GLU 137 880  ?   ?   ?   A . n 
A 1 138 ALA 138 881  881 ALA ALA A . n 
A 1 139 LYS 139 882  882 LYS LYS A . n 
A 1 140 ASP 140 883  883 ASP ASP A . n 
A 1 141 LYS 141 884  884 LYS LYS A . n 
A 1 142 ALA 142 885  885 ALA ALA A . n 
A 1 143 ARG 143 886  886 ARG ARG A . n 
A 1 144 ARG 144 887  887 ARG ARG A . n 
A 1 145 ARG 145 888  888 ARG ARG A . n 
A 1 146 SER 146 889  889 SER SER A . n 
A 1 147 ILE 147 890  890 ILE ILE A . n 
A 1 148 GLY 148 891  891 GLY GLY A . n 
A 1 149 ASN 149 892  892 ASN ASN A . n 
A 1 150 ILE 150 893  893 ILE ILE A . n 
A 1 151 LYS 151 894  894 LYS LYS A . n 
A 1 152 PHE 152 895  895 PHE PHE A . n 
A 1 153 ILE 153 896  896 ILE ILE A . n 
A 1 154 GLY 154 897  897 GLY GLY A . n 
A 1 155 GLU 155 898  898 GLU GLU A . n 
A 1 156 LEU 156 899  899 LEU LEU A . n 
A 1 157 PHE 157 900  900 PHE PHE A . n 
A 1 158 LYS 158 901  901 LYS LYS A . n 
A 1 159 LEU 159 902  902 LEU LEU A . n 
A 1 160 LYS 160 903  903 LYS LYS A . n 
A 1 161 MSE 161 904  904 MSE MSE A . n 
A 1 162 LEU 162 905  905 LEU LEU A . n 
A 1 163 THR 163 906  906 THR THR A . n 
A 1 164 GLU 164 907  907 GLU GLU A . n 
A 1 165 ALA 165 908  908 ALA ALA A . n 
A 1 166 ILE 166 909  909 ILE ILE A . n 
A 1 167 MSE 167 910  910 MSE MSE A . n 
A 1 168 HIS 168 911  911 HIS HIS A . n 
A 1 169 ASP 169 912  912 ASP ASP A . n 
A 1 170 CYS 170 913  913 CYS CYS A . n 
A 1 171 VAL 171 914  914 VAL VAL A . n 
A 1 172 VAL 172 915  915 VAL VAL A . n 
A 1 173 LYS 173 916  916 LYS LYS A . n 
A 1 174 LEU 174 917  917 LEU LEU A . n 
A 1 175 LEU 175 918  918 LEU LEU A . n 
A 1 176 LYS 176 919  919 LYS LYS A . n 
A 1 177 ASN 177 920  920 ASN ASN A . n 
A 1 178 HIS 178 921  921 HIS HIS A . n 
A 1 179 ASP 179 922  922 ASP ASP A . n 
A 1 180 GLU 180 923  923 GLU GLU A . n 
A 1 181 GLU 181 924  924 GLU GLU A . n 
A 1 182 SER 182 925  925 SER SER A . n 
A 1 183 LEU 183 926  926 LEU LEU A . n 
A 1 184 GLU 184 927  927 GLU GLU A . n 
A 1 185 CYS 185 928  928 CYS CYS A . n 
A 1 186 LEU 186 929  929 LEU LEU A . n 
A 1 187 CYS 187 930  930 CYS CYS A . n 
A 1 188 ARG 188 931  931 ARG ARG A . n 
A 1 189 LEU 189 932  932 LEU LEU A . n 
A 1 190 LEU 190 933  933 LEU LEU A . n 
A 1 191 THR 191 934  934 THR THR A . n 
A 1 192 THR 192 935  935 THR THR A . n 
A 1 193 ILE 193 936  936 ILE ILE A . n 
A 1 194 GLY 194 937  937 GLY GLY A . n 
A 1 195 LYS 195 938  938 LYS LYS A . n 
A 1 196 ASP 196 939  939 ASP ASP A . n 
A 1 197 LEU 197 940  940 LEU LEU A . n 
A 1 198 ASP 198 941  941 ASP ASP A . n 
A 1 199 PHE 199 942  942 PHE PHE A . n 
A 1 200 GLU 200 943  943 GLU GLU A . n 
A 1 201 LYS 201 944  944 LYS LYS A . n 
A 1 202 ALA 202 945  945 ALA ALA A . n 
A 1 203 LYS 203 946  946 LYS LYS A . n 
A 1 204 PRO 204 947  947 PRO PRO A . n 
A 1 205 ARG 205 948  948 ARG ARG A . n 
A 1 206 MSE 206 949  949 MSE MSE A . n 
A 1 207 ASP 207 950  950 ASP ASP A . n 
A 1 208 GLN 208 951  951 GLN GLN A . n 
A 1 209 TYR 209 952  952 TYR TYR A . n 
A 1 210 PHE 210 953  953 PHE PHE A . n 
A 1 211 ASN 211 954  954 ASN ASN A . n 
A 1 212 GLN 212 955  955 GLN GLN A . n 
A 1 213 MSE 213 956  956 MSE MSE A . n 
A 1 214 GLU 214 957  957 GLU GLU A . n 
A 1 215 LYS 215 958  958 LYS LYS A . n 
A 1 216 ILE 216 959  959 ILE ILE A . n 
A 1 217 VAL 217 960  960 VAL VAL A . n 
A 1 218 LYS 218 961  961 LYS LYS A . n 
A 1 219 GLU 219 962  962 GLU GLU A . n 
A 1 220 ARG 220 963  963 ARG ARG A . n 
A 1 221 LYS 221 964  964 LYS LYS A . n 
A 1 222 THR 222 965  965 THR THR A . n 
A 1 223 SER 223 966  966 SER SER A . n 
A 1 224 SER 224 967  967 SER SER A . n 
A 1 225 ARG 225 968  968 ARG ARG A . n 
A 1 226 ILE 226 969  969 ILE ILE A . n 
A 1 227 ARG 227 970  970 ARG ARG A . n 
A 1 228 PHE 228 971  971 PHE PHE A . n 
A 1 229 MSE 229 972  972 MSE MSE A . n 
A 1 230 LEU 230 973  973 LEU LEU A . n 
A 1 231 GLN 231 974  974 GLN GLN A . n 
A 1 232 ASP 232 975  975 ASP ASP A . n 
A 1 233 VAL 233 976  976 VAL VAL A . n 
A 1 234 ILE 234 977  977 ILE ILE A . n 
A 1 235 ASP 235 978  978 ASP ASP A . n 
A 1 236 LEU 236 979  979 LEU LEU A . n 
A 1 237 ARG 237 980  980 ARG ARG A . n 
A 1 238 LEU 238 981  981 LEU LEU A . n 
A 1 239 CYS 239 982  982 CYS CYS A . n 
A 1 240 ASN 240 983  983 ASN ASN A . n 
A 1 241 TRP 241 984  984 TRP TRP A . n 
A 1 242 VAL 242 985  985 VAL VAL A . n 
A 1 243 SER 243 986  986 SER SER A . n 
A 1 244 ARG 244 987  ?   ?   ?   A . n 
A 1 245 ARG 245 988  ?   ?   ?   A . n 
A 1 246 ALA 246 989  ?   ?   ?   A . n 
A 1 247 ASP 247 990  ?   ?   ?   A . n 
A 1 248 GLN 248 991  ?   ?   ?   A . n 
A 1 249 GLY 249 992  ?   ?   ?   A . n 
A 1 250 PRO 250 993  ?   ?   ?   A . n 
A 1 251 LYS 251 994  ?   ?   ?   A . n 
A 1 252 THR 252 995  ?   ?   ?   A . n 
A 1 253 ILE 253 996  ?   ?   ?   A . n 
A 1 254 GLU 254 997  ?   ?   ?   A . n 
A 1 255 GLN 255 998  ?   ?   ?   A . n 
A 1 256 ILE 256 999  ?   ?   ?   A . n 
A 1 257 HIS 257 1000 ?   ?   ?   A . n 
A 1 258 LYS 258 1001 ?   ?   ?   A . n 
A 1 259 GLU 259 1002 ?   ?   ?   A . n 
A 1 260 ALA 260 1003 ?   ?   ?   A . n 
# 
loop_
_pdbx_nonpoly_scheme.asym_id 
_pdbx_nonpoly_scheme.entity_id 
_pdbx_nonpoly_scheme.mon_id 
_pdbx_nonpoly_scheme.ndb_seq_num 
_pdbx_nonpoly_scheme.pdb_seq_num 
_pdbx_nonpoly_scheme.auth_seq_num 
_pdbx_nonpoly_scheme.pdb_mon_id 
_pdbx_nonpoly_scheme.auth_mon_id 
_pdbx_nonpoly_scheme.pdb_strand_id 
_pdbx_nonpoly_scheme.pdb_ins_code 
B 2 HOH 1  1004 1  HOH TIP A . 
B 2 HOH 2  1005 2  HOH TIP A . 
B 2 HOH 3  1006 3  HOH TIP A . 
B 2 HOH 4  1007 4  HOH TIP A . 
B 2 HOH 5  1008 5  HOH TIP A . 
B 2 HOH 6  1009 6  HOH TIP A . 
B 2 HOH 7  1010 7  HOH TIP A . 
B 2 HOH 8  1011 8  HOH TIP A . 
B 2 HOH 9  1012 9  HOH TIP A . 
B 2 HOH 10 1013 10 HOH TIP A . 
B 2 HOH 11 1014 11 HOH TIP A . 
B 2 HOH 12 1015 12 HOH TIP A . 
B 2 HOH 13 1016 13 HOH TIP A . 
B 2 HOH 14 1017 14 HOH TIP A . 
B 2 HOH 15 1018 15 HOH TIP A . 
B 2 HOH 16 1019 16 HOH TIP A . 
B 2 HOH 17 1020 17 HOH TIP A . 
B 2 HOH 18 1021 18 HOH TIP A . 
B 2 HOH 19 1022 19 HOH TIP A . 
B 2 HOH 20 1023 20 HOH TIP A . 
B 2 HOH 21 1024 21 HOH TIP A . 
B 2 HOH 22 1025 22 HOH TIP A . 
B 2 HOH 23 1026 23 HOH TIP A . 
B 2 HOH 24 1027 24 HOH TIP A . 
B 2 HOH 25 1028 25 HOH TIP A . 
B 2 HOH 26 1029 26 HOH TIP A . 
B 2 HOH 27 1030 27 HOH TIP A . 
B 2 HOH 28 1031 28 HOH TIP A . 
B 2 HOH 29 1032 29 HOH TIP A . 
B 2 HOH 30 1033 30 HOH TIP A . 
B 2 HOH 31 1034 31 HOH TIP A . 
B 2 HOH 32 1035 32 HOH TIP A . 
B 2 HOH 33 1036 33 HOH TIP A . 
B 2 HOH 34 1037 34 HOH TIP A . 
B 2 HOH 35 1038 35 HOH TIP A . 
B 2 HOH 36 1039 36 HOH TIP A . 
B 2 HOH 37 1040 37 HOH TIP A . 
B 2 HOH 38 1041 38 HOH TIP A . 
B 2 HOH 39 1042 39 HOH TIP A . 
B 2 HOH 40 1043 40 HOH TIP A . 
B 2 HOH 41 1044 41 HOH TIP A . 
B 2 HOH 42 1045 42 HOH TIP A . 
B 2 HOH 43 1046 43 HOH TIP A . 
B 2 HOH 44 1047 44 HOH TIP A . 
B 2 HOH 45 1048 45 HOH TIP A . 
B 2 HOH 46 1049 46 HOH TIP A . 
B 2 HOH 47 1050 47 HOH TIP A . 
B 2 HOH 48 1051 48 HOH TIP A . 
B 2 HOH 49 1052 49 HOH TIP A . 
B 2 HOH 50 1053 50 HOH TIP A . 
B 2 HOH 51 1054 51 HOH TIP A . 
B 2 HOH 52 1055 52 HOH TIP A . 
B 2 HOH 53 1056 53 HOH TIP A . 
B 2 HOH 54 1057 54 HOH TIP A . 
B 2 HOH 55 1058 55 HOH TIP A . 
B 2 HOH 56 1059 56 HOH TIP A . 
B 2 HOH 57 1060 57 HOH TIP A . 
B 2 HOH 58 1061 58 HOH TIP A . 
B 2 HOH 59 1062 59 HOH TIP A . 
B 2 HOH 60 1063 60 HOH TIP A . 
B 2 HOH 61 1064 61 HOH TIP A . 
B 2 HOH 62 1065 62 HOH TIP A . 
B 2 HOH 63 1066 63 HOH TIP A . 
B 2 HOH 64 1067 64 HOH TIP A . 
B 2 HOH 65 1068 65 HOH TIP A . 
B 2 HOH 66 1069 66 HOH TIP A . 
B 2 HOH 67 1070 67 HOH TIP A . 
B 2 HOH 68 1071 68 HOH TIP A . 
B 2 HOH 69 1072 69 HOH TIP A . 
# 
loop_
_pdbx_unobs_or_zero_occ_atoms.id 
_pdbx_unobs_or_zero_occ_atoms.PDB_model_num 
_pdbx_unobs_or_zero_occ_atoms.polymer_flag 
_pdbx_unobs_or_zero_occ_atoms.occupancy_flag 
_pdbx_unobs_or_zero_occ_atoms.auth_asym_id 
_pdbx_unobs_or_zero_occ_atoms.auth_comp_id 
_pdbx_unobs_or_zero_occ_atoms.auth_seq_id 
_pdbx_unobs_or_zero_occ_atoms.PDB_ins_code 
_pdbx_unobs_or_zero_occ_atoms.auth_atom_id 
_pdbx_unobs_or_zero_occ_atoms.label_alt_id 
_pdbx_unobs_or_zero_occ_atoms.label_asym_id 
_pdbx_unobs_or_zero_occ_atoms.label_comp_id 
_pdbx_unobs_or_zero_occ_atoms.label_seq_id 
_pdbx_unobs_or_zero_occ_atoms.label_atom_id 
1  1 Y 1 A SER 1   ? OG  ? A SER 1   OG  
2  1 Y 1 A GLN 768 ? CG  ? A GLN 25  CG  
3  1 Y 1 A GLN 768 ? CD  ? A GLN 25  CD  
4  1 Y 1 A GLN 768 ? OE1 ? A GLN 25  OE1 
5  1 Y 1 A GLN 768 ? NE2 ? A GLN 25  NE2 
6  1 Y 1 A GLU 786 ? CG  ? A GLU 43  CG  
7  1 Y 1 A GLU 786 ? CD  ? A GLU 43  CD  
8  1 Y 1 A GLU 786 ? OE1 ? A GLU 43  OE1 
9  1 Y 1 A GLU 786 ? OE2 ? A GLU 43  OE2 
10 1 Y 1 A LYS 820 ? CG  ? A LYS 77  CG  
11 1 Y 1 A LYS 820 ? CD  ? A LYS 77  CD  
12 1 Y 1 A LYS 820 ? CE  ? A LYS 77  CE  
13 1 Y 1 A LYS 820 ? NZ  ? A LYS 77  NZ  
14 1 Y 1 A LYS 835 ? CG  ? A LYS 92  CG  
15 1 Y 1 A LYS 835 ? CD  ? A LYS 92  CD  
16 1 Y 1 A LYS 835 ? CE  ? A LYS 92  CE  
17 1 Y 1 A LYS 835 ? NZ  ? A LYS 92  NZ  
18 1 Y 1 A LEU 838 ? CG  ? A LEU 95  CG  
19 1 Y 1 A LEU 838 ? CD1 ? A LEU 95  CD1 
20 1 Y 1 A LEU 838 ? CD2 ? A LEU 95  CD2 
21 1 Y 1 A LYS 843 ? CG  ? A LYS 100 CG  
22 1 Y 1 A LYS 843 ? CD  ? A LYS 100 CD  
23 1 Y 1 A LYS 843 ? CE  ? A LYS 100 CE  
24 1 Y 1 A LYS 843 ? NZ  ? A LYS 100 NZ  
25 1 Y 1 A GLU 846 ? CG  ? A GLU 103 CG  
26 1 Y 1 A GLU 846 ? CD  ? A GLU 103 CD  
27 1 Y 1 A GLU 846 ? OE1 ? A GLU 103 OE1 
28 1 Y 1 A GLU 846 ? OE2 ? A GLU 103 OE2 
29 1 Y 1 A LYS 847 ? CG  ? A LYS 104 CG  
30 1 Y 1 A LYS 847 ? CD  ? A LYS 104 CD  
31 1 Y 1 A LYS 847 ? CE  ? A LYS 104 CE  
32 1 Y 1 A LYS 847 ? NZ  ? A LYS 104 NZ  
33 1 Y 1 A ASP 848 ? CG  ? A ASP 105 CG  
34 1 Y 1 A ASP 848 ? OD1 ? A ASP 105 OD1 
35 1 Y 1 A ASP 848 ? OD2 ? A ASP 105 OD2 
36 1 Y 1 A LYS 849 ? CG  ? A LYS 106 CG  
37 1 Y 1 A LYS 849 ? CD  ? A LYS 106 CD  
38 1 Y 1 A LYS 849 ? CE  ? A LYS 106 CE  
39 1 Y 1 A LYS 849 ? NZ  ? A LYS 106 NZ  
40 1 Y 1 A ASP 883 ? CG  ? A ASP 140 CG  
41 1 Y 1 A ASP 883 ? OD1 ? A ASP 140 OD1 
42 1 Y 1 A ASP 883 ? OD2 ? A ASP 140 OD2 
43 1 Y 1 A LYS 884 ? CG  ? A LYS 141 CG  
44 1 Y 1 A LYS 884 ? CD  ? A LYS 141 CD  
45 1 Y 1 A LYS 884 ? CE  ? A LYS 141 CE  
46 1 Y 1 A LYS 884 ? NZ  ? A LYS 141 NZ  
47 1 Y 1 A ARG 887 ? CG  ? A ARG 144 CG  
48 1 Y 1 A ARG 887 ? CD  ? A ARG 144 CD  
49 1 Y 1 A ARG 887 ? NE  ? A ARG 144 NE  
50 1 Y 1 A ARG 887 ? CZ  ? A ARG 144 CZ  
51 1 Y 1 A ARG 887 ? NH1 ? A ARG 144 NH1 
52 1 Y 1 A ARG 887 ? NH2 ? A ARG 144 NH2 
53 1 Y 1 A LYS 903 ? CG  ? A LYS 160 CG  
54 1 Y 1 A LYS 903 ? CD  ? A LYS 160 CD  
55 1 Y 1 A LYS 903 ? CE  ? A LYS 160 CE  
56 1 Y 1 A LYS 903 ? NZ  ? A LYS 160 NZ  
57 1 Y 1 A LYS 919 ? CG  ? A LYS 176 CG  
58 1 Y 1 A LYS 919 ? CD  ? A LYS 176 CD  
59 1 Y 1 A LYS 919 ? CE  ? A LYS 176 CE  
60 1 Y 1 A LYS 919 ? NZ  ? A LYS 176 NZ  
61 1 Y 1 A PHE 942 ? CG  ? A PHE 199 CG  
62 1 Y 1 A PHE 942 ? CD1 ? A PHE 199 CD1 
63 1 Y 1 A PHE 942 ? CD2 ? A PHE 199 CD2 
64 1 Y 1 A PHE 942 ? CE1 ? A PHE 199 CE1 
65 1 Y 1 A PHE 942 ? CE2 ? A PHE 199 CE2 
66 1 Y 1 A PHE 942 ? CZ  ? A PHE 199 CZ  
67 1 Y 1 A GLU 943 ? CG  ? A GLU 200 CG  
68 1 Y 1 A GLU 943 ? CD  ? A GLU 200 CD  
69 1 Y 1 A GLU 943 ? OE1 ? A GLU 200 OE1 
70 1 Y 1 A GLU 943 ? OE2 ? A GLU 200 OE2 
71 1 Y 1 A LYS 944 ? CG  ? A LYS 201 CG  
72 1 Y 1 A LYS 944 ? CD  ? A LYS 201 CD  
73 1 Y 1 A LYS 944 ? CE  ? A LYS 201 CE  
74 1 Y 1 A LYS 944 ? NZ  ? A LYS 201 NZ  
75 1 Y 1 A LYS 958 ? CG  ? A LYS 215 CG  
76 1 Y 1 A LYS 958 ? CD  ? A LYS 215 CD  
77 1 Y 1 A LYS 958 ? CE  ? A LYS 215 CE  
78 1 Y 1 A LYS 958 ? NZ  ? A LYS 215 NZ  
79 1 Y 1 A LYS 964 ? CG  ? A LYS 221 CG  
80 1 Y 1 A LYS 964 ? CD  ? A LYS 221 CD  
81 1 Y 1 A LYS 964 ? CE  ? A LYS 221 CE  
82 1 Y 1 A LYS 964 ? NZ  ? A LYS 221 NZ  
# 
loop_
_software.name 
_software.classification 
_software.version 
_software.citation_id 
_software.pdbx_ordinal 
SOLVE     phasing          .   ? 1 
CNS       refinement       0.9 ? 2 
DENZO     'data reduction' .   ? 3 
SCALEPACK 'data scaling'   .   ? 4 
# 
_cell.entry_id           1HU3 
_cell.length_a           118.8 
_cell.length_b           118.8 
_cell.length_c           58.2 
_cell.angle_alpha        90 
_cell.angle_beta         90 
_cell.angle_gamma        120 
_cell.Z_PDB              9 
_cell.pdbx_unique_axis   ? 
# 
_symmetry.entry_id                         1HU3 
_symmetry.space_group_name_H-M             'H 3' 
_symmetry.pdbx_full_space_group_name_H-M   ? 
_symmetry.cell_setting                     ? 
_symmetry.Int_Tables_number                146 
# 
_exptl.entry_id          1HU3 
_exptl.method            'X-RAY DIFFRACTION' 
_exptl.crystals_number   1 
# 
_exptl_crystal.id                    1 
_exptl_crystal.density_meas          ? 
_exptl_crystal.density_Matthews      2.56 
_exptl_crystal.density_percent_sol   52.02 
_exptl_crystal.description           ? 
# 
_exptl_crystal_grow.crystal_id      1 
_exptl_crystal_grow.method          'VAPOR DIFFUSION, HANGING DROP' 
_exptl_crystal_grow.temp            277 
_exptl_crystal_grow.temp_details    ? 
_exptl_crystal_grow.pH              4.6 
_exptl_crystal_grow.pdbx_details    
;0.1M acetate (4.6), 0.1M ammonium acetate, 
20-22% PEG4000, and 5mM tris(carboxyethyl)phosphine, VAPOR DIFFUSION, HANGING DROP, temperature 277K
;
_exptl_crystal_grow.pdbx_pH_range   . 
# 
_diffrn.id                     1 
_diffrn.ambient_temp           93 
_diffrn.ambient_temp_details   ? 
_diffrn.crystal_id             1 
# 
_diffrn_detector.diffrn_id              1 
_diffrn_detector.detector               CCD 
_diffrn_detector.type                   'BRANDEIS - B4' 
_diffrn_detector.pdbx_collection_date   2000-06-28 
_diffrn_detector.details                ? 
# 
_diffrn_radiation.diffrn_id                        1 
_diffrn_radiation.wavelength_id                    1 
_diffrn_radiation.pdbx_monochromatic_or_laue_m_l   M 
_diffrn_radiation.monochromator                    ? 
_diffrn_radiation.pdbx_diffrn_protocol             MAD 
_diffrn_radiation.pdbx_scattering_type             x-ray 
# 
_diffrn_radiation_wavelength.id           1 
_diffrn_radiation_wavelength.wavelength   0.97928 
_diffrn_radiation_wavelength.wt           1.0 
# 
_diffrn_source.diffrn_id                   1 
_diffrn_source.source                      SYNCHROTRON 
_diffrn_source.type                        'NSLS BEAMLINE X25' 
_diffrn_source.pdbx_synchrotron_site       NSLS 
_diffrn_source.pdbx_synchrotron_beamline   X25 
_diffrn_source.pdbx_wavelength             ? 
_diffrn_source.pdbx_wavelength_list        0.97928 
# 
_reflns.entry_id                     1HU3 
_reflns.observed_criterion_sigma_I   4.0 
_reflns.observed_criterion_sigma_F   ? 
_reflns.d_resolution_low             20 
_reflns.d_resolution_high            2.37 
_reflns.number_obs                   12425 
_reflns.number_all                   170724 
_reflns.percent_possible_obs         97.5 
_reflns.pdbx_Rmerge_I_obs            0.0440000 
_reflns.pdbx_Rsym_value              ? 
_reflns.pdbx_netI_over_sigmaI        ? 
_reflns.B_iso_Wilson_estimate        ? 
_reflns.pdbx_redundancy              4 
_reflns.R_free_details               ? 
_reflns.limit_h_max                  ? 
_reflns.limit_h_min                  ? 
_reflns.limit_k_max                  ? 
_reflns.limit_k_min                  ? 
_reflns.limit_l_max                  ? 
_reflns.limit_l_min                  ? 
_reflns.observed_criterion_F_max     ? 
_reflns.observed_criterion_F_min     ? 
_reflns.pdbx_diffrn_id               1 
_reflns.pdbx_ordinal                 1 
# 
_reflns_shell.d_res_high             2.37 
_reflns_shell.d_res_low              2.45 
_reflns_shell.percent_possible_all   85.0 
_reflns_shell.Rmerge_I_obs           0.1950000 
_reflns_shell.pdbx_Rsym_value        ? 
_reflns_shell.meanI_over_sigI_obs    ? 
_reflns_shell.pdbx_redundancy        3 
_reflns_shell.percent_possible_obs   ? 
_reflns_shell.number_unique_all      ? 
_reflns_shell.pdbx_diffrn_id         ? 
_reflns_shell.pdbx_ordinal           1 
# 
_refine.entry_id                                 1HU3 
_refine.ls_number_reflns_obs                     24808 
_refine.ls_number_reflns_all                     ? 
_refine.pdbx_ls_sigma_I                          ? 
_refine.pdbx_ls_sigma_F                          2 
_refine.pdbx_data_cutoff_high_absF               ? 
_refine.pdbx_data_cutoff_low_absF                ? 
_refine.ls_d_res_low                             20 
_refine.ls_d_res_high                            2.37 
_refine.ls_percent_reflns_obs                    ? 
_refine.ls_R_factor_obs                          ? 
_refine.ls_R_factor_all                          ? 
_refine.ls_R_factor_R_work                       0.2490000 
_refine.ls_R_factor_R_free                       0.2950000 
_refine.ls_R_factor_R_free_error                 ? 
_refine.ls_R_factor_R_free_error_details         ? 
_refine.ls_percent_reflns_R_free                 10 
_refine.ls_number_reflns_R_free                  2181 
_refine.ls_number_parameters                     ? 
_refine.ls_number_restraints                     ? 
_refine.occupancy_min                            ? 
_refine.occupancy_max                            ? 
_refine.B_iso_mean                               ? 
_refine.aniso_B[1][1]                            ? 
_refine.aniso_B[2][2]                            ? 
_refine.aniso_B[3][3]                            ? 
_refine.aniso_B[1][2]                            ? 
_refine.aniso_B[1][3]                            ? 
_refine.aniso_B[2][3]                            ? 
_refine.solvent_model_details                    ? 
_refine.solvent_model_param_ksol                 ? 
_refine.solvent_model_param_bsol                 ? 
_refine.pdbx_ls_cross_valid_method               ? 
_refine.details                                  ? 
_refine.pdbx_starting_model                      ? 
_refine.pdbx_method_to_determine_struct          MAD 
_refine.pdbx_isotropic_thermal_model             ? 
_refine.pdbx_stereochemistry_target_values       ? 
_refine.pdbx_stereochem_target_val_spec_case     ? 
_refine.pdbx_R_Free_selection_details            RANDOM 
_refine.pdbx_overall_ESU_R_Free                  ? 
_refine.overall_SU_B                             ? 
_refine.ls_redundancy_reflns_obs                 ? 
_refine.B_iso_min                                ? 
_refine.B_iso_max                                ? 
_refine.overall_SU_ML                            ? 
_refine.pdbx_overall_ESU_R                       ? 
_refine.pdbx_data_cutoff_high_rms_absF           ? 
_refine.correlation_coeff_Fo_to_Fc               ? 
_refine.correlation_coeff_Fo_to_Fc_free          ? 
_refine.overall_SU_R_Cruickshank_DPI             ? 
_refine.overall_SU_R_free                        ? 
_refine.pdbx_refine_id                           'X-RAY DIFFRACTION' 
_refine.pdbx_diffrn_id                           1 
_refine.pdbx_TLS_residual_ADP_flag               ? 
_refine.pdbx_solvent_vdw_probe_radii             ? 
_refine.pdbx_solvent_ion_probe_radii             ? 
_refine.pdbx_solvent_shrinkage_radii             ? 
_refine.pdbx_overall_phase_error                 ? 
_refine.pdbx_overall_SU_R_free_Cruickshank_DPI   ? 
_refine.pdbx_overall_SU_R_Blow_DPI               ? 
_refine.pdbx_overall_SU_R_free_Blow_DPI          ? 
# 
_refine_hist.pdbx_refine_id                   'X-RAY DIFFRACTION' 
_refine_hist.cycle_id                         LAST 
_refine_hist.pdbx_number_atoms_protein        1589 
_refine_hist.pdbx_number_atoms_nucleic_acid   0 
_refine_hist.pdbx_number_atoms_ligand         0 
_refine_hist.number_atoms_solvent             69 
_refine_hist.number_atoms_total               1658 
_refine_hist.d_res_high                       2.37 
_refine_hist.d_res_low                        20 
# 
loop_
_refine_ls_restr.type 
_refine_ls_restr.dev_ideal 
_refine_ls_restr.dev_ideal_target 
_refine_ls_restr.weight 
_refine_ls_restr.number 
_refine_ls_restr.pdbx_refine_id 
_refine_ls_restr.pdbx_restraint_function 
c_angle_deg 1.7   ? ? ? 'X-RAY DIFFRACTION' ? 
c_bond_d    0.008 ? ? ? 'X-RAY DIFFRACTION' ? 
# 
_refine_ls_shell.pdbx_total_number_of_bins_used   ? 
_refine_ls_shell.d_res_high                       2.37 
_refine_ls_shell.d_res_low                        2.39 
_refine_ls_shell.number_reflns_R_work             287 
_refine_ls_shell.R_factor_R_work                  0.3170000 
_refine_ls_shell.percent_reflns_obs               ? 
_refine_ls_shell.R_factor_R_free                  0.3280000 
_refine_ls_shell.R_factor_R_free_error            ? 
_refine_ls_shell.percent_reflns_R_free            ? 
_refine_ls_shell.number_reflns_R_free             38 
_refine_ls_shell.number_reflns_obs                1022 
_refine_ls_shell.redundancy_reflns_obs            ? 
_refine_ls_shell.number_reflns_all                ? 
_refine_ls_shell.pdbx_refine_id                   'X-RAY DIFFRACTION' 
_refine_ls_shell.R_factor_all                     ? 
# 
_struct.entry_id                  1HU3 
_struct.title                     'MIDDLE DOMAIN OF HUMAN EIF4GII' 
_struct.pdbx_model_details        ? 
_struct.pdbx_CASP_flag            ? 
_struct.pdbx_model_type_details   ? 
# 
_struct_keywords.entry_id        1HU3 
_struct_keywords.pdbx_keywords   TRANSLATION 
_struct_keywords.text            'eIF4G, HEAT repeat, TRANSLATION' 
# 
loop_
_struct_asym.id 
_struct_asym.pdbx_blank_PDB_chainid_flag 
_struct_asym.pdbx_modified 
_struct_asym.entity_id 
_struct_asym.details 
A N N 1 ? 
B N N 2 ? 
# 
_struct_ref.id                         1 
_struct_ref.db_name                    UNP 
_struct_ref.db_code                    IF4G3_HUMAN 
_struct_ref.entity_id                  1 
_struct_ref.pdbx_seq_one_letter_code   
;DPENIKTQELFRKVRSILNKLTPQMFNQLMKQVSGLTVDTEERLKGVIDLVFEKAIDEPSFSVAYANMCRCLVTLKVPMA
DKPGNTVNFRKLLLNRCQKEFEKDKADDDVFEKKQKELEAASAPEERTRLHDELEEAKDKARRRSIGNIKFIGELFKLKM
LTEAIMHDCVVKLLKNHDEESLECLCRLLTTIGKDLDFEKAKPRMDQYFNQMEKIVKERKTSSRIRFMLQDVIDLRLCNW
VSRRADQGPKTIEQIHKEA
;
_struct_ref.pdbx_align_begin           745 
_struct_ref.pdbx_db_accession          O43432 
_struct_ref.pdbx_db_isoform            ? 
# 
_struct_ref_seq.align_id                      1 
_struct_ref_seq.ref_id                        1 
_struct_ref_seq.pdbx_PDB_id_code              1HU3 
_struct_ref_seq.pdbx_strand_id                A 
_struct_ref_seq.seq_align_beg                 2 
_struct_ref_seq.pdbx_seq_align_beg_ins_code   ? 
_struct_ref_seq.seq_align_end                 260 
_struct_ref_seq.pdbx_seq_align_end_ins_code   ? 
_struct_ref_seq.pdbx_db_accession             O43432 
_struct_ref_seq.db_align_beg                  745 
_struct_ref_seq.pdbx_db_align_beg_ins_code    ? 
_struct_ref_seq.db_align_end                  1003 
_struct_ref_seq.pdbx_db_align_end_ins_code    ? 
_struct_ref_seq.pdbx_auth_seq_align_beg       745 
_struct_ref_seq.pdbx_auth_seq_align_end       1003 
# 
loop_
_struct_ref_seq_dif.align_id 
_struct_ref_seq_dif.pdbx_pdb_id_code 
_struct_ref_seq_dif.mon_id 
_struct_ref_seq_dif.pdbx_pdb_strand_id 
_struct_ref_seq_dif.seq_num 
_struct_ref_seq_dif.pdbx_pdb_ins_code 
_struct_ref_seq_dif.pdbx_seq_db_name 
_struct_ref_seq_dif.pdbx_seq_db_accession_code 
_struct_ref_seq_dif.db_mon_id 
_struct_ref_seq_dif.pdbx_seq_db_seq_num 
_struct_ref_seq_dif.details 
_struct_ref_seq_dif.pdbx_auth_seq_num 
_struct_ref_seq_dif.pdbx_ordinal 
1 1HU3 SER A 1   ? UNP O43432 ?   ?   'cloning artifact' 1   1  
1 1HU3 MSE A 26  ? UNP O43432 MET 769 'modified residue' 769 2  
1 1HU3 MSE A 31  ? UNP O43432 MET 774 'modified residue' 774 3  
1 1HU3 MSE A 69  ? UNP O43432 MET 812 'modified residue' 812 4  
1 1HU3 MSE A 80  ? UNP O43432 MET 823 'modified residue' 823 5  
1 1HU3 MSE A 161 ? UNP O43432 MET 904 'modified residue' 904 6  
1 1HU3 MSE A 167 ? UNP O43432 MET 910 'modified residue' 910 7  
1 1HU3 MSE A 206 ? UNP O43432 MET 949 'modified residue' 949 8  
1 1HU3 MSE A 213 ? UNP O43432 MET 956 'modified residue' 956 9  
1 1HU3 MSE A 229 ? UNP O43432 MET 972 'modified residue' 972 10 
# 
_pdbx_struct_assembly.id                   1 
_pdbx_struct_assembly.details              author_defined_assembly 
_pdbx_struct_assembly.method_details       ? 
_pdbx_struct_assembly.oligomeric_details   monomeric 
_pdbx_struct_assembly.oligomeric_count     1 
# 
_pdbx_struct_assembly_gen.assembly_id       1 
_pdbx_struct_assembly_gen.oper_expression   1 
_pdbx_struct_assembly_gen.asym_id_list      A,B 
# 
_pdbx_struct_oper_list.id                   1 
_pdbx_struct_oper_list.type                 'identity operation' 
_pdbx_struct_oper_list.name                 1_555 
_pdbx_struct_oper_list.symmetry_operation   x,y,z 
_pdbx_struct_oper_list.matrix[1][1]         1.0000000000 
_pdbx_struct_oper_list.matrix[1][2]         0.0000000000 
_pdbx_struct_oper_list.matrix[1][3]         0.0000000000 
_pdbx_struct_oper_list.vector[1]            0.0000000000 
_pdbx_struct_oper_list.matrix[2][1]         0.0000000000 
_pdbx_struct_oper_list.matrix[2][2]         1.0000000000 
_pdbx_struct_oper_list.matrix[2][3]         0.0000000000 
_pdbx_struct_oper_list.vector[2]            0.0000000000 
_pdbx_struct_oper_list.matrix[3][1]         0.0000000000 
_pdbx_struct_oper_list.matrix[3][2]         0.0000000000 
_pdbx_struct_oper_list.matrix[3][3]         1.0000000000 
_pdbx_struct_oper_list.vector[3]            0.0000000000 
# 
_struct_biol.id                    1 
_struct_biol.pdbx_parent_biol_id   ? 
_struct_biol.details               ? 
# 
loop_
_struct_conf.conf_type_id 
_struct_conf.id 
_struct_conf.pdbx_PDB_helix_id 
_struct_conf.beg_label_comp_id 
_struct_conf.beg_label_asym_id 
_struct_conf.beg_label_seq_id 
_struct_conf.pdbx_beg_PDB_ins_code 
_struct_conf.end_label_comp_id 
_struct_conf.end_label_asym_id 
_struct_conf.end_label_seq_id 
_struct_conf.pdbx_end_PDB_ins_code 
_struct_conf.beg_auth_comp_id 
_struct_conf.beg_auth_asym_id 
_struct_conf.beg_auth_seq_id 
_struct_conf.end_auth_comp_id 
_struct_conf.end_auth_asym_id 
_struct_conf.end_auth_seq_id 
_struct_conf.pdbx_PDB_helix_class 
_struct_conf.details 
_struct_conf.pdbx_PDB_helix_length 
HELX_P HELX_P1  1  ASP A 2   ? ASN A 20  ? ASP A 745 ASN A 763 1 ? 19 
HELX_P HELX_P2  2  MSE A 26  ? SER A 35  ? MSE A 769 SER A 778 1 ? 10 
HELX_P HELX_P3  3  THR A 41  ? GLU A 59  ? THR A 784 GLU A 802 1 ? 19 
HELX_P HELX_P4  4  PHE A 62  ? VAL A 74  ? PHE A 805 VAL A 817 1 ? 13 
HELX_P HELX_P5  5  ASN A 89  ? LYS A 106 ? ASN A 832 LYS A 849 1 ? 18 
HELX_P HELX_P6  6  LYS A 141 ? LYS A 158 ? LYS A 884 LYS A 901 1 ? 18 
HELX_P HELX_P7  7  THR A 163 ? ASN A 177 ? THR A 906 ASN A 920 1 ? 15 
HELX_P HELX_P8  8  ASP A 179 ? GLY A 194 ? ASP A 922 GLY A 937 1 ? 16 
HELX_P HELX_P9  9  ILE A 193 ? ASP A 198 ? ILE A 936 ASP A 941 1 ? 6  
HELX_P HELX_P10 10 ALA A 202 ? GLU A 219 ? ALA A 945 GLU A 962 1 ? 18 
HELX_P HELX_P11 11 SER A 223 ? CYS A 239 ? SER A 966 CYS A 982 1 ? 17 
# 
_struct_conf_type.id          HELX_P 
_struct_conf_type.criteria    ? 
_struct_conf_type.reference   ? 
# 
loop_
_struct_conn.id 
_struct_conn.conn_type_id 
_struct_conn.pdbx_leaving_atom_flag 
_struct_conn.pdbx_PDB_id 
_struct_conn.ptnr1_label_asym_id 
_struct_conn.ptnr1_label_comp_id 
_struct_conn.ptnr1_label_seq_id 
_struct_conn.ptnr1_label_atom_id 
_struct_conn.pdbx_ptnr1_label_alt_id 
_struct_conn.pdbx_ptnr1_PDB_ins_code 
_struct_conn.pdbx_ptnr1_standard_comp_id 
_struct_conn.ptnr1_symmetry 
_struct_conn.ptnr2_label_asym_id 
_struct_conn.ptnr2_label_comp_id 
_struct_conn.ptnr2_label_seq_id 
_struct_conn.ptnr2_label_atom_id 
_struct_conn.pdbx_ptnr2_label_alt_id 
_struct_conn.pdbx_ptnr2_PDB_ins_code 
_struct_conn.ptnr1_auth_asym_id 
_struct_conn.ptnr1_auth_comp_id 
_struct_conn.ptnr1_auth_seq_id 
_struct_conn.ptnr2_auth_asym_id 
_struct_conn.ptnr2_auth_comp_id 
_struct_conn.ptnr2_auth_seq_id 
_struct_conn.ptnr2_symmetry 
_struct_conn.pdbx_ptnr3_label_atom_id 
_struct_conn.pdbx_ptnr3_label_seq_id 
_struct_conn.pdbx_ptnr3_label_comp_id 
_struct_conn.pdbx_ptnr3_label_asym_id 
_struct_conn.pdbx_ptnr3_label_alt_id 
_struct_conn.pdbx_ptnr3_PDB_ins_code 
_struct_conn.details 
_struct_conn.pdbx_dist_value 
_struct_conn.pdbx_value_order 
_struct_conn.pdbx_role 
covale1  covale both ? A GLN 25  C ? ? ? 1_555 A MSE 26  N ? ? A GLN 768 A MSE 769 1_555 ? ? ? ? ? ? ? 1.330 ? ? 
covale2  covale both ? A MSE 26  C ? ? ? 1_555 A PHE 27  N ? ? A MSE 769 A PHE 770 1_555 ? ? ? ? ? ? ? 1.327 ? ? 
covale3  covale both ? A LEU 30  C ? ? ? 1_555 A MSE 31  N ? ? A LEU 773 A MSE 774 1_555 ? ? ? ? ? ? ? 1.333 ? ? 
covale4  covale both ? A MSE 31  C ? ? ? 1_555 A LYS 32  N ? ? A MSE 774 A LYS 775 1_555 ? ? ? ? ? ? ? 1.332 ? ? 
covale5  covale both ? A ASN 68  C ? ? ? 1_555 A MSE 69  N ? ? A ASN 811 A MSE 812 1_555 ? ? ? ? ? ? ? 1.328 ? ? 
covale6  covale both ? A MSE 69  C ? ? ? 1_555 A CYS 70  N ? ? A MSE 812 A CYS 813 1_555 ? ? ? ? ? ? ? 1.333 ? ? 
covale7  covale both ? A LYS 160 C ? ? ? 1_555 A MSE 161 N ? ? A LYS 903 A MSE 904 1_555 ? ? ? ? ? ? ? 1.325 ? ? 
covale8  covale both ? A MSE 161 C ? ? ? 1_555 A LEU 162 N ? ? A MSE 904 A LEU 905 1_555 ? ? ? ? ? ? ? 1.322 ? ? 
covale9  covale both ? A ILE 166 C ? ? ? 1_555 A MSE 167 N ? ? A ILE 909 A MSE 910 1_555 ? ? ? ? ? ? ? 1.325 ? ? 
covale10 covale both ? A MSE 167 C ? ? ? 1_555 A HIS 168 N ? ? A MSE 910 A HIS 911 1_555 ? ? ? ? ? ? ? 1.339 ? ? 
covale11 covale both ? A ARG 205 C ? ? ? 1_555 A MSE 206 N ? ? A ARG 948 A MSE 949 1_555 ? ? ? ? ? ? ? 1.325 ? ? 
covale12 covale both ? A MSE 206 C ? ? ? 1_555 A ASP 207 N ? ? A MSE 949 A ASP 950 1_555 ? ? ? ? ? ? ? 1.336 ? ? 
covale13 covale both ? A GLN 212 C ? ? ? 1_555 A MSE 213 N ? ? A GLN 955 A MSE 956 1_555 ? ? ? ? ? ? ? 1.328 ? ? 
covale14 covale both ? A MSE 213 C ? ? ? 1_555 A GLU 214 N ? ? A MSE 956 A GLU 957 1_555 ? ? ? ? ? ? ? 1.326 ? ? 
covale15 covale both ? A PHE 228 C ? ? ? 1_555 A MSE 229 N ? ? A PHE 971 A MSE 972 1_555 ? ? ? ? ? ? ? 1.338 ? ? 
covale16 covale both ? A MSE 229 C ? ? ? 1_555 A LEU 230 N ? ? A MSE 972 A LEU 973 1_555 ? ? ? ? ? ? ? 1.338 ? ? 
# 
_struct_conn_type.id          covale 
_struct_conn_type.criteria    ? 
_struct_conn_type.reference   ? 
# 
loop_
_pdbx_modification_feature.ordinal 
_pdbx_modification_feature.label_comp_id 
_pdbx_modification_feature.label_asym_id 
_pdbx_modification_feature.label_seq_id 
_pdbx_modification_feature.label_alt_id 
_pdbx_modification_feature.modified_residue_label_comp_id 
_pdbx_modification_feature.modified_residue_label_asym_id 
_pdbx_modification_feature.modified_residue_label_seq_id 
_pdbx_modification_feature.modified_residue_label_alt_id 
_pdbx_modification_feature.auth_comp_id 
_pdbx_modification_feature.auth_asym_id 
_pdbx_modification_feature.auth_seq_id 
_pdbx_modification_feature.PDB_ins_code 
_pdbx_modification_feature.symmetry 
_pdbx_modification_feature.modified_residue_auth_comp_id 
_pdbx_modification_feature.modified_residue_auth_asym_id 
_pdbx_modification_feature.modified_residue_auth_seq_id 
_pdbx_modification_feature.modified_residue_PDB_ins_code 
_pdbx_modification_feature.modified_residue_symmetry 
_pdbx_modification_feature.comp_id_linking_atom 
_pdbx_modification_feature.modified_residue_id_linking_atom 
_pdbx_modification_feature.modified_residue_id 
_pdbx_modification_feature.ref_pcm_id 
_pdbx_modification_feature.ref_comp_id 
_pdbx_modification_feature.type 
_pdbx_modification_feature.category 
1 MSE A 26  ? . . . . MSE A 769 ? 1_555 . . . . . . . MET 1 MSE Selenomethionine 'Named protein modification' 
2 MSE A 31  ? . . . . MSE A 774 ? 1_555 . . . . . . . MET 1 MSE Selenomethionine 'Named protein modification' 
3 MSE A 69  ? . . . . MSE A 812 ? 1_555 . . . . . . . MET 1 MSE Selenomethionine 'Named protein modification' 
4 MSE A 161 ? . . . . MSE A 904 ? 1_555 . . . . . . . MET 1 MSE Selenomethionine 'Named protein modification' 
5 MSE A 167 ? . . . . MSE A 910 ? 1_555 . . . . . . . MET 1 MSE Selenomethionine 'Named protein modification' 
6 MSE A 206 ? . . . . MSE A 949 ? 1_555 . . . . . . . MET 1 MSE Selenomethionine 'Named protein modification' 
7 MSE A 213 ? . . . . MSE A 956 ? 1_555 . . . . . . . MET 1 MSE Selenomethionine 'Named protein modification' 
8 MSE A 229 ? . . . . MSE A 972 ? 1_555 . . . . . . . MET 1 MSE Selenomethionine 'Named protein modification' 
# 
_pdbx_entry_details.entry_id                   1HU3 
_pdbx_entry_details.compound_details           ? 
_pdbx_entry_details.source_details             ? 
_pdbx_entry_details.nonpolymer_details         ? 
_pdbx_entry_details.sequence_details           ? 
_pdbx_entry_details.has_ligand_of_interest     ? 
_pdbx_entry_details.has_protein_modification   Y 
# 
_pdbx_validate_symm_contact.id                1 
_pdbx_validate_symm_contact.PDB_model_num     1 
_pdbx_validate_symm_contact.auth_atom_id_1    N 
_pdbx_validate_symm_contact.auth_asym_id_1    A 
_pdbx_validate_symm_contact.auth_comp_id_1    SER 
_pdbx_validate_symm_contact.auth_seq_id_1     1 
_pdbx_validate_symm_contact.PDB_ins_code_1    ? 
_pdbx_validate_symm_contact.label_alt_id_1    ? 
_pdbx_validate_symm_contact.site_symmetry_1   1_555 
_pdbx_validate_symm_contact.auth_atom_id_2    NH2 
_pdbx_validate_symm_contact.auth_asym_id_2    A 
_pdbx_validate_symm_contact.auth_comp_id_2    ARG 
_pdbx_validate_symm_contact.auth_seq_id_2     814 
_pdbx_validate_symm_contact.PDB_ins_code_2    ? 
_pdbx_validate_symm_contact.label_alt_id_2    ? 
_pdbx_validate_symm_contact.site_symmetry_2   9_554 
_pdbx_validate_symm_contact.dist              2.00 
# 
loop_
_pdbx_validate_rmsd_angle.id 
_pdbx_validate_rmsd_angle.PDB_model_num 
_pdbx_validate_rmsd_angle.auth_atom_id_1 
_pdbx_validate_rmsd_angle.auth_asym_id_1 
_pdbx_validate_rmsd_angle.auth_comp_id_1 
_pdbx_validate_rmsd_angle.auth_seq_id_1 
_pdbx_validate_rmsd_angle.PDB_ins_code_1 
_pdbx_validate_rmsd_angle.label_alt_id_1 
_pdbx_validate_rmsd_angle.auth_atom_id_2 
_pdbx_validate_rmsd_angle.auth_asym_id_2 
_pdbx_validate_rmsd_angle.auth_comp_id_2 
_pdbx_validate_rmsd_angle.auth_seq_id_2 
_pdbx_validate_rmsd_angle.PDB_ins_code_2 
_pdbx_validate_rmsd_angle.label_alt_id_2 
_pdbx_validate_rmsd_angle.auth_atom_id_3 
_pdbx_validate_rmsd_angle.auth_asym_id_3 
_pdbx_validate_rmsd_angle.auth_comp_id_3 
_pdbx_validate_rmsd_angle.auth_seq_id_3 
_pdbx_validate_rmsd_angle.PDB_ins_code_3 
_pdbx_validate_rmsd_angle.label_alt_id_3 
_pdbx_validate_rmsd_angle.angle_value 
_pdbx_validate_rmsd_angle.angle_target_value 
_pdbx_validate_rmsd_angle.angle_deviation 
_pdbx_validate_rmsd_angle.angle_standard_deviation 
_pdbx_validate_rmsd_angle.linker_flag 
1 1 NE A ARG 814 ? ? CZ A ARG 814 ? ? NH2 A ARG 814 ? ? 117.08 120.30 -3.22  0.50 N 
2 1 N  A LYS 882 ? ? CA A LYS 882 ? ? C   A LYS 882 ? ? 93.76  111.00 -17.24 2.70 N 
# 
loop_
_pdbx_validate_torsion.id 
_pdbx_validate_torsion.PDB_model_num 
_pdbx_validate_torsion.auth_comp_id 
_pdbx_validate_torsion.auth_asym_id 
_pdbx_validate_torsion.auth_seq_id 
_pdbx_validate_torsion.PDB_ins_code 
_pdbx_validate_torsion.label_alt_id 
_pdbx_validate_torsion.phi 
_pdbx_validate_torsion.psi 
1 1 ASP A 745 ? ? 40.21  -77.80 
2 1 VAL A 817 ? ? -69.50 3.35   
3 1 HIS A 921 ? ? -92.12 35.31  
4 1 GLU A 943 ? ? -39.01 -36.31 
5 1 ARG A 963 ? ? -75.87 49.91  
# 
loop_
_pdbx_struct_mod_residue.id 
_pdbx_struct_mod_residue.label_asym_id 
_pdbx_struct_mod_residue.label_comp_id 
_pdbx_struct_mod_residue.label_seq_id 
_pdbx_struct_mod_residue.auth_asym_id 
_pdbx_struct_mod_residue.auth_comp_id 
_pdbx_struct_mod_residue.auth_seq_id 
_pdbx_struct_mod_residue.PDB_ins_code 
_pdbx_struct_mod_residue.parent_comp_id 
_pdbx_struct_mod_residue.details 
1 A MSE 26  A MSE 769 ? MET SELENOMETHIONINE 
2 A MSE 31  A MSE 774 ? MET SELENOMETHIONINE 
3 A MSE 69  A MSE 812 ? MET SELENOMETHIONINE 
4 A MSE 161 A MSE 904 ? MET SELENOMETHIONINE 
5 A MSE 167 A MSE 910 ? MET SELENOMETHIONINE 
6 A MSE 206 A MSE 949 ? MET SELENOMETHIONINE 
7 A MSE 213 A MSE 956 ? MET SELENOMETHIONINE 
8 A MSE 229 A MSE 972 ? MET SELENOMETHIONINE 
# 
loop_
_pdbx_unobs_or_zero_occ_residues.id 
_pdbx_unobs_or_zero_occ_residues.PDB_model_num 
_pdbx_unobs_or_zero_occ_residues.polymer_flag 
_pdbx_unobs_or_zero_occ_residues.occupancy_flag 
_pdbx_unobs_or_zero_occ_residues.auth_asym_id 
_pdbx_unobs_or_zero_occ_residues.auth_comp_id 
_pdbx_unobs_or_zero_occ_residues.auth_seq_id 
_pdbx_unobs_or_zero_occ_residues.PDB_ins_code 
_pdbx_unobs_or_zero_occ_residues.label_asym_id 
_pdbx_unobs_or_zero_occ_residues.label_comp_id 
_pdbx_unobs_or_zero_occ_residues.label_seq_id 
1  1 Y 1 A MSE 823  ? A MSE 80  
2  1 Y 1 A ALA 824  ? A ALA 81  
3  1 Y 1 A ASP 825  ? A ASP 82  
4  1 Y 1 A LYS 826  ? A LYS 83  
5  1 Y 1 A PRO 827  ? A PRO 84  
6  1 Y 1 A GLY 828  ? A GLY 85  
7  1 Y 1 A ASN 829  ? A ASN 86  
8  1 Y 1 A THR 830  ? A THR 87  
9  1 Y 1 A VAL 831  ? A VAL 88  
10 1 Y 1 A ASP 851  ? A ASP 108 
11 1 Y 1 A ASP 852  ? A ASP 109 
12 1 Y 1 A ASP 853  ? A ASP 110 
13 1 Y 1 A VAL 854  ? A VAL 111 
14 1 Y 1 A PHE 855  ? A PHE 112 
15 1 Y 1 A GLU 856  ? A GLU 113 
16 1 Y 1 A LYS 857  ? A LYS 114 
17 1 Y 1 A LYS 858  ? A LYS 115 
18 1 Y 1 A GLN 859  ? A GLN 116 
19 1 Y 1 A LYS 860  ? A LYS 117 
20 1 Y 1 A GLU 861  ? A GLU 118 
21 1 Y 1 A LEU 862  ? A LEU 119 
22 1 Y 1 A GLU 863  ? A GLU 120 
23 1 Y 1 A ALA 864  ? A ALA 121 
24 1 Y 1 A ALA 865  ? A ALA 122 
25 1 Y 1 A SER 866  ? A SER 123 
26 1 Y 1 A ALA 867  ? A ALA 124 
27 1 Y 1 A PRO 868  ? A PRO 125 
28 1 Y 1 A GLU 869  ? A GLU 126 
29 1 Y 1 A GLU 870  ? A GLU 127 
30 1 Y 1 A ARG 871  ? A ARG 128 
31 1 Y 1 A THR 872  ? A THR 129 
32 1 Y 1 A ARG 873  ? A ARG 130 
33 1 Y 1 A LEU 874  ? A LEU 131 
34 1 Y 1 A HIS 875  ? A HIS 132 
35 1 Y 1 A ASP 876  ? A ASP 133 
36 1 Y 1 A GLU 877  ? A GLU 134 
37 1 Y 1 A LEU 878  ? A LEU 135 
38 1 Y 1 A GLU 879  ? A GLU 136 
39 1 Y 1 A GLU 880  ? A GLU 137 
40 1 Y 1 A ARG 987  ? A ARG 244 
41 1 Y 1 A ARG 988  ? A ARG 245 
42 1 Y 1 A ALA 989  ? A ALA 246 
43 1 Y 1 A ASP 990  ? A ASP 247 
44 1 Y 1 A GLN 991  ? A GLN 248 
45 1 Y 1 A GLY 992  ? A GLY 249 
46 1 Y 1 A PRO 993  ? A PRO 250 
47 1 Y 1 A LYS 994  ? A LYS 251 
48 1 Y 1 A THR 995  ? A THR 252 
49 1 Y 1 A ILE 996  ? A ILE 253 
50 1 Y 1 A GLU 997  ? A GLU 254 
51 1 Y 1 A GLN 998  ? A GLN 255 
52 1 Y 1 A ILE 999  ? A ILE 256 
53 1 Y 1 A HIS 1000 ? A HIS 257 
54 1 Y 1 A LYS 1001 ? A LYS 258 
55 1 Y 1 A GLU 1002 ? A GLU 259 
56 1 Y 1 A ALA 1003 ? A ALA 260 
# 
loop_
_chem_comp_atom.comp_id 
_chem_comp_atom.atom_id 
_chem_comp_atom.type_symbol 
_chem_comp_atom.pdbx_aromatic_flag 
_chem_comp_atom.pdbx_stereo_config 
_chem_comp_atom.pdbx_ordinal 
ALA N    N  N N 1   
ALA CA   C  N S 2   
ALA C    C  N N 3   
ALA O    O  N N 4   
ALA CB   C  N N 5   
ALA OXT  O  N N 6   
ALA H    H  N N 7   
ALA H2   H  N N 8   
ALA HA   H  N N 9   
ALA HB1  H  N N 10  
ALA HB2  H  N N 11  
ALA HB3  H  N N 12  
ALA HXT  H  N N 13  
ARG N    N  N N 14  
ARG CA   C  N S 15  
ARG C    C  N N 16  
ARG O    O  N N 17  
ARG CB   C  N N 18  
ARG CG   C  N N 19  
ARG CD   C  N N 20  
ARG NE   N  N N 21  
ARG CZ   C  N N 22  
ARG NH1  N  N N 23  
ARG NH2  N  N N 24  
ARG OXT  O  N N 25  
ARG H    H  N N 26  
ARG H2   H  N N 27  
ARG HA   H  N N 28  
ARG HB2  H  N N 29  
ARG HB3  H  N N 30  
ARG HG2  H  N N 31  
ARG HG3  H  N N 32  
ARG HD2  H  N N 33  
ARG HD3  H  N N 34  
ARG HE   H  N N 35  
ARG HH11 H  N N 36  
ARG HH12 H  N N 37  
ARG HH21 H  N N 38  
ARG HH22 H  N N 39  
ARG HXT  H  N N 40  
ASN N    N  N N 41  
ASN CA   C  N S 42  
ASN C    C  N N 43  
ASN O    O  N N 44  
ASN CB   C  N N 45  
ASN CG   C  N N 46  
ASN OD1  O  N N 47  
ASN ND2  N  N N 48  
ASN OXT  O  N N 49  
ASN H    H  N N 50  
ASN H2   H  N N 51  
ASN HA   H  N N 52  
ASN HB2  H  N N 53  
ASN HB3  H  N N 54  
ASN HD21 H  N N 55  
ASN HD22 H  N N 56  
ASN HXT  H  N N 57  
ASP N    N  N N 58  
ASP CA   C  N S 59  
ASP C    C  N N 60  
ASP O    O  N N 61  
ASP CB   C  N N 62  
ASP CG   C  N N 63  
ASP OD1  O  N N 64  
ASP OD2  O  N N 65  
ASP OXT  O  N N 66  
ASP H    H  N N 67  
ASP H2   H  N N 68  
ASP HA   H  N N 69  
ASP HB2  H  N N 70  
ASP HB3  H  N N 71  
ASP HD2  H  N N 72  
ASP HXT  H  N N 73  
CYS N    N  N N 74  
CYS CA   C  N R 75  
CYS C    C  N N 76  
CYS O    O  N N 77  
CYS CB   C  N N 78  
CYS SG   S  N N 79  
CYS OXT  O  N N 80  
CYS H    H  N N 81  
CYS H2   H  N N 82  
CYS HA   H  N N 83  
CYS HB2  H  N N 84  
CYS HB3  H  N N 85  
CYS HG   H  N N 86  
CYS HXT  H  N N 87  
GLN N    N  N N 88  
GLN CA   C  N S 89  
GLN C    C  N N 90  
GLN O    O  N N 91  
GLN CB   C  N N 92  
GLN CG   C  N N 93  
GLN CD   C  N N 94  
GLN OE1  O  N N 95  
GLN NE2  N  N N 96  
GLN OXT  O  N N 97  
GLN H    H  N N 98  
GLN H2   H  N N 99  
GLN HA   H  N N 100 
GLN HB2  H  N N 101 
GLN HB3  H  N N 102 
GLN HG2  H  N N 103 
GLN HG3  H  N N 104 
GLN HE21 H  N N 105 
GLN HE22 H  N N 106 
GLN HXT  H  N N 107 
GLU N    N  N N 108 
GLU CA   C  N S 109 
GLU C    C  N N 110 
GLU O    O  N N 111 
GLU CB   C  N N 112 
GLU CG   C  N N 113 
GLU CD   C  N N 114 
GLU OE1  O  N N 115 
GLU OE2  O  N N 116 
GLU OXT  O  N N 117 
GLU H    H  N N 118 
GLU H2   H  N N 119 
GLU HA   H  N N 120 
GLU HB2  H  N N 121 
GLU HB3  H  N N 122 
GLU HG2  H  N N 123 
GLU HG3  H  N N 124 
GLU HE2  H  N N 125 
GLU HXT  H  N N 126 
GLY N    N  N N 127 
GLY CA   C  N N 128 
GLY C    C  N N 129 
GLY O    O  N N 130 
GLY OXT  O  N N 131 
GLY H    H  N N 132 
GLY H2   H  N N 133 
GLY HA2  H  N N 134 
GLY HA3  H  N N 135 
GLY HXT  H  N N 136 
HIS N    N  N N 137 
HIS CA   C  N S 138 
HIS C    C  N N 139 
HIS O    O  N N 140 
HIS CB   C  N N 141 
HIS CG   C  Y N 142 
HIS ND1  N  Y N 143 
HIS CD2  C  Y N 144 
HIS CE1  C  Y N 145 
HIS NE2  N  Y N 146 
HIS OXT  O  N N 147 
HIS H    H  N N 148 
HIS H2   H  N N 149 
HIS HA   H  N N 150 
HIS HB2  H  N N 151 
HIS HB3  H  N N 152 
HIS HD1  H  N N 153 
HIS HD2  H  N N 154 
HIS HE1  H  N N 155 
HIS HE2  H  N N 156 
HIS HXT  H  N N 157 
HOH O    O  N N 158 
HOH H1   H  N N 159 
HOH H2   H  N N 160 
ILE N    N  N N 161 
ILE CA   C  N S 162 
ILE C    C  N N 163 
ILE O    O  N N 164 
ILE CB   C  N S 165 
ILE CG1  C  N N 166 
ILE CG2  C  N N 167 
ILE CD1  C  N N 168 
ILE OXT  O  N N 169 
ILE H    H  N N 170 
ILE H2   H  N N 171 
ILE HA   H  N N 172 
ILE HB   H  N N 173 
ILE HG12 H  N N 174 
ILE HG13 H  N N 175 
ILE HG21 H  N N 176 
ILE HG22 H  N N 177 
ILE HG23 H  N N 178 
ILE HD11 H  N N 179 
ILE HD12 H  N N 180 
ILE HD13 H  N N 181 
ILE HXT  H  N N 182 
LEU N    N  N N 183 
LEU CA   C  N S 184 
LEU C    C  N N 185 
LEU O    O  N N 186 
LEU CB   C  N N 187 
LEU CG   C  N N 188 
LEU CD1  C  N N 189 
LEU CD2  C  N N 190 
LEU OXT  O  N N 191 
LEU H    H  N N 192 
LEU H2   H  N N 193 
LEU HA   H  N N 194 
LEU HB2  H  N N 195 
LEU HB3  H  N N 196 
LEU HG   H  N N 197 
LEU HD11 H  N N 198 
LEU HD12 H  N N 199 
LEU HD13 H  N N 200 
LEU HD21 H  N N 201 
LEU HD22 H  N N 202 
LEU HD23 H  N N 203 
LEU HXT  H  N N 204 
LYS N    N  N N 205 
LYS CA   C  N S 206 
LYS C    C  N N 207 
LYS O    O  N N 208 
LYS CB   C  N N 209 
LYS CG   C  N N 210 
LYS CD   C  N N 211 
LYS CE   C  N N 212 
LYS NZ   N  N N 213 
LYS OXT  O  N N 214 
LYS H    H  N N 215 
LYS H2   H  N N 216 
LYS HA   H  N N 217 
LYS HB2  H  N N 218 
LYS HB3  H  N N 219 
LYS HG2  H  N N 220 
LYS HG3  H  N N 221 
LYS HD2  H  N N 222 
LYS HD3  H  N N 223 
LYS HE2  H  N N 224 
LYS HE3  H  N N 225 
LYS HZ1  H  N N 226 
LYS HZ2  H  N N 227 
LYS HZ3  H  N N 228 
LYS HXT  H  N N 229 
MET N    N  N N 230 
MET CA   C  N S 231 
MET C    C  N N 232 
MET O    O  N N 233 
MET CB   C  N N 234 
MET CG   C  N N 235 
MET SD   S  N N 236 
MET CE   C  N N 237 
MET OXT  O  N N 238 
MET H    H  N N 239 
MET H2   H  N N 240 
MET HA   H  N N 241 
MET HB2  H  N N 242 
MET HB3  H  N N 243 
MET HG2  H  N N 244 
MET HG3  H  N N 245 
MET HE1  H  N N 246 
MET HE2  H  N N 247 
MET HE3  H  N N 248 
MET HXT  H  N N 249 
MSE N    N  N N 250 
MSE CA   C  N S 251 
MSE C    C  N N 252 
MSE O    O  N N 253 
MSE OXT  O  N N 254 
MSE CB   C  N N 255 
MSE CG   C  N N 256 
MSE SE   SE N N 257 
MSE CE   C  N N 258 
MSE H    H  N N 259 
MSE H2   H  N N 260 
MSE HA   H  N N 261 
MSE HXT  H  N N 262 
MSE HB2  H  N N 263 
MSE HB3  H  N N 264 
MSE HG2  H  N N 265 
MSE HG3  H  N N 266 
MSE HE1  H  N N 267 
MSE HE2  H  N N 268 
MSE HE3  H  N N 269 
PHE N    N  N N 270 
PHE CA   C  N S 271 
PHE C    C  N N 272 
PHE O    O  N N 273 
PHE CB   C  N N 274 
PHE CG   C  Y N 275 
PHE CD1  C  Y N 276 
PHE CD2  C  Y N 277 
PHE CE1  C  Y N 278 
PHE CE2  C  Y N 279 
PHE CZ   C  Y N 280 
PHE OXT  O  N N 281 
PHE H    H  N N 282 
PHE H2   H  N N 283 
PHE HA   H  N N 284 
PHE HB2  H  N N 285 
PHE HB3  H  N N 286 
PHE HD1  H  N N 287 
PHE HD2  H  N N 288 
PHE HE1  H  N N 289 
PHE HE2  H  N N 290 
PHE HZ   H  N N 291 
PHE HXT  H  N N 292 
PRO N    N  N N 293 
PRO CA   C  N S 294 
PRO C    C  N N 295 
PRO O    O  N N 296 
PRO CB   C  N N 297 
PRO CG   C  N N 298 
PRO CD   C  N N 299 
PRO OXT  O  N N 300 
PRO H    H  N N 301 
PRO HA   H  N N 302 
PRO HB2  H  N N 303 
PRO HB3  H  N N 304 
PRO HG2  H  N N 305 
PRO HG3  H  N N 306 
PRO HD2  H  N N 307 
PRO HD3  H  N N 308 
PRO HXT  H  N N 309 
SER N    N  N N 310 
SER CA   C  N S 311 
SER C    C  N N 312 
SER O    O  N N 313 
SER CB   C  N N 314 
SER OG   O  N N 315 
SER OXT  O  N N 316 
SER H    H  N N 317 
SER H2   H  N N 318 
SER HA   H  N N 319 
SER HB2  H  N N 320 
SER HB3  H  N N 321 
SER HG   H  N N 322 
SER HXT  H  N N 323 
THR N    N  N N 324 
THR CA   C  N S 325 
THR C    C  N N 326 
THR O    O  N N 327 
THR CB   C  N R 328 
THR OG1  O  N N 329 
THR CG2  C  N N 330 
THR OXT  O  N N 331 
THR H    H  N N 332 
THR H2   H  N N 333 
THR HA   H  N N 334 
THR HB   H  N N 335 
THR HG1  H  N N 336 
THR HG21 H  N N 337 
THR HG22 H  N N 338 
THR HG23 H  N N 339 
THR HXT  H  N N 340 
TRP N    N  N N 341 
TRP CA   C  N S 342 
TRP C    C  N N 343 
TRP O    O  N N 344 
TRP CB   C  N N 345 
TRP CG   C  Y N 346 
TRP CD1  C  Y N 347 
TRP CD2  C  Y N 348 
TRP NE1  N  Y N 349 
TRP CE2  C  Y N 350 
TRP CE3  C  Y N 351 
TRP CZ2  C  Y N 352 
TRP CZ3  C  Y N 353 
TRP CH2  C  Y N 354 
TRP OXT  O  N N 355 
TRP H    H  N N 356 
TRP H2   H  N N 357 
TRP HA   H  N N 358 
TRP HB2  H  N N 359 
TRP HB3  H  N N 360 
TRP HD1  H  N N 361 
TRP HE1  H  N N 362 
TRP HE3  H  N N 363 
TRP HZ2  H  N N 364 
TRP HZ3  H  N N 365 
TRP HH2  H  N N 366 
TRP HXT  H  N N 367 
TYR N    N  N N 368 
TYR CA   C  N S 369 
TYR C    C  N N 370 
TYR O    O  N N 371 
TYR CB   C  N N 372 
TYR CG   C  Y N 373 
TYR CD1  C  Y N 374 
TYR CD2  C  Y N 375 
TYR CE1  C  Y N 376 
TYR CE2  C  Y N 377 
TYR CZ   C  Y N 378 
TYR OH   O  N N 379 
TYR OXT  O  N N 380 
TYR H    H  N N 381 
TYR H2   H  N N 382 
TYR HA   H  N N 383 
TYR HB2  H  N N 384 
TYR HB3  H  N N 385 
TYR HD1  H  N N 386 
TYR HD2  H  N N 387 
TYR HE1  H  N N 388 
TYR HE2  H  N N 389 
TYR HH   H  N N 390 
TYR HXT  H  N N 391 
VAL N    N  N N 392 
VAL CA   C  N S 393 
VAL C    C  N N 394 
VAL O    O  N N 395 
VAL CB   C  N N 396 
VAL CG1  C  N N 397 
VAL CG2  C  N N 398 
VAL OXT  O  N N 399 
VAL H    H  N N 400 
VAL H2   H  N N 401 
VAL HA   H  N N 402 
VAL HB   H  N N 403 
VAL HG11 H  N N 404 
VAL HG12 H  N N 405 
VAL HG13 H  N N 406 
VAL HG21 H  N N 407 
VAL HG22 H  N N 408 
VAL HG23 H  N N 409 
VAL HXT  H  N N 410 
# 
loop_
_chem_comp_bond.comp_id 
_chem_comp_bond.atom_id_1 
_chem_comp_bond.atom_id_2 
_chem_comp_bond.value_order 
_chem_comp_bond.pdbx_aromatic_flag 
_chem_comp_bond.pdbx_stereo_config 
_chem_comp_bond.pdbx_ordinal 
ALA N   CA   sing N N 1   
ALA N   H    sing N N 2   
ALA N   H2   sing N N 3   
ALA CA  C    sing N N 4   
ALA CA  CB   sing N N 5   
ALA CA  HA   sing N N 6   
ALA C   O    doub N N 7   
ALA C   OXT  sing N N 8   
ALA CB  HB1  sing N N 9   
ALA CB  HB2  sing N N 10  
ALA CB  HB3  sing N N 11  
ALA OXT HXT  sing N N 12  
ARG N   CA   sing N N 13  
ARG N   H    sing N N 14  
ARG N   H2   sing N N 15  
ARG CA  C    sing N N 16  
ARG CA  CB   sing N N 17  
ARG CA  HA   sing N N 18  
ARG C   O    doub N N 19  
ARG C   OXT  sing N N 20  
ARG CB  CG   sing N N 21  
ARG CB  HB2  sing N N 22  
ARG CB  HB3  sing N N 23  
ARG CG  CD   sing N N 24  
ARG CG  HG2  sing N N 25  
ARG CG  HG3  sing N N 26  
ARG CD  NE   sing N N 27  
ARG CD  HD2  sing N N 28  
ARG CD  HD3  sing N N 29  
ARG NE  CZ   sing N N 30  
ARG NE  HE   sing N N 31  
ARG CZ  NH1  sing N N 32  
ARG CZ  NH2  doub N N 33  
ARG NH1 HH11 sing N N 34  
ARG NH1 HH12 sing N N 35  
ARG NH2 HH21 sing N N 36  
ARG NH2 HH22 sing N N 37  
ARG OXT HXT  sing N N 38  
ASN N   CA   sing N N 39  
ASN N   H    sing N N 40  
ASN N   H2   sing N N 41  
ASN CA  C    sing N N 42  
ASN CA  CB   sing N N 43  
ASN CA  HA   sing N N 44  
ASN C   O    doub N N 45  
ASN C   OXT  sing N N 46  
ASN CB  CG   sing N N 47  
ASN CB  HB2  sing N N 48  
ASN CB  HB3  sing N N 49  
ASN CG  OD1  doub N N 50  
ASN CG  ND2  sing N N 51  
ASN ND2 HD21 sing N N 52  
ASN ND2 HD22 sing N N 53  
ASN OXT HXT  sing N N 54  
ASP N   CA   sing N N 55  
ASP N   H    sing N N 56  
ASP N   H2   sing N N 57  
ASP CA  C    sing N N 58  
ASP CA  CB   sing N N 59  
ASP CA  HA   sing N N 60  
ASP C   O    doub N N 61  
ASP C   OXT  sing N N 62  
ASP CB  CG   sing N N 63  
ASP CB  HB2  sing N N 64  
ASP CB  HB3  sing N N 65  
ASP CG  OD1  doub N N 66  
ASP CG  OD2  sing N N 67  
ASP OD2 HD2  sing N N 68  
ASP OXT HXT  sing N N 69  
CYS N   CA   sing N N 70  
CYS N   H    sing N N 71  
CYS N   H2   sing N N 72  
CYS CA  C    sing N N 73  
CYS CA  CB   sing N N 74  
CYS CA  HA   sing N N 75  
CYS C   O    doub N N 76  
CYS C   OXT  sing N N 77  
CYS CB  SG   sing N N 78  
CYS CB  HB2  sing N N 79  
CYS CB  HB3  sing N N 80  
CYS SG  HG   sing N N 81  
CYS OXT HXT  sing N N 82  
GLN N   CA   sing N N 83  
GLN N   H    sing N N 84  
GLN N   H2   sing N N 85  
GLN CA  C    sing N N 86  
GLN CA  CB   sing N N 87  
GLN CA  HA   sing N N 88  
GLN C   O    doub N N 89  
GLN C   OXT  sing N N 90  
GLN CB  CG   sing N N 91  
GLN CB  HB2  sing N N 92  
GLN CB  HB3  sing N N 93  
GLN CG  CD   sing N N 94  
GLN CG  HG2  sing N N 95  
GLN CG  HG3  sing N N 96  
GLN CD  OE1  doub N N 97  
GLN CD  NE2  sing N N 98  
GLN NE2 HE21 sing N N 99  
GLN NE2 HE22 sing N N 100 
GLN OXT HXT  sing N N 101 
GLU N   CA   sing N N 102 
GLU N   H    sing N N 103 
GLU N   H2   sing N N 104 
GLU CA  C    sing N N 105 
GLU CA  CB   sing N N 106 
GLU CA  HA   sing N N 107 
GLU C   O    doub N N 108 
GLU C   OXT  sing N N 109 
GLU CB  CG   sing N N 110 
GLU CB  HB2  sing N N 111 
GLU CB  HB3  sing N N 112 
GLU CG  CD   sing N N 113 
GLU CG  HG2  sing N N 114 
GLU CG  HG3  sing N N 115 
GLU CD  OE1  doub N N 116 
GLU CD  OE2  sing N N 117 
GLU OE2 HE2  sing N N 118 
GLU OXT HXT  sing N N 119 
GLY N   CA   sing N N 120 
GLY N   H    sing N N 121 
GLY N   H2   sing N N 122 
GLY CA  C    sing N N 123 
GLY CA  HA2  sing N N 124 
GLY CA  HA3  sing N N 125 
GLY C   O    doub N N 126 
GLY C   OXT  sing N N 127 
GLY OXT HXT  sing N N 128 
HIS N   CA   sing N N 129 
HIS N   H    sing N N 130 
HIS N   H2   sing N N 131 
HIS CA  C    sing N N 132 
HIS CA  CB   sing N N 133 
HIS CA  HA   sing N N 134 
HIS C   O    doub N N 135 
HIS C   OXT  sing N N 136 
HIS CB  CG   sing N N 137 
HIS CB  HB2  sing N N 138 
HIS CB  HB3  sing N N 139 
HIS CG  ND1  sing Y N 140 
HIS CG  CD2  doub Y N 141 
HIS ND1 CE1  doub Y N 142 
HIS ND1 HD1  sing N N 143 
HIS CD2 NE2  sing Y N 144 
HIS CD2 HD2  sing N N 145 
HIS CE1 NE2  sing Y N 146 
HIS CE1 HE1  sing N N 147 
HIS NE2 HE2  sing N N 148 
HIS OXT HXT  sing N N 149 
HOH O   H1   sing N N 150 
HOH O   H2   sing N N 151 
ILE N   CA   sing N N 152 
ILE N   H    sing N N 153 
ILE N   H2   sing N N 154 
ILE CA  C    sing N N 155 
ILE CA  CB   sing N N 156 
ILE CA  HA   sing N N 157 
ILE C   O    doub N N 158 
ILE C   OXT  sing N N 159 
ILE CB  CG1  sing N N 160 
ILE CB  CG2  sing N N 161 
ILE CB  HB   sing N N 162 
ILE CG1 CD1  sing N N 163 
ILE CG1 HG12 sing N N 164 
ILE CG1 HG13 sing N N 165 
ILE CG2 HG21 sing N N 166 
ILE CG2 HG22 sing N N 167 
ILE CG2 HG23 sing N N 168 
ILE CD1 HD11 sing N N 169 
ILE CD1 HD12 sing N N 170 
ILE CD1 HD13 sing N N 171 
ILE OXT HXT  sing N N 172 
LEU N   CA   sing N N 173 
LEU N   H    sing N N 174 
LEU N   H2   sing N N 175 
LEU CA  C    sing N N 176 
LEU CA  CB   sing N N 177 
LEU CA  HA   sing N N 178 
LEU C   O    doub N N 179 
LEU C   OXT  sing N N 180 
LEU CB  CG   sing N N 181 
LEU CB  HB2  sing N N 182 
LEU CB  HB3  sing N N 183 
LEU CG  CD1  sing N N 184 
LEU CG  CD2  sing N N 185 
LEU CG  HG   sing N N 186 
LEU CD1 HD11 sing N N 187 
LEU CD1 HD12 sing N N 188 
LEU CD1 HD13 sing N N 189 
LEU CD2 HD21 sing N N 190 
LEU CD2 HD22 sing N N 191 
LEU CD2 HD23 sing N N 192 
LEU OXT HXT  sing N N 193 
LYS N   CA   sing N N 194 
LYS N   H    sing N N 195 
LYS N   H2   sing N N 196 
LYS CA  C    sing N N 197 
LYS CA  CB   sing N N 198 
LYS CA  HA   sing N N 199 
LYS C   O    doub N N 200 
LYS C   OXT  sing N N 201 
LYS CB  CG   sing N N 202 
LYS CB  HB2  sing N N 203 
LYS CB  HB3  sing N N 204 
LYS CG  CD   sing N N 205 
LYS CG  HG2  sing N N 206 
LYS CG  HG3  sing N N 207 
LYS CD  CE   sing N N 208 
LYS CD  HD2  sing N N 209 
LYS CD  HD3  sing N N 210 
LYS CE  NZ   sing N N 211 
LYS CE  HE2  sing N N 212 
LYS CE  HE3  sing N N 213 
LYS NZ  HZ1  sing N N 214 
LYS NZ  HZ2  sing N N 215 
LYS NZ  HZ3  sing N N 216 
LYS OXT HXT  sing N N 217 
MET N   CA   sing N N 218 
MET N   H    sing N N 219 
MET N   H2   sing N N 220 
MET CA  C    sing N N 221 
MET CA  CB   sing N N 222 
MET CA  HA   sing N N 223 
MET C   O    doub N N 224 
MET C   OXT  sing N N 225 
MET CB  CG   sing N N 226 
MET CB  HB2  sing N N 227 
MET CB  HB3  sing N N 228 
MET CG  SD   sing N N 229 
MET CG  HG2  sing N N 230 
MET CG  HG3  sing N N 231 
MET SD  CE   sing N N 232 
MET CE  HE1  sing N N 233 
MET CE  HE2  sing N N 234 
MET CE  HE3  sing N N 235 
MET OXT HXT  sing N N 236 
MSE N   CA   sing N N 237 
MSE N   H    sing N N 238 
MSE N   H2   sing N N 239 
MSE CA  C    sing N N 240 
MSE CA  CB   sing N N 241 
MSE CA  HA   sing N N 242 
MSE C   O    doub N N 243 
MSE C   OXT  sing N N 244 
MSE OXT HXT  sing N N 245 
MSE CB  CG   sing N N 246 
MSE CB  HB2  sing N N 247 
MSE CB  HB3  sing N N 248 
MSE CG  SE   sing N N 249 
MSE CG  HG2  sing N N 250 
MSE CG  HG3  sing N N 251 
MSE SE  CE   sing N N 252 
MSE CE  HE1  sing N N 253 
MSE CE  HE2  sing N N 254 
MSE CE  HE3  sing N N 255 
PHE N   CA   sing N N 256 
PHE N   H    sing N N 257 
PHE N   H2   sing N N 258 
PHE CA  C    sing N N 259 
PHE CA  CB   sing N N 260 
PHE CA  HA   sing N N 261 
PHE C   O    doub N N 262 
PHE C   OXT  sing N N 263 
PHE CB  CG   sing N N 264 
PHE CB  HB2  sing N N 265 
PHE CB  HB3  sing N N 266 
PHE CG  CD1  doub Y N 267 
PHE CG  CD2  sing Y N 268 
PHE CD1 CE1  sing Y N 269 
PHE CD1 HD1  sing N N 270 
PHE CD2 CE2  doub Y N 271 
PHE CD2 HD2  sing N N 272 
PHE CE1 CZ   doub Y N 273 
PHE CE1 HE1  sing N N 274 
PHE CE2 CZ   sing Y N 275 
PHE CE2 HE2  sing N N 276 
PHE CZ  HZ   sing N N 277 
PHE OXT HXT  sing N N 278 
PRO N   CA   sing N N 279 
PRO N   CD   sing N N 280 
PRO N   H    sing N N 281 
PRO CA  C    sing N N 282 
PRO CA  CB   sing N N 283 
PRO CA  HA   sing N N 284 
PRO C   O    doub N N 285 
PRO C   OXT  sing N N 286 
PRO CB  CG   sing N N 287 
PRO CB  HB2  sing N N 288 
PRO CB  HB3  sing N N 289 
PRO CG  CD   sing N N 290 
PRO CG  HG2  sing N N 291 
PRO CG  HG3  sing N N 292 
PRO CD  HD2  sing N N 293 
PRO CD  HD3  sing N N 294 
PRO OXT HXT  sing N N 295 
SER N   CA   sing N N 296 
SER N   H    sing N N 297 
SER N   H2   sing N N 298 
SER CA  C    sing N N 299 
SER CA  CB   sing N N 300 
SER CA  HA   sing N N 301 
SER C   O    doub N N 302 
SER C   OXT  sing N N 303 
SER CB  OG   sing N N 304 
SER CB  HB2  sing N N 305 
SER CB  HB3  sing N N 306 
SER OG  HG   sing N N 307 
SER OXT HXT  sing N N 308 
THR N   CA   sing N N 309 
THR N   H    sing N N 310 
THR N   H2   sing N N 311 
THR CA  C    sing N N 312 
THR CA  CB   sing N N 313 
THR CA  HA   sing N N 314 
THR C   O    doub N N 315 
THR C   OXT  sing N N 316 
THR CB  OG1  sing N N 317 
THR CB  CG2  sing N N 318 
THR CB  HB   sing N N 319 
THR OG1 HG1  sing N N 320 
THR CG2 HG21 sing N N 321 
THR CG2 HG22 sing N N 322 
THR CG2 HG23 sing N N 323 
THR OXT HXT  sing N N 324 
TRP N   CA   sing N N 325 
TRP N   H    sing N N 326 
TRP N   H2   sing N N 327 
TRP CA  C    sing N N 328 
TRP CA  CB   sing N N 329 
TRP CA  HA   sing N N 330 
TRP C   O    doub N N 331 
TRP C   OXT  sing N N 332 
TRP CB  CG   sing N N 333 
TRP CB  HB2  sing N N 334 
TRP CB  HB3  sing N N 335 
TRP CG  CD1  doub Y N 336 
TRP CG  CD2  sing Y N 337 
TRP CD1 NE1  sing Y N 338 
TRP CD1 HD1  sing N N 339 
TRP CD2 CE2  doub Y N 340 
TRP CD2 CE3  sing Y N 341 
TRP NE1 CE2  sing Y N 342 
TRP NE1 HE1  sing N N 343 
TRP CE2 CZ2  sing Y N 344 
TRP CE3 CZ3  doub Y N 345 
TRP CE3 HE3  sing N N 346 
TRP CZ2 CH2  doub Y N 347 
TRP CZ2 HZ2  sing N N 348 
TRP CZ3 CH2  sing Y N 349 
TRP CZ3 HZ3  sing N N 350 
TRP CH2 HH2  sing N N 351 
TRP OXT HXT  sing N N 352 
TYR N   CA   sing N N 353 
TYR N   H    sing N N 354 
TYR N   H2   sing N N 355 
TYR CA  C    sing N N 356 
TYR CA  CB   sing N N 357 
TYR CA  HA   sing N N 358 
TYR C   O    doub N N 359 
TYR C   OXT  sing N N 360 
TYR CB  CG   sing N N 361 
TYR CB  HB2  sing N N 362 
TYR CB  HB3  sing N N 363 
TYR CG  CD1  doub Y N 364 
TYR CG  CD2  sing Y N 365 
TYR CD1 CE1  sing Y N 366 
TYR CD1 HD1  sing N N 367 
TYR CD2 CE2  doub Y N 368 
TYR CD2 HD2  sing N N 369 
TYR CE1 CZ   doub Y N 370 
TYR CE1 HE1  sing N N 371 
TYR CE2 CZ   sing Y N 372 
TYR CE2 HE2  sing N N 373 
TYR CZ  OH   sing N N 374 
TYR OH  HH   sing N N 375 
TYR OXT HXT  sing N N 376 
VAL N   CA   sing N N 377 
VAL N   H    sing N N 378 
VAL N   H2   sing N N 379 
VAL CA  C    sing N N 380 
VAL CA  CB   sing N N 381 
VAL CA  HA   sing N N 382 
VAL C   O    doub N N 383 
VAL C   OXT  sing N N 384 
VAL CB  CG1  sing N N 385 
VAL CB  CG2  sing N N 386 
VAL CB  HB   sing N N 387 
VAL CG1 HG11 sing N N 388 
VAL CG1 HG12 sing N N 389 
VAL CG1 HG13 sing N N 390 
VAL CG2 HG21 sing N N 391 
VAL CG2 HG22 sing N N 392 
VAL CG2 HG23 sing N N 393 
VAL OXT HXT  sing N N 394 
# 
_atom_sites.entry_id                    1HU3 
_atom_sites.fract_transf_matrix[1][1]   -0.00293920 
_atom_sites.fract_transf_matrix[1][2]   -0.00545614 
_atom_sites.fract_transf_matrix[1][3]   -0.00748826 
_atom_sites.fract_transf_matrix[2][1]   -0.00639872 
_atom_sites.fract_transf_matrix[2][2]   -0.00717539 
_atom_sites.fract_transf_matrix[2][3]   0.00143128 
_atom_sites.fract_transf_matrix[3][1]   -0.01292287 
_atom_sites.fract_transf_matrix[3][2]   0.01094512 
_atom_sites.fract_transf_matrix[3][3]   -0.00290256 
_atom_sites.fract_transf_vector[1]      0.452322 
_atom_sites.fract_transf_vector[2]      0.228223 
_atom_sites.fract_transf_vector[3]      0.054144 
# 
loop_
_atom_type.symbol 
C  
N  
O  
S  
SE 
# 
loop_
_atom_site.group_PDB 
_atom_site.id 
_atom_site.type_symbol 
_atom_site.label_atom_id 
_atom_site.label_alt_id 
_atom_site.label_comp_id 
_atom_site.label_asym_id 
_atom_site.label_entity_id 
_atom_site.label_seq_id 
_atom_site.pdbx_PDB_ins_code 
_atom_site.Cartn_x 
_atom_site.Cartn_y 
_atom_site.Cartn_z 
_atom_site.occupancy 
_atom_site.B_iso_or_equiv 
_atom_site.pdbx_formal_charge 
_atom_site.auth_seq_id 
_atom_site.auth_comp_id 
_atom_site.auth_asym_id 
_atom_site.auth_atom_id 
_atom_site.pdbx_PDB_model_num 
ATOM   1    N  N   . SER A 1 1   ? 1.438   7.815   33.339  1.00 50.94  ? 1    SER A N   1 
ATOM   2    C  CA  . SER A 1 1   ? 0.072   8.394   33.379  1.00 54.98  ? 1    SER A CA  1 
ATOM   3    C  C   . SER A 1 1   ? -1.065  7.637   34.061  1.00 60.90  ? 1    SER A C   1 
ATOM   4    O  O   . SER A 1 1   ? -2.118  8.243   34.327  1.00 56.47  ? 1    SER A O   1 
ATOM   5    C  CB  . SER A 1 1   ? -0.368  8.673   32.010  1.00 52.78  ? 1    SER A CB  1 
ATOM   6    N  N   . ASP A 1 2   ? -0.858  6.362   34.369  1.00 57.07  ? 745  ASP A N   1 
ATOM   7    C  CA  . ASP A 1 2   ? -1.848  5.456   34.963  1.00 67.95  ? 745  ASP A CA  1 
ATOM   8    C  C   . ASP A 1 2   ? -3.336  5.464   34.523  1.00 70.87  ? 745  ASP A C   1 
ATOM   9    O  O   . ASP A 1 2   ? -3.694  4.551   33.737  1.00 70.90  ? 745  ASP A O   1 
ATOM   10   C  CB  . ASP A 1 2   ? -1.711  5.329   36.499  1.00 74.67  ? 745  ASP A CB  1 
ATOM   11   C  CG  . ASP A 1 2   ? -0.547  4.376   36.920  1.00 79.34  ? 745  ASP A CG  1 
ATOM   12   O  OD1 . ASP A 1 2   ? 0.496   4.341   36.205  1.00 82.36  ? 745  ASP A OD1 1 
ATOM   13   O  OD2 . ASP A 1 2   ? -0.671  3.675   37.955  1.00 85.99  ? 745  ASP A OD2 1 
ATOM   14   N  N   . PRO A 1 3   ? -4.236  6.410   34.938  1.00 70.72  ? 746  PRO A N   1 
ATOM   15   C  CA  . PRO A 1 3   ? -5.590  6.162   34.367  1.00 68.90  ? 746  PRO A CA  1 
ATOM   16   C  C   . PRO A 1 3   ? -5.724  6.250   32.840  1.00 66.98  ? 746  PRO A C   1 
ATOM   17   O  O   . PRO A 1 3   ? -6.548  5.546   32.271  1.00 66.93  ? 746  PRO A O   1 
ATOM   18   C  CB  . PRO A 1 3   ? -6.512  7.184   35.061  1.00 69.32  ? 746  PRO A CB  1 
ATOM   19   C  CG  . PRO A 1 3   ? -5.814  7.622   36.270  1.00 70.00  ? 746  PRO A CG  1 
ATOM   20   C  CD  . PRO A 1 3   ? -4.270  7.579   35.828  1.00 70.46  ? 746  PRO A CD  1 
ATOM   21   N  N   . GLU A 1 4   ? -4.962  7.138   32.196  1.00 66.25  ? 747  GLU A N   1 
ATOM   22   C  CA  . GLU A 1 4   ? -4.994  7.286   30.731  1.00 65.53  ? 747  GLU A CA  1 
ATOM   23   C  C   . GLU A 1 4   ? -4.449  5.989   30.111  1.00 64.19  ? 747  GLU A C   1 
ATOM   24   O  O   . GLU A 1 4   ? -4.978  5.479   29.116  1.00 63.51  ? 747  GLU A O   1 
ATOM   25   C  CB  . GLU A 1 4   ? -4.117  8.466   30.299  1.00 66.13  ? 747  GLU A CB  1 
ATOM   26   C  CG  . GLU A 1 4   ? -4.609  9.826   30.755  1.00 71.01  ? 747  GLU A CG  1 
ATOM   27   C  CD  . GLU A 1 4   ? -5.865  10.266  30.017  1.00 75.95  ? 747  GLU A CD  1 
ATOM   28   O  OE1 . GLU A 1 4   ? -5.796  10.466  28.778  1.00 70.51  ? 747  GLU A OE1 1 
ATOM   29   O  OE2 . GLU A 1 4   ? -6.923  10.414  30.678  1.00 77.54  ? 747  GLU A OE2 1 
ATOM   30   N  N   . ASN A 1 5   ? -3.376  5.479   30.712  1.00 62.47  ? 748  ASN A N   1 
ATOM   31   C  CA  . ASN A 1 5   ? -2.757  4.247   30.261  1.00 60.72  ? 748  ASN A CA  1 
ATOM   32   C  C   . ASN A 1 5   ? -3.807  3.163   30.185  1.00 59.63  ? 748  ASN A C   1 
ATOM   33   O  O   . ASN A 1 5   ? -3.711  2.256   29.369  1.00 60.11  ? 748  ASN A O   1 
ATOM   34   C  CB  . ASN A 1 5   ? -1.645  3.800   31.219  1.00 61.72  ? 748  ASN A CB  1 
ATOM   35   C  CG  . ASN A 1 5   ? -0.417  4.696   31.154  1.00 61.53  ? 748  ASN A CG  1 
ATOM   36   O  OD1 . ASN A 1 5   ? -0.063  5.224   30.100  1.00 63.25  ? 748  ASN A OD1 1 
ATOM   37   N  ND2 . ASN A 1 5   ? 0.247   4.852   32.284  1.00 60.72  ? 748  ASN A ND2 1 
ATOM   38   N  N   . ILE A 1 6   ? -4.815  3.243   31.039  1.00 58.44  ? 749  ILE A N   1 
ATOM   39   C  CA  . ILE A 1 6   ? -5.855  2.239   31.002  1.00 58.00  ? 749  ILE A CA  1 
ATOM   40   C  C   . ILE A 1 6   ? -6.708  2.389   29.739  1.00 58.18  ? 749  ILE A C   1 
ATOM   41   O  O   . ILE A 1 6   ? -6.920  1.406   29.025  1.00 59.28  ? 749  ILE A O   1 
ATOM   42   C  CB  . ILE A 1 6   ? -6.731  2.279   32.280  1.00 57.70  ? 749  ILE A CB  1 
ATOM   43   C  CG1 . ILE A 1 6   ? -5.952  1.653   33.441  1.00 58.31  ? 749  ILE A CG1 1 
ATOM   44   C  CG2 . ILE A 1 6   ? -8.028  1.510   32.069  1.00 55.03  ? 749  ILE A CG2 1 
ATOM   45   C  CD1 . ILE A 1 6   ? -6.803  1.274   34.636  1.00 62.11  ? 749  ILE A CD1 1 
ATOM   46   N  N   . LYS A 1 7   ? -7.160  3.604   29.432  1.00 57.30  ? 750  LYS A N   1 
ATOM   47   C  CA  . LYS A 1 7   ? -7.982  3.819   28.240  1.00 57.43  ? 750  LYS A CA  1 
ATOM   48   C  C   . LYS A 1 7   ? -7.215  3.542   26.936  1.00 56.58  ? 750  LYS A C   1 
ATOM   49   O  O   . LYS A 1 7   ? -7.781  3.048   25.952  1.00 55.98  ? 750  LYS A O   1 
ATOM   50   C  CB  . LYS A 1 7   ? -8.540  5.249   28.231  1.00 60.54  ? 750  LYS A CB  1 
ATOM   51   C  CG  . LYS A 1 7   ? -9.428  5.547   29.426  1.00 66.18  ? 750  LYS A CG  1 
ATOM   52   C  CD  . LYS A 1 7   ? -10.236 6.829   29.261  1.00 72.43  ? 750  LYS A CD  1 
ATOM   53   C  CE  . LYS A 1 7   ? -11.374 6.878   30.308  1.00 76.30  ? 750  LYS A CE  1 
ATOM   54   N  NZ  . LYS A 1 7   ? -12.280 8.074   30.224  1.00 73.03  ? 750  LYS A NZ  1 
ATOM   55   N  N   . THR A 1 8   ? -5.928  3.863   26.926  1.00 55.47  ? 751  THR A N   1 
ATOM   56   C  CA  . THR A 1 8   ? -5.121  3.616   25.745  1.00 54.00  ? 751  THR A CA  1 
ATOM   57   C  C   . THR A 1 8   ? -5.046  2.117   25.549  1.00 55.08  ? 751  THR A C   1 
ATOM   58   O  O   . THR A 1 8   ? -4.936  1.626   24.426  1.00 56.08  ? 751  THR A O   1 
ATOM   59   C  CB  . THR A 1 8   ? -3.695  4.121   25.916  1.00 53.72  ? 751  THR A CB  1 
ATOM   60   O  OG1 . THR A 1 8   ? -3.713  5.528   26.170  1.00 47.96  ? 751  THR A OG1 1 
ATOM   61   C  CG2 . THR A 1 8   ? -2.880  3.834   24.644  1.00 49.05  ? 751  THR A CG2 1 
ATOM   62   N  N   . GLN A 1 9   ? -5.110  1.399   26.664  1.00 54.09  ? 752  GLN A N   1 
ATOM   63   C  CA  . GLN A 1 9   ? -5.046  -0.045  26.654  1.00 53.20  ? 752  GLN A CA  1 
ATOM   64   C  C   . GLN A 1 9   ? -6.307  -0.613  26.023  1.00 53.48  ? 752  GLN A C   1 
ATOM   65   O  O   . GLN A 1 9   ? -6.251  -1.468  25.131  1.00 54.17  ? 752  GLN A O   1 
ATOM   66   C  CB  . GLN A 1 9   ? -4.930  -0.545  28.082  1.00 52.99  ? 752  GLN A CB  1 
ATOM   67   C  CG  . GLN A 1 9   ? -4.326  -1.908  28.201  1.00 56.96  ? 752  GLN A CG  1 
ATOM   68   C  CD  . GLN A 1 9   ? -2.921  -1.940  27.656  1.00 59.74  ? 752  GLN A CD  1 
ATOM   69   O  OE1 . GLN A 1 9   ? -2.100  -1.082  27.987  1.00 64.23  ? 752  GLN A OE1 1 
ATOM   70   N  NE2 . GLN A 1 9   ? -2.627  -2.935  26.819  1.00 61.60  ? 752  GLN A NE2 1 
ATOM   71   N  N   . GLU A 1 10  ? -7.451  -0.138  26.502  1.00 53.31  ? 753  GLU A N   1 
ATOM   72   C  CA  . GLU A 1 10  ? -8.735  -0.594  25.996  1.00 52.04  ? 753  GLU A CA  1 
ATOM   73   C  C   . GLU A 1 10  ? -8.907  -0.187  24.533  1.00 49.84  ? 753  GLU A C   1 
ATOM   74   O  O   . GLU A 1 10  ? -9.529  -0.914  23.753  1.00 50.46  ? 753  GLU A O   1 
ATOM   75   C  CB  . GLU A 1 10  ? -9.871  -0.038  26.870  1.00 56.08  ? 753  GLU A CB  1 
ATOM   76   C  CG  . GLU A 1 10  ? -9.811  -0.569  28.318  1.00 67.13  ? 753  GLU A CG  1 
ATOM   77   C  CD  . GLU A 1 10  ? -10.726 0.177   29.310  1.00 74.74  ? 753  GLU A CD  1 
ATOM   78   O  OE1 . GLU A 1 10  ? -10.993 1.386   29.110  1.00 75.59  ? 753  GLU A OE1 1 
ATOM   79   O  OE2 . GLU A 1 10  ? -11.160 -0.444  30.310  1.00 77.46  ? 753  GLU A OE2 1 
ATOM   80   N  N   . LEU A 1 11  ? -8.342  0.955   24.153  1.00 46.90  ? 754  LEU A N   1 
ATOM   81   C  CA  . LEU A 1 11  ? -8.457  1.406   22.775  1.00 45.12  ? 754  LEU A CA  1 
ATOM   82   C  C   . LEU A 1 11  ? -7.752  0.382   21.886  1.00 46.21  ? 754  LEU A C   1 
ATOM   83   O  O   . LEU A 1 11  ? -8.338  -0.195  20.969  1.00 46.98  ? 754  LEU A O   1 
ATOM   84   C  CB  . LEU A 1 11  ? -7.801  2.775   22.603  1.00 40.77  ? 754  LEU A CB  1 
ATOM   85   C  CG  . LEU A 1 11  ? -7.446  3.125   21.156  1.00 40.77  ? 754  LEU A CG  1 
ATOM   86   C  CD1 . LEU A 1 11  ? -8.743  3.157   20.329  1.00 44.25  ? 754  LEU A CD1 1 
ATOM   87   C  CD2 . LEU A 1 11  ? -6.695  4.450   21.077  1.00 36.86  ? 754  LEU A CD2 1 
ATOM   88   N  N   . PHE A 1 12  ? -6.489  0.144   22.195  1.00 45.18  ? 755  PHE A N   1 
ATOM   89   C  CA  . PHE A 1 12  ? -5.696  -0.778  21.442  1.00 44.24  ? 755  PHE A CA  1 
ATOM   90   C  C   . PHE A 1 12  ? -6.334  -2.141  21.371  1.00 45.20  ? 755  PHE A C   1 
ATOM   91   O  O   . PHE A 1 12  ? -6.313  -2.780  20.321  1.00 46.39  ? 755  PHE A O   1 
ATOM   92   C  CB  . PHE A 1 12  ? -4.304  -0.854  22.059  1.00 46.63  ? 755  PHE A CB  1 
ATOM   93   C  CG  . PHE A 1 12  ? -3.478  0.397   21.846  1.00 45.45  ? 755  PHE A CG  1 
ATOM   94   C  CD1 . PHE A 1 12  ? -2.192  0.492   22.368  1.00 41.97  ? 755  PHE A CD1 1 
ATOM   95   C  CD2 . PHE A 1 12  ? -3.968  1.451   21.082  1.00 45.27  ? 755  PHE A CD2 1 
ATOM   96   C  CE1 . PHE A 1 12  ? -1.409  1.621   22.131  1.00 43.82  ? 755  PHE A CE1 1 
ATOM   97   C  CE2 . PHE A 1 12  ? -3.190  2.587   20.842  1.00 46.76  ? 755  PHE A CE2 1 
ATOM   98   C  CZ  . PHE A 1 12  ? -1.910  2.672   21.360  1.00 42.92  ? 755  PHE A CZ  1 
ATOM   99   N  N   . ARG A 1 13  ? -6.909  -2.597  22.472  1.00 45.69  ? 756  ARG A N   1 
ATOM   100  C  CA  . ARG A 1 13  ? -7.542  -3.914  22.478  1.00 46.03  ? 756  ARG A CA  1 
ATOM   101  C  C   . ARG A 1 13  ? -8.783  -3.920  21.623  1.00 46.53  ? 756  ARG A C   1 
ATOM   102  O  O   . ARG A 1 13  ? -9.065  -4.912  20.951  1.00 48.06  ? 756  ARG A O   1 
ATOM   103  C  CB  . ARG A 1 13  ? -7.893  -4.352  23.904  1.00 49.31  ? 756  ARG A CB  1 
ATOM   104  C  CG  . ARG A 1 13  ? -6.674  -4.745  24.688  1.00 49.31  ? 756  ARG A CG  1 
ATOM   105  C  CD  . ARG A 1 13  ? -6.972  -5.397  26.024  1.00 50.53  ? 756  ARG A CD  1 
ATOM   106  N  NE  . ARG A 1 13  ? -5.682  -5.711  26.637  1.00 60.10  ? 756  ARG A NE  1 
ATOM   107  C  CZ  . ARG A 1 13  ? -5.004  -6.840  26.440  1.00 59.10  ? 756  ARG A CZ  1 
ATOM   108  N  NH1 . ARG A 1 13  ? -5.494  -7.796  25.662  1.00 56.51  ? 756  ARG A NH1 1 
ATOM   109  N  NH2 . ARG A 1 13  ? -3.805  -6.988  26.991  1.00 62.91  ? 756  ARG A NH2 1 
ATOM   110  N  N   . LYS A 1 14  ? -9.531  -2.819  21.657  1.00 46.35  ? 757  LYS A N   1 
ATOM   111  C  CA  . LYS A 1 14  ? -10.734 -2.692  20.839  1.00 45.67  ? 757  LYS A CA  1 
ATOM   112  C  C   . LYS A 1 14  ? -10.298 -2.739  19.362  1.00 45.27  ? 757  LYS A C   1 
ATOM   113  O  O   . LYS A 1 14  ? -10.917 -3.435  18.546  1.00 46.07  ? 757  LYS A O   1 
ATOM   114  C  CB  . LYS A 1 14  ? -11.465 -1.368  21.155  1.00 47.99  ? 757  LYS A CB  1 
ATOM   115  C  CG  . LYS A 1 14  ? -12.297 -1.408  22.457  1.00 54.97  ? 757  LYS A CG  1 
ATOM   116  C  CD  . LYS A 1 14  ? -12.786 -0.012  22.936  1.00 60.93  ? 757  LYS A CD  1 
ATOM   117  C  CE  . LYS A 1 14  ? -13.932 0.585   22.108  1.00 58.04  ? 757  LYS A CE  1 
ATOM   118  N  NZ  . LYS A 1 14  ? -15.179 -0.238  22.186  1.00 60.09  ? 757  LYS A NZ  1 
ATOM   119  N  N   . VAL A 1 15  ? -9.232  -2.017  19.020  1.00 43.90  ? 758  VAL A N   1 
ATOM   120  C  CA  . VAL A 1 15  ? -8.743  -2.015  17.642  1.00 43.58  ? 758  VAL A CA  1 
ATOM   121  C  C   . VAL A 1 15  ? -8.213  -3.391  17.220  1.00 45.73  ? 758  VAL A C   1 
ATOM   122  O  O   . VAL A 1 15  ? -8.449  -3.813  16.085  1.00 46.09  ? 758  VAL A O   1 
ATOM   123  C  CB  . VAL A 1 15  ? -7.623  -0.979  17.445  1.00 45.59  ? 758  VAL A CB  1 
ATOM   124  C  CG1 . VAL A 1 15  ? -7.203  -0.926  15.968  1.00 36.49  ? 758  VAL A CG1 1 
ATOM   125  C  CG2 . VAL A 1 15  ? -8.094  0.381   17.940  1.00 39.30  ? 758  VAL A CG2 1 
ATOM   126  N  N   . ARG A 1 16  ? -7.496  -4.096  18.109  1.00 47.07  ? 759  ARG A N   1 
ATOM   127  C  CA  . ARG A 1 16  ? -6.994  -5.443  17.753  1.00 47.67  ? 759  ARG A CA  1 
ATOM   128  C  C   . ARG A 1 16  ? -8.179  -6.365  17.499  1.00 48.10  ? 759  ARG A C   1 
ATOM   129  O  O   . ARG A 1 16  ? -8.138  -7.240  16.627  1.00 48.71  ? 759  ARG A O   1 
ATOM   130  C  CB  . ARG A 1 16  ? -6.122  -6.043  18.859  1.00 44.54  ? 759  ARG A CB  1 
ATOM   131  C  CG  . ARG A 1 16  ? -4.714  -5.455  18.923  1.00 43.45  ? 759  ARG A CG  1 
ATOM   132  C  CD  . ARG A 1 16  ? -3.866  -6.130  20.006  1.00 46.47  ? 759  ARG A CD  1 
ATOM   133  N  NE  . ARG A 1 16  ? -2.539  -5.522  20.081  1.00 44.18  ? 759  ARG A NE  1 
ATOM   134  C  CZ  . ARG A 1 16  ? -1.562  -5.785  19.224  1.00 43.93  ? 759  ARG A CZ  1 
ATOM   135  N  NH1 . ARG A 1 16  ? -1.770  -6.654  18.236  1.00 34.77  ? 759  ARG A NH1 1 
ATOM   136  N  NH2 . ARG A 1 16  ? -0.383  -5.175  19.346  1.00 38.54  ? 759  ARG A NH2 1 
ATOM   137  N  N   . SER A 1 17  ? -9.238  -6.152  18.269  1.00 48.28  ? 760  SER A N   1 
ATOM   138  C  CA  . SER A 1 17  ? -10.456 -6.935  18.137  1.00 49.83  ? 760  SER A CA  1 
ATOM   139  C  C   . SER A 1 17  ? -11.041 -6.712  16.743  1.00 50.60  ? 760  SER A C   1 
ATOM   140  O  O   . SER A 1 17  ? -11.329 -7.666  16.029  1.00 52.23  ? 760  SER A O   1 
ATOM   141  C  CB  . SER A 1 17  ? -11.469 -6.500  19.206  1.00 51.60  ? 760  SER A CB  1 
ATOM   142  O  OG  . SER A 1 17  ? -12.710 -7.171  19.040  1.00 57.55  ? 760  SER A OG  1 
ATOM   143  N  N   . ILE A 1 18  ? -11.208 -5.447  16.361  1.00 51.30  ? 761  ILE A N   1 
ATOM   144  C  CA  . ILE A 1 18  ? -11.753 -5.101  15.055  1.00 50.99  ? 761  ILE A CA  1 
ATOM   145  C  C   . ILE A 1 18  ? -10.946 -5.744  13.938  1.00 51.68  ? 761  ILE A C   1 
ATOM   146  O  O   . ILE A 1 18  ? -11.496 -6.325  13.008  1.00 51.88  ? 761  ILE A O   1 
ATOM   147  C  CB  . ILE A 1 18  ? -11.762 -3.573  14.845  1.00 49.45  ? 761  ILE A CB  1 
ATOM   148  C  CG1 . ILE A 1 18  ? -12.686 -2.916  15.875  1.00 46.71  ? 761  ILE A CG1 1 
ATOM   149  C  CG2 . ILE A 1 18  ? -12.235 -3.236  13.431  1.00 50.00  ? 761  ILE A CG2 1 
ATOM   150  C  CD1 . ILE A 1 18  ? -12.742 -1.392  15.773  1.00 48.39  ? 761  ILE A CD1 1 
ATOM   151  N  N   . LEU A 1 19  ? -9.633  -5.649  14.041  1.00 53.04  ? 762  LEU A N   1 
ATOM   152  C  CA  . LEU A 1 19  ? -8.753  -6.215  13.031  1.00 53.28  ? 762  LEU A CA  1 
ATOM   153  C  C   . LEU A 1 19  ? -8.678  -7.739  13.091  1.00 55.74  ? 762  LEU A C   1 
ATOM   154  O  O   . LEU A 1 19  ? -8.461  -8.389  12.070  1.00 55.86  ? 762  LEU A O   1 
ATOM   155  C  CB  . LEU A 1 19  ? -7.347  -5.636  13.191  1.00 48.45  ? 762  LEU A CB  1 
ATOM   156  C  CG  . LEU A 1 19  ? -7.204  -4.110  13.046  1.00 42.82  ? 762  LEU A CG  1 
ATOM   157  C  CD1 . LEU A 1 19  ? -6.098  -3.610  13.955  1.00 34.61  ? 762  LEU A CD1 1 
ATOM   158  C  CD2 . LEU A 1 19  ? -6.922  -3.731  11.586  1.00 40.60  ? 762  LEU A CD2 1 
ATOM   159  N  N   . ASN A 1 20  ? -8.879  -8.312  14.279  1.00 58.61  ? 763  ASN A N   1 
ATOM   160  C  CA  . ASN A 1 20  ? -8.769  -9.762  14.446  1.00 59.94  ? 763  ASN A CA  1 
ATOM   161  C  C   . ASN A 1 20  ? -9.968  -10.639 14.138  1.00 61.82  ? 763  ASN A C   1 
ATOM   162  O  O   . ASN A 1 20  ? -9.953  -11.829 14.464  1.00 62.56  ? 763  ASN A O   1 
ATOM   163  C  CB  . ASN A 1 20  ? -8.267  -10.100 15.854  1.00 59.04  ? 763  ASN A CB  1 
ATOM   164  C  CG  . ASN A 1 20  ? -6.847  -9.635  16.089  1.00 58.63  ? 763  ASN A CG  1 
ATOM   165  O  OD1 . ASN A 1 20  ? -6.054  -9.511  15.150  1.00 57.36  ? 763  ASN A OD1 1 
ATOM   166  N  ND2 . ASN A 1 20  ? -6.510  -9.387  17.346  1.00 60.20  ? 763  ASN A ND2 1 
ATOM   167  N  N   . LYS A 1 21  ? -11.015 -10.081 13.543  1.00 63.56  ? 764  LYS A N   1 
ATOM   168  C  CA  . LYS A 1 21  ? -12.156 -10.920 13.193  1.00 66.37  ? 764  LYS A CA  1 
ATOM   169  C  C   . LYS A 1 21  ? -11.614 -11.783 12.048  1.00 68.93  ? 764  LYS A C   1 
ATOM   170  O  O   . LYS A 1 21  ? -11.144 -11.245 11.037  1.00 68.99  ? 764  LYS A O   1 
ATOM   171  C  CB  . LYS A 1 21  ? -13.342 -10.063 12.710  1.00 64.19  ? 764  LYS A CB  1 
ATOM   172  C  CG  . LYS A 1 21  ? -13.896 -9.108  13.758  1.00 62.67  ? 764  LYS A CG  1 
ATOM   173  C  CD  . LYS A 1 21  ? -14.346 -9.879  14.999  1.00 61.90  ? 764  LYS A CD  1 
ATOM   174  C  CE  . LYS A 1 21  ? -14.878 -8.974  16.105  1.00 56.97  ? 764  LYS A CE  1 
ATOM   175  N  NZ  . LYS A 1 21  ? -15.131 -9.788  17.347  1.00 53.34  ? 764  LYS A NZ  1 
ATOM   176  N  N   . LEU A 1 22  ? -11.665 -13.108 12.186  1.00 71.41  ? 765  LEU A N   1 
ATOM   177  C  CA  . LEU A 1 22  ? -11.125 -13.952 11.118  1.00 74.24  ? 765  LEU A CA  1 
ATOM   178  C  C   . LEU A 1 22  ? -11.834 -13.770 9.774   1.00 75.01  ? 765  LEU A C   1 
ATOM   179  O  O   . LEU A 1 22  ? -11.363 -14.264 8.744   1.00 75.90  ? 765  LEU A O   1 
ATOM   180  C  CB  . LEU A 1 22  ? -11.101 -15.430 11.524  1.00 76.21  ? 765  LEU A CB  1 
ATOM   181  C  CG  . LEU A 1 22  ? -10.206 -16.288 10.611  1.00 78.99  ? 765  LEU A CG  1 
ATOM   182  C  CD1 . LEU A 1 22  ? -8.990  -15.481 10.091  1.00 78.53  ? 765  LEU A CD1 1 
ATOM   183  C  CD2 . LEU A 1 22  ? -9.752  -17.517 11.383  1.00 77.31  ? 765  LEU A CD2 1 
ATOM   184  N  N   . THR A 1 23  ? -12.963 -13.062 9.787   1.00 75.82  ? 766  THR A N   1 
ATOM   185  C  CA  . THR A 1 23  ? -13.682 -12.757 8.551   1.00 76.55  ? 766  THR A CA  1 
ATOM   186  C  C   . THR A 1 23  ? -13.642 -11.244 8.389   1.00 76.54  ? 766  THR A C   1 
ATOM   187  O  O   . THR A 1 23  ? -14.308 -10.514 9.126   1.00 76.99  ? 766  THR A O   1 
ATOM   188  C  CB  . THR A 1 23  ? -15.154 -13.206 8.585   1.00 77.57  ? 766  THR A CB  1 
ATOM   189  O  OG1 . THR A 1 23  ? -15.213 -14.633 8.448   1.00 80.63  ? 766  THR A OG1 1 
ATOM   190  C  CG2 . THR A 1 23  ? -15.941 -12.544 7.438   1.00 73.70  ? 766  THR A CG2 1 
ATOM   191  N  N   . PRO A 1 24  ? -12.832 -10.753 7.439   1.00 76.63  ? 767  PRO A N   1 
ATOM   192  C  CA  . PRO A 1 24  ? -12.718 -9.316  7.200   1.00 75.26  ? 767  PRO A CA  1 
ATOM   193  C  C   . PRO A 1 24  ? -14.067 -8.595  7.214   1.00 73.54  ? 767  PRO A C   1 
ATOM   194  O  O   . PRO A 1 24  ? -15.045 -9.046  6.607   1.00 75.19  ? 767  PRO A O   1 
ATOM   195  C  CB  . PRO A 1 24  ? -12.022 -9.261  5.849   1.00 76.81  ? 767  PRO A CB  1 
ATOM   196  C  CG  . PRO A 1 24  ? -11.064 -10.395 5.966   1.00 75.39  ? 767  PRO A CG  1 
ATOM   197  C  CD  . PRO A 1 24  ? -11.932 -11.500 6.541   1.00 75.23  ? 767  PRO A CD  1 
ATOM   198  N  N   . GLN A 1 25  ? -14.096 -7.474  7.933   1.00 75.80  ? 768  GLN A N   1 
ATOM   199  C  CA  . GLN A 1 25  ? -15.288 -6.644  8.077   1.00 71.39  ? 768  GLN A CA  1 
ATOM   200  C  C   . GLN A 1 25  ? -15.414 -5.698  6.880   1.00 69.95  ? 768  GLN A C   1 
ATOM   201  O  O   . GLN A 1 25  ? -14.409 -5.187  6.389   1.00 70.30  ? 768  GLN A O   1 
ATOM   202  C  CB  . GLN A 1 25  ? -15.189 -5.842  9.387   1.00 71.50  ? 768  GLN A CB  1 
HETATM 203  N  N   . MSE A 1 26  ? -16.630 -5.470  6.394   1.00 69.84  ? 769  MSE A N   1 
HETATM 204  C  CA  . MSE A 1 26  ? -16.789 -4.553  5.269   1.00 70.08  ? 769  MSE A CA  1 
HETATM 205  C  C   . MSE A 1 26  ? -16.945 -3.116  5.759   1.00 68.73  ? 769  MSE A C   1 
HETATM 206  O  O   . MSE A 1 26  ? -17.113 -2.864  6.959   1.00 68.43  ? 769  MSE A O   1 
HETATM 207  C  CB  . MSE A 1 26  ? -17.968 -4.966  4.373   1.00 73.81  ? 769  MSE A CB  1 
HETATM 208  C  CG  . MSE A 1 26  ? -19.261 -5.324  5.084   1.00 83.90  ? 769  MSE A CG  1 
HETATM 209  SE SE  . MSE A 1 26  ? -20.502 -6.219  3.864   1.00 100.42 ? 769  MSE A SE  1 
HETATM 210  C  CE  . MSE A 1 26  ? -21.326 -4.645  3.060   1.00 93.30  ? 769  MSE A CE  1 
ATOM   211  N  N   . PHE A 1 27  ? -16.877 -2.178  4.823   1.00 67.98  ? 770  PHE A N   1 
ATOM   212  C  CA  . PHE A 1 27  ? -16.960 -0.753  5.136   1.00 67.34  ? 770  PHE A CA  1 
ATOM   213  C  C   . PHE A 1 27  ? -18.030 -0.321  6.152   1.00 67.09  ? 770  PHE A C   1 
ATOM   214  O  O   . PHE A 1 27  ? -17.700 0.135   7.247   1.00 66.89  ? 770  PHE A O   1 
ATOM   215  C  CB  . PHE A 1 27  ? -17.133 0.050   3.841   1.00 66.51  ? 770  PHE A CB  1 
ATOM   216  C  CG  . PHE A 1 27  ? -16.886 1.520   4.010   1.00 63.08  ? 770  PHE A CG  1 
ATOM   217  C  CD1 . PHE A 1 27  ? -15.607 1.992   4.300   1.00 62.60  ? 770  PHE A CD1 1 
ATOM   218  C  CD2 . PHE A 1 27  ? -17.935 2.433   3.901   1.00 58.61  ? 770  PHE A CD2 1 
ATOM   219  C  CE1 . PHE A 1 27  ? -15.375 3.357   4.490   1.00 62.67  ? 770  PHE A CE1 1 
ATOM   220  C  CE2 . PHE A 1 27  ? -17.716 3.793   4.088   1.00 54.30  ? 770  PHE A CE2 1 
ATOM   221  C  CZ  . PHE A 1 27  ? -16.435 4.260   4.379   1.00 59.61  ? 770  PHE A CZ  1 
ATOM   222  N  N   . ASN A 1 28  ? -19.303 -0.453  5.793   1.00 67.10  ? 771  ASN A N   1 
ATOM   223  C  CA  . ASN A 1 28  ? -20.380 -0.034  6.689   1.00 66.63  ? 771  ASN A CA  1 
ATOM   224  C  C   . ASN A 1 28  ? -20.201 -0.455  8.142   1.00 64.73  ? 771  ASN A C   1 
ATOM   225  O  O   . ASN A 1 28  ? -20.252 0.387   9.039   1.00 65.98  ? 771  ASN A O   1 
ATOM   226  C  CB  . ASN A 1 28  ? -21.736 -0.517  6.166   1.00 68.80  ? 771  ASN A CB  1 
ATOM   227  C  CG  . ASN A 1 28  ? -22.095 0.113   4.826   1.00 76.48  ? 771  ASN A CG  1 
ATOM   228  O  OD1 . ASN A 1 28  ? -21.702 1.258   4.538   1.00 77.20  ? 771  ASN A OD1 1 
ATOM   229  N  ND2 . ASN A 1 28  ? -22.853 -0.621  4.001   1.00 77.04  ? 771  ASN A ND2 1 
ATOM   230  N  N   . GLN A 1 29  ? -19.985 -1.742  8.386   1.00 62.93  ? 772  GLN A N   1 
ATOM   231  C  CA  . GLN A 1 29  ? -19.809 -2.197  9.754   1.00 61.62  ? 772  GLN A CA  1 
ATOM   232  C  C   . GLN A 1 29  ? -18.549 -1.562  10.354  1.00 59.86  ? 772  GLN A C   1 
ATOM   233  O  O   . GLN A 1 29  ? -18.459 -1.346  11.562  1.00 60.45  ? 772  GLN A O   1 
ATOM   234  C  CB  . GLN A 1 29  ? -19.722 -3.724  9.799   1.00 62.54  ? 772  GLN A CB  1 
ATOM   235  C  CG  . GLN A 1 29  ? -18.409 -4.306  9.309   1.00 69.48  ? 772  GLN A CG  1 
ATOM   236  C  CD  . GLN A 1 29  ? -18.438 -5.830  9.277   1.00 77.73  ? 772  GLN A CD  1 
ATOM   237  O  OE1 . GLN A 1 29  ? -19.026 -6.440  8.367   1.00 73.47  ? 772  GLN A OE1 1 
ATOM   238  N  NE2 . GLN A 1 29  ? -17.817 -6.457  10.286  1.00 79.40  ? 772  GLN A NE2 1 
ATOM   239  N  N   . LEU A 1 30  ? -17.585 -1.251  9.499   1.00 58.25  ? 773  LEU A N   1 
ATOM   240  C  CA  . LEU A 1 30  ? -16.334 -0.628  9.916   1.00 56.50  ? 773  LEU A CA  1 
ATOM   241  C  C   . LEU A 1 30  ? -16.589 0.784   10.491  1.00 55.17  ? 773  LEU A C   1 
ATOM   242  O  O   . LEU A 1 30  ? -16.017 1.160   11.527  1.00 55.14  ? 773  LEU A O   1 
ATOM   243  C  CB  . LEU A 1 30  ? -15.390 -0.562  8.703   1.00 56.83  ? 773  LEU A CB  1 
ATOM   244  C  CG  . LEU A 1 30  ? -13.996 -1.208  8.681   1.00 56.72  ? 773  LEU A CG  1 
ATOM   245  C  CD1 . LEU A 1 30  ? -13.987 -2.580  9.327   1.00 57.06  ? 773  LEU A CD1 1 
ATOM   246  C  CD2 . LEU A 1 30  ? -13.548 -1.318  7.230   1.00 56.98  ? 773  LEU A CD2 1 
HETATM 247  N  N   . MSE A 1 31  ? -17.445 1.556   9.821   1.00 53.61  ? 774  MSE A N   1 
HETATM 248  C  CA  . MSE A 1 31  ? -17.790 2.918   10.252  1.00 51.51  ? 774  MSE A CA  1 
HETATM 249  C  C   . MSE A 1 31  ? -18.488 2.927   11.615  1.00 50.72  ? 774  MSE A C   1 
HETATM 250  O  O   . MSE A 1 31  ? -18.275 3.825   12.440  1.00 49.98  ? 774  MSE A O   1 
HETATM 251  C  CB  . MSE A 1 31  ? -18.698 3.583   9.214   1.00 53.71  ? 774  MSE A CB  1 
HETATM 252  C  CG  . MSE A 1 31  ? -17.991 3.989   7.924   1.00 59.38  ? 774  MSE A CG  1 
HETATM 253  SE SE  . MSE A 1 31  ? -17.030 5.688   8.033   1.00 68.24  ? 774  MSE A SE  1 
HETATM 254  C  CE  . MSE A 1 31  ? -18.528 6.855   7.700   1.00 72.06  ? 774  MSE A CE  1 
ATOM   255  N  N   . LYS A 1 32  ? -19.337 1.926   11.838  1.00 50.16  ? 775  LYS A N   1 
ATOM   256  C  CA  . LYS A 1 32  ? -20.060 1.780   13.096  1.00 48.18  ? 775  LYS A CA  1 
ATOM   257  C  C   . LYS A 1 32  ? -19.057 1.395   14.191  1.00 47.60  ? 775  LYS A C   1 
ATOM   258  O  O   . LYS A 1 32  ? -19.074 1.949   15.288  1.00 48.53  ? 775  LYS A O   1 
ATOM   259  C  CB  . LYS A 1 32  ? -21.129 0.701   12.940  1.00 47.78  ? 775  LYS A CB  1 
ATOM   260  C  CG  . LYS A 1 32  ? -21.447 -0.045  14.215  1.00 58.48  ? 775  LYS A CG  1 
ATOM   261  C  CD  . LYS A 1 32  ? -22.067 -1.425  13.937  1.00 59.75  ? 775  LYS A CD  1 
ATOM   262  C  CE  . LYS A 1 32  ? -23.323 -1.262  13.126  1.00 63.04  ? 775  LYS A CE  1 
ATOM   263  N  NZ  . LYS A 1 32  ? -24.046 -0.060  13.622  1.00 63.13  ? 775  LYS A NZ  1 
ATOM   264  N  N   . GLN A 1 33  ? -18.170 0.456   13.885  1.00 46.71  ? 776  GLN A N   1 
ATOM   265  C  CA  . GLN A 1 33  ? -17.162 0.031   14.849  1.00 46.60  ? 776  GLN A CA  1 
ATOM   266  C  C   . GLN A 1 33  ? -16.200 1.157   15.232  1.00 47.34  ? 776  GLN A C   1 
ATOM   267  O  O   . GLN A 1 33  ? -15.945 1.386   16.419  1.00 49.12  ? 776  GLN A O   1 
ATOM   268  C  CB  . GLN A 1 33  ? -16.382 -1.148  14.286  1.00 44.41  ? 776  GLN A CB  1 
ATOM   269  C  CG  . GLN A 1 33  ? -17.146 -2.442  14.391  1.00 47.23  ? 776  GLN A CG  1 
ATOM   270  C  CD  . GLN A 1 33  ? -16.628 -3.480  13.433  1.00 51.30  ? 776  GLN A CD  1 
ATOM   271  O  OE1 . GLN A 1 33  ? -16.865 -4.685  13.600  1.00 52.18  ? 776  GLN A OE1 1 
ATOM   272  N  NE2 . GLN A 1 33  ? -15.920 -3.024  12.407  1.00 52.52  ? 776  GLN A NE2 1 
ATOM   273  N  N   . VAL A 1 34  ? -15.671 1.863   14.235  1.00 47.78  ? 777  VAL A N   1 
ATOM   274  C  CA  . VAL A 1 34  ? -14.740 2.951   14.499  1.00 46.69  ? 777  VAL A CA  1 
ATOM   275  C  C   . VAL A 1 34  ? -15.392 4.074   15.293  1.00 47.13  ? 777  VAL A C   1 
ATOM   276  O  O   . VAL A 1 34  ? -14.701 4.814   16.001  1.00 47.16  ? 777  VAL A O   1 
ATOM   277  C  CB  . VAL A 1 34  ? -14.154 3.507   13.185  1.00 47.99  ? 777  VAL A CB  1 
ATOM   278  C  CG1 . VAL A 1 34  ? -13.371 4.787   13.453  1.00 50.37  ? 777  VAL A CG1 1 
ATOM   279  C  CG2 . VAL A 1 34  ? -13.246 2.467   12.562  1.00 43.31  ? 777  VAL A CG2 1 
ATOM   280  N  N   . SER A 1 35  ? -16.718 4.188   15.207  1.00 47.15  ? 778  SER A N   1 
ATOM   281  C  CA  . SER A 1 35  ? -17.425 5.235   15.951  1.00 46.72  ? 778  SER A CA  1 
ATOM   282  C  C   . SER A 1 35  ? -17.568 4.841   17.416  1.00 47.71  ? 778  SER A C   1 
ATOM   283  O  O   . SER A 1 35  ? -18.132 5.589   18.220  1.00 49.53  ? 778  SER A O   1 
ATOM   284  C  CB  . SER A 1 35  ? -18.821 5.477   15.374  1.00 46.97  ? 778  SER A CB  1 
ATOM   285  O  OG  . SER A 1 35  ? -19.758 4.515   15.850  1.00 50.28  ? 778  SER A OG  1 
ATOM   286  N  N   . GLY A 1 36  ? -17.078 3.659   17.769  1.00 48.07  ? 779  GLY A N   1 
ATOM   287  C  CA  . GLY A 1 36  ? -17.175 3.224   19.150  1.00 47.87  ? 779  GLY A CA  1 
ATOM   288  C  C   . GLY A 1 36  ? -15.797 3.325   19.761  1.00 49.07  ? 779  GLY A C   1 
ATOM   289  O  O   . GLY A 1 36  ? -15.515 2.770   20.826  1.00 49.34  ? 779  GLY A O   1 
ATOM   290  N  N   . LEU A 1 37  ? -14.926 4.041   19.066  1.00 50.19  ? 780  LEU A N   1 
ATOM   291  C  CA  . LEU A 1 37  ? -13.548 4.212   19.511  1.00 50.54  ? 780  LEU A CA  1 
ATOM   292  C  C   . LEU A 1 37  ? -13.264 5.656   19.914  1.00 51.59  ? 780  LEU A C   1 
ATOM   293  O  O   . LEU A 1 37  ? -13.908 6.608   19.440  1.00 51.22  ? 780  LEU A O   1 
ATOM   294  C  CB  . LEU A 1 37  ? -12.584 3.829   18.385  1.00 47.41  ? 780  LEU A CB  1 
ATOM   295  C  CG  . LEU A 1 37  ? -12.600 2.444   17.724  1.00 49.48  ? 780  LEU A CG  1 
ATOM   296  C  CD1 . LEU A 1 37  ? -11.689 2.509   16.491  1.00 50.53  ? 780  LEU A CD1 1 
ATOM   297  C  CD2 . LEU A 1 37  ? -12.122 1.367   18.673  1.00 41.02  ? 780  LEU A CD2 1 
ATOM   298  N  N   . THR A 1 38  ? -12.279 5.827   20.780  1.00 52.27  ? 781  THR A N   1 
ATOM   299  C  CA  . THR A 1 38  ? -11.926 7.166   21.189  1.00 53.13  ? 781  THR A CA  1 
ATOM   300  C  C   . THR A 1 38  ? -10.443 7.380   20.958  1.00 53.57  ? 781  THR A C   1 
ATOM   301  O  O   . THR A 1 38  ? -9.608  6.933   21.739  1.00 53.38  ? 781  THR A O   1 
ATOM   302  C  CB  . THR A 1 38  ? -12.305 7.399   22.656  1.00 54.34  ? 781  THR A CB  1 
ATOM   303  O  OG1 . THR A 1 38  ? -13.700 7.097   22.823  1.00 59.50  ? 781  THR A OG1 1 
ATOM   304  C  CG2 . THR A 1 38  ? -12.068 8.852   23.052  1.00 50.56  ? 781  THR A CG2 1 
ATOM   305  N  N   . VAL A 1 39  ? -10.132 8.037   19.846  1.00 53.97  ? 782  VAL A N   1 
ATOM   306  C  CA  . VAL A 1 39  ? -8.761  8.346   19.476  1.00 55.84  ? 782  VAL A CA  1 
ATOM   307  C  C   . VAL A 1 39  ? -8.610  9.857   19.695  1.00 56.91  ? 782  VAL A C   1 
ATOM   308  O  O   . VAL A 1 39  ? -8.729  10.659  18.766  1.00 57.72  ? 782  VAL A O   1 
ATOM   309  C  CB  . VAL A 1 39  ? -8.483  7.987   17.982  1.00 54.11  ? 782  VAL A CB  1 
ATOM   310  C  CG1 . VAL A 1 39  ? -6.991  7.978   17.720  1.00 52.07  ? 782  VAL A CG1 1 
ATOM   311  C  CG2 . VAL A 1 39  ? -9.066  6.624   17.648  1.00 54.84  ? 782  VAL A CG2 1 
ATOM   312  N  N   . ASP A 1 40  ? -8.360  10.231  20.942  1.00 58.05  ? 783  ASP A N   1 
ATOM   313  C  CA  . ASP A 1 40  ? -8.217  11.633  21.339  1.00 59.65  ? 783  ASP A CA  1 
ATOM   314  C  C   . ASP A 1 40  ? -6.779  12.118  21.512  1.00 59.60  ? 783  ASP A C   1 
ATOM   315  O  O   . ASP A 1 40  ? -6.554  13.246  21.935  1.00 59.98  ? 783  ASP A O   1 
ATOM   316  C  CB  . ASP A 1 40  ? -8.957  11.843  22.653  1.00 59.38  ? 783  ASP A CB  1 
ATOM   317  C  CG  . ASP A 1 40  ? -8.735  10.700  23.611  1.00 62.61  ? 783  ASP A CG  1 
ATOM   318  O  OD1 . ASP A 1 40  ? -7.613  10.132  23.608  1.00 61.81  ? 783  ASP A OD1 1 
ATOM   319  O  OD2 . ASP A 1 40  ? -9.673  10.365  24.367  1.00 67.43  ? 783  ASP A OD2 1 
ATOM   320  N  N   . THR A 1 41  ? -5.809  11.274  21.186  1.00 60.44  ? 784  THR A N   1 
ATOM   321  C  CA  . THR A 1 41  ? -4.404  11.634  21.344  1.00 60.86  ? 784  THR A CA  1 
ATOM   322  C  C   . THR A 1 41  ? -3.575  11.258  20.131  1.00 61.54  ? 784  THR A C   1 
ATOM   323  O  O   . THR A 1 41  ? -3.908  10.317  19.399  1.00 62.41  ? 784  THR A O   1 
ATOM   324  C  CB  . THR A 1 41  ? -3.829  10.956  22.612  1.00 61.61  ? 784  THR A CB  1 
ATOM   325  O  OG1 . THR A 1 41  ? -3.964  11.860  23.714  1.00 62.63  ? 784  THR A OG1 1 
ATOM   326  C  CG2 . THR A 1 41  ? -2.375  10.559  22.441  1.00 58.67  ? 784  THR A CG2 1 
ATOM   327  N  N   . GLU A 1 42  ? -2.500  11.998  19.904  1.00 61.05  ? 785  GLU A N   1 
ATOM   328  C  CA  . GLU A 1 42  ? -1.653  11.704  18.771  1.00 61.64  ? 785  GLU A CA  1 
ATOM   329  C  C   . GLU A 1 42  ? -0.965  10.363  19.022  1.00 60.88  ? 785  GLU A C   1 
ATOM   330  O  O   . GLU A 1 42  ? -0.784  9.563   18.098  1.00 61.73  ? 785  GLU A O   1 
ATOM   331  C  CB  . GLU A 1 42  ? -0.629  12.831  18.562  1.00 64.64  ? 785  GLU A CB  1 
ATOM   332  C  CG  . GLU A 1 42  ? 0.352   12.605  17.404  1.00 70.34  ? 785  GLU A CG  1 
ATOM   333  C  CD  . GLU A 1 42  ? 0.609   13.863  16.569  1.00 75.24  ? 785  GLU A CD  1 
ATOM   334  O  OE1 . GLU A 1 42  ? -0.322  14.334  15.865  1.00 77.73  ? 785  GLU A OE1 1 
ATOM   335  O  OE2 . GLU A 1 42  ? 1.747   14.379  16.614  1.00 78.74  ? 785  GLU A OE2 1 
ATOM   336  N  N   . GLU A 1 43  ? -0.595  10.099  20.269  1.00 59.38  ? 786  GLU A N   1 
ATOM   337  C  CA  . GLU A 1 43  ? 0.060   8.833   20.573  1.00 58.35  ? 786  GLU A CA  1 
ATOM   338  C  C   . GLU A 1 43  ? -0.923  7.703   20.286  1.00 57.28  ? 786  GLU A C   1 
ATOM   339  O  O   . GLU A 1 43  ? -0.530  6.598   19.914  1.00 57.74  ? 786  GLU A O   1 
ATOM   340  C  CB  . GLU A 1 43  ? 0.502   8.786   22.034  1.00 57.74  ? 786  GLU A CB  1 
ATOM   341  N  N   . ARG A 1 44  ? -2.206  7.995   20.440  1.00 55.83  ? 787  ARG A N   1 
ATOM   342  C  CA  . ARG A 1 44  ? -3.232  6.994   20.215  1.00 54.02  ? 787  ARG A CA  1 
ATOM   343  C  C   . ARG A 1 44  ? -3.511  6.775   18.732  1.00 53.96  ? 787  ARG A C   1 
ATOM   344  O  O   . ARG A 1 44  ? -3.655  5.622   18.283  1.00 52.97  ? 787  ARG A O   1 
ATOM   345  C  CB  . ARG A 1 44  ? -4.501  7.379   20.987  1.00 51.91  ? 787  ARG A CB  1 
ATOM   346  C  CG  . ARG A 1 44  ? -4.277  7.296   22.500  1.00 56.19  ? 787  ARG A CG  1 
ATOM   347  C  CD  . ARG A 1 44  ? -5.500  7.646   23.367  1.00 56.76  ? 787  ARG A CD  1 
ATOM   348  N  NE  . ARG A 1 44  ? -5.282  7.246   24.764  1.00 55.93  ? 787  ARG A NE  1 
ATOM   349  C  CZ  . ARG A 1 44  ? -5.734  7.921   25.824  1.00 58.31  ? 787  ARG A CZ  1 
ATOM   350  N  NH1 . ARG A 1 44  ? -6.430  9.042   25.656  1.00 54.37  ? 787  ARG A NH1 1 
ATOM   351  N  NH2 . ARG A 1 44  ? -5.498  7.470   27.053  1.00 52.75  ? 787  ARG A NH2 1 
ATOM   352  N  N   . LEU A 1 45  ? -3.578  7.868   17.970  1.00 52.61  ? 788  LEU A N   1 
ATOM   353  C  CA  . LEU A 1 45  ? -3.819  7.770   16.530  1.00 52.04  ? 788  LEU A CA  1 
ATOM   354  C  C   . LEU A 1 45  ? -2.643  6.989   15.934  1.00 52.81  ? 788  LEU A C   1 
ATOM   355  O  O   . LEU A 1 45  ? -2.830  6.037   15.167  1.00 53.61  ? 788  LEU A O   1 
ATOM   356  C  CB  . LEU A 1 45  ? -3.874  9.163   15.891  1.00 50.59  ? 788  LEU A CB  1 
ATOM   357  C  CG  . LEU A 1 45  ? -4.882  9.516   14.778  1.00 47.89  ? 788  LEU A CG  1 
ATOM   358  C  CD1 . LEU A 1 45  ? -4.236  10.538  13.855  1.00 44.46  ? 788  LEU A CD1 1 
ATOM   359  C  CD2 . LEU A 1 45  ? -5.267  8.315   13.958  1.00 40.39  ? 788  LEU A CD2 1 
ATOM   360  N  N   . LYS A 1 46  ? -1.427  7.385   16.302  1.00 52.94  ? 789  LYS A N   1 
ATOM   361  C  CA  . LYS A 1 46  ? -0.226  6.722   15.801  1.00 53.38  ? 789  LYS A CA  1 
ATOM   362  C  C   . LYS A 1 46  ? -0.180  5.243   16.223  1.00 52.92  ? 789  LYS A C   1 
ATOM   363  O  O   . LYS A 1 46  ? 0.305   4.390   15.481  1.00 54.59  ? 789  LYS A O   1 
ATOM   364  C  CB  . LYS A 1 46  ? 1.013   7.515   16.269  1.00 55.78  ? 789  LYS A CB  1 
ATOM   365  C  CG  . LYS A 1 46  ? 2.200   6.724   16.810  1.00 59.69  ? 789  LYS A CG  1 
ATOM   366  C  CD  . LYS A 1 46  ? 3.137   6.205   15.732  1.00 66.75  ? 789  LYS A CD  1 
ATOM   367  C  CE  . LYS A 1 46  ? 4.340   5.509   16.380  1.00 67.83  ? 789  LYS A CE  1 
ATOM   368  N  NZ  . LYS A 1 46  ? 5.184   4.744   15.422  1.00 73.22  ? 789  LYS A NZ  1 
ATOM   369  N  N   . GLY A 1 47  ? -0.703  4.930   17.401  1.00 52.58  ? 790  GLY A N   1 
ATOM   370  C  CA  . GLY A 1 47  ? -0.712  3.547   17.850  1.00 50.65  ? 790  GLY A CA  1 
ATOM   371  C  C   . GLY A 1 47  ? -1.723  2.714   17.064  1.00 50.29  ? 790  GLY A C   1 
ATOM   372  O  O   . GLY A 1 47  ? -1.417  1.589   16.641  1.00 50.58  ? 790  GLY A O   1 
ATOM   373  N  N   . VAL A 1 48  ? -2.929  3.258   16.876  1.00 49.35  ? 791  VAL A N   1 
ATOM   374  C  CA  . VAL A 1 48  ? -3.987  2.569   16.135  1.00 46.64  ? 791  VAL A CA  1 
ATOM   375  C  C   . VAL A 1 48  ? -3.466  2.298   14.735  1.00 47.49  ? 791  VAL A C   1 
ATOM   376  O  O   . VAL A 1 48  ? -3.505  1.162   14.252  1.00 48.29  ? 791  VAL A O   1 
ATOM   377  C  CB  . VAL A 1 48  ? -5.271  3.437   16.051  1.00 48.36  ? 791  VAL A CB  1 
ATOM   378  C  CG1 . VAL A 1 48  ? -6.303  2.773   15.120  1.00 41.98  ? 791  VAL A CG1 1 
ATOM   379  C  CG2 . VAL A 1 48  ? -5.862  3.624   17.461  1.00 40.55  ? 791  VAL A CG2 1 
ATOM   380  N  N   . ILE A 1 49  ? -2.965  3.348   14.091  1.00 46.83  ? 792  ILE A N   1 
ATOM   381  C  CA  . ILE A 1 49  ? -2.397  3.229   12.752  1.00 46.73  ? 792  ILE A CA  1 
ATOM   382  C  C   . ILE A 1 49  ? -1.308  2.147   12.718  1.00 46.85  ? 792  ILE A C   1 
ATOM   383  O  O   . ILE A 1 49  ? -1.252  1.355   11.783  1.00 46.55  ? 792  ILE A O   1 
ATOM   384  C  CB  . ILE A 1 49  ? -1.831  4.580   12.293  1.00 48.26  ? 792  ILE A CB  1 
ATOM   385  C  CG1 . ILE A 1 49  ? -2.983  5.438   11.776  1.00 50.63  ? 792  ILE A CG1 1 
ATOM   386  C  CG2 . ILE A 1 49  ? -0.765  4.389   11.212  1.00 43.27  ? 792  ILE A CG2 1 
ATOM   387  C  CD1 . ILE A 1 49  ? -2.565  6.858   11.452  1.00 60.46  ? 792  ILE A CD1 1 
ATOM   388  N  N   . ASP A 1 50  ? -0.448  2.114   13.732  1.00 46.48  ? 793  ASP A N   1 
ATOM   389  C  CA  . ASP A 1 50  ? 0.587   1.087   13.806  1.00 46.22  ? 793  ASP A CA  1 
ATOM   390  C  C   . ASP A 1 50  ? -0.089  -0.277  13.876  1.00 46.53  ? 793  ASP A C   1 
ATOM   391  O  O   . ASP A 1 50  ? 0.355   -1.253  13.262  1.00 47.49  ? 793  ASP A O   1 
ATOM   392  C  CB  . ASP A 1 50  ? 1.444   1.262   15.066  1.00 47.59  ? 793  ASP A CB  1 
ATOM   393  C  CG  . ASP A 1 50  ? 2.536   2.290   14.893  1.00 52.21  ? 793  ASP A CG  1 
ATOM   394  O  OD1 . ASP A 1 50  ? 2.842   2.672   13.733  1.00 53.43  ? 793  ASP A OD1 1 
ATOM   395  O  OD2 . ASP A 1 50  ? 3.103   2.704   15.923  1.00 57.84  ? 793  ASP A OD2 1 
ATOM   396  N  N   . LEU A 1 51  ? -1.164  -0.354  14.645  1.00 46.19  ? 794  LEU A N   1 
ATOM   397  C  CA  . LEU A 1 51  ? -1.864  -1.616  14.774  1.00 44.50  ? 794  LEU A CA  1 
ATOM   398  C  C   . LEU A 1 51  ? -2.359  -2.076  13.419  1.00 45.37  ? 794  LEU A C   1 
ATOM   399  O  O   . LEU A 1 51  ? -2.271  -3.259  13.109  1.00 45.86  ? 794  LEU A O   1 
ATOM   400  C  CB  . LEU A 1 51  ? -3.024  -1.477  15.756  1.00 43.83  ? 794  LEU A CB  1 
ATOM   401  C  CG  . LEU A 1 51  ? -2.548  -1.419  17.219  1.00 44.10  ? 794  LEU A CG  1 
ATOM   402  C  CD1 . LEU A 1 51  ? -3.728  -1.232  18.181  1.00 35.36  ? 794  LEU A CD1 1 
ATOM   403  C  CD2 . LEU A 1 51  ? -1.815  -2.731  17.527  1.00 42.44  ? 794  LEU A CD2 1 
ATOM   404  N  N   . VAL A 1 52  ? -2.855  -1.149  12.600  1.00 44.85  ? 795  VAL A N   1 
ATOM   405  C  CA  . VAL A 1 52  ? -3.367  -1.533  11.286  1.00 44.67  ? 795  VAL A CA  1 
ATOM   406  C  C   . VAL A 1 52  ? -2.288  -2.031  10.335  1.00 45.71  ? 795  VAL A C   1 
ATOM   407  O  O   . VAL A 1 52  ? -2.491  -3.023  9.617   1.00 45.95  ? 795  VAL A O   1 
ATOM   408  C  CB  . VAL A 1 52  ? -4.141  -0.386  10.585  1.00 42.70  ? 795  VAL A CB  1 
ATOM   409  C  CG1 . VAL A 1 52  ? -4.511  -0.816  9.178   1.00 41.90  ? 795  VAL A CG1 1 
ATOM   410  C  CG2 . VAL A 1 52  ? -5.420  -0.086  11.342  1.00 38.39  ? 795  VAL A CG2 1 
ATOM   411  N  N   . PHE A 1 53  ? -1.148  -1.350  10.315  1.00 46.24  ? 796  PHE A N   1 
ATOM   412  C  CA  . PHE A 1 53  ? -0.060  -1.771  9.450   1.00 47.24  ? 796  PHE A CA  1 
ATOM   413  C  C   . PHE A 1 53  ? 0.437   -3.142  9.863   1.00 48.15  ? 796  PHE A C   1 
ATOM   414  O  O   . PHE A 1 53  ? 0.658   -4.017  9.024   1.00 49.85  ? 796  PHE A O   1 
ATOM   415  C  CB  . PHE A 1 53  ? 1.083   -0.771  9.509   1.00 48.76  ? 796  PHE A CB  1 
ATOM   416  C  CG  . PHE A 1 53  ? 0.940   0.341   8.529   1.00 49.72  ? 796  PHE A CG  1 
ATOM   417  C  CD1 . PHE A 1 53  ? 0.056   1.388   8.773   1.00 47.85  ? 796  PHE A CD1 1 
ATOM   418  C  CD2 . PHE A 1 53  ? 1.648   0.310   7.325   1.00 49.18  ? 796  PHE A CD2 1 
ATOM   419  C  CE1 . PHE A 1 53  ? -0.132  2.401   7.815   1.00 52.82  ? 796  PHE A CE1 1 
ATOM   420  C  CE2 . PHE A 1 53  ? 1.467   1.306   6.371   1.00 51.17  ? 796  PHE A CE2 1 
ATOM   421  C  CZ  . PHE A 1 53  ? 0.573   2.359   6.615   1.00 47.56  ? 796  PHE A CZ  1 
ATOM   422  N  N   . GLU A 1 54  ? 0.600   -3.339  11.163  1.00 48.66  ? 797  GLU A N   1 
ATOM   423  C  CA  . GLU A 1 54  ? 1.066   -4.624  11.660  1.00 48.97  ? 797  GLU A CA  1 
ATOM   424  C  C   . GLU A 1 54  ? 0.143   -5.744  11.201  1.00 49.05  ? 797  GLU A C   1 
ATOM   425  O  O   . GLU A 1 54  ? 0.594   -6.840  10.873  1.00 51.13  ? 797  GLU A O   1 
ATOM   426  C  CB  . GLU A 1 54  ? 1.142   -4.586  13.182  1.00 49.05  ? 797  GLU A CB  1 
ATOM   427  C  CG  . GLU A 1 54  ? 2.392   -3.889  13.707  1.00 51.10  ? 797  GLU A CG  1 
ATOM   428  C  CD  . GLU A 1 54  ? 2.326   -3.594  15.199  1.00 52.88  ? 797  GLU A CD  1 
ATOM   429  O  OE1 . GLU A 1 54  ? 1.816   -4.448  15.980  1.00 52.54  ? 797  GLU A OE1 1 
ATOM   430  O  OE2 . GLU A 1 54  ? 2.796   -2.502  15.586  1.00 53.57  ? 797  GLU A OE2 1 
ATOM   431  N  N   . LYS A 1 55  ? -1.154  -5.482  11.177  1.00 49.34  ? 798  LYS A N   1 
ATOM   432  C  CA  . LYS A 1 55  ? -2.103  -6.497  10.743  1.00 49.22  ? 798  LYS A CA  1 
ATOM   433  C  C   . LYS A 1 55  ? -1.985  -6.672  9.231   1.00 50.54  ? 798  LYS A C   1 
ATOM   434  O  O   . LYS A 1 55  ? -1.943  -7.802  8.737   1.00 49.64  ? 798  LYS A O   1 
ATOM   435  C  CB  . LYS A 1 55  ? -3.529  -6.091  11.096  1.00 48.28  ? 798  LYS A CB  1 
ATOM   436  C  CG  . LYS A 1 55  ? -4.305  -7.178  11.837  1.00 53.42  ? 798  LYS A CG  1 
ATOM   437  C  CD  . LYS A 1 55  ? -4.364  -8.456  11.027  1.00 54.03  ? 798  LYS A CD  1 
ATOM   438  C  CE  . LYS A 1 55  ? -4.950  -9.611  11.829  1.00 57.37  ? 798  LYS A CE  1 
ATOM   439  N  NZ  . LYS A 1 55  ? -4.110  -9.920  13.013  1.00 63.33  ? 798  LYS A NZ  1 
ATOM   440  N  N   . ALA A 1 56  ? -1.919  -5.552  8.504   1.00 50.65  ? 799  ALA A N   1 
ATOM   441  C  CA  . ALA A 1 56  ? -1.806  -5.594  7.043   1.00 51.69  ? 799  ALA A CA  1 
ATOM   442  C  C   . ALA A 1 56  ? -0.504  -6.279  6.580   1.00 52.85  ? 799  ALA A C   1 
ATOM   443  O  O   . ALA A 1 56  ? -0.443  -6.846  5.479   1.00 52.45  ? 799  ALA A O   1 
ATOM   444  C  CB  . ALA A 1 56  ? -1.896  -4.190  6.476   1.00 49.68  ? 799  ALA A CB  1 
ATOM   445  N  N   . ILE A 1 57  ? 0.533   -6.230  7.417   1.00 54.13  ? 800  ILE A N   1 
ATOM   446  C  CA  . ILE A 1 57  ? 1.797   -6.875  7.077   1.00 55.63  ? 800  ILE A CA  1 
ATOM   447  C  C   . ILE A 1 57  ? 1.659   -8.389  7.304   1.00 55.47  ? 800  ILE A C   1 
ATOM   448  O  O   . ILE A 1 57  ? 2.312   -9.191  6.639   1.00 56.66  ? 800  ILE A O   1 
ATOM   449  C  CB  . ILE A 1 57  ? 2.974   -6.329  7.936   1.00 58.40  ? 800  ILE A CB  1 
ATOM   450  C  CG1 . ILE A 1 57  ? 3.150   -4.815  7.725   1.00 61.91  ? 800  ILE A CG1 1 
ATOM   451  C  CG2 . ILE A 1 57  ? 4.263   -7.012  7.533   1.00 63.55  ? 800  ILE A CG2 1 
ATOM   452  C  CD1 . ILE A 1 57  ? 3.337   -4.382  6.269   1.00 64.36  ? 800  ILE A CD1 1 
ATOM   453  N  N   . ASP A 1 58  ? 0.795   -8.786  8.230   1.00 55.40  ? 801  ASP A N   1 
ATOM   454  C  CA  . ASP A 1 58  ? 0.587   -10.204 8.510   1.00 55.84  ? 801  ASP A CA  1 
ATOM   455  C  C   . ASP A 1 58  ? -0.348  -10.873 7.495   1.00 54.95  ? 801  ASP A C   1 
ATOM   456  O  O   . ASP A 1 58  ? -0.180  -12.048 7.156   1.00 54.69  ? 801  ASP A O   1 
ATOM   457  C  CB  . ASP A 1 58  ? 0.016   -10.379 9.916   1.00 61.18  ? 801  ASP A CB  1 
ATOM   458  C  CG  . ASP A 1 58  ? -0.286  -11.830 10.241  1.00 70.11  ? 801  ASP A CG  1 
ATOM   459  O  OD1 . ASP A 1 58  ? 0.648   -12.665 10.158  1.00 73.22  ? 801  ASP A OD1 1 
ATOM   460  O  OD2 . ASP A 1 58  ? -1.456  -12.135 10.580  1.00 74.96  ? 801  ASP A OD2 1 
ATOM   461  N  N   . GLU A 1 59  ? -1.342  -10.128 7.020   1.00 53.88  ? 802  GLU A N   1 
ATOM   462  C  CA  . GLU A 1 59  ? -2.290  -10.651 6.041   1.00 53.07  ? 802  GLU A CA  1 
ATOM   463  C  C   . GLU A 1 59  ? -2.471  -9.619  4.938   1.00 52.23  ? 802  GLU A C   1 
ATOM   464  O  O   . GLU A 1 59  ? -3.488  -8.933  4.884   1.00 53.47  ? 802  GLU A O   1 
ATOM   465  C  CB  . GLU A 1 59  ? -3.642  -10.935 6.711   1.00 54.32  ? 802  GLU A CB  1 
ATOM   466  C  CG  . GLU A 1 59  ? -3.613  -12.023 7.776   1.00 59.75  ? 802  GLU A CG  1 
ATOM   467  C  CD  . GLU A 1 59  ? -4.871  -12.033 8.647   1.00 64.56  ? 802  GLU A CD  1 
ATOM   468  O  OE1 . GLU A 1 59  ? -5.991  -12.127 8.096   1.00 65.61  ? 802  GLU A OE1 1 
ATOM   469  O  OE2 . GLU A 1 59  ? -4.741  -11.951 9.892   1.00 65.15  ? 802  GLU A OE2 1 
ATOM   470  N  N   . PRO A 1 60  ? -1.491  -9.505  4.031   1.00 51.97  ? 803  PRO A N   1 
ATOM   471  C  CA  . PRO A 1 60  ? -1.595  -8.527  2.944   1.00 50.29  ? 803  PRO A CA  1 
ATOM   472  C  C   . PRO A 1 60  ? -2.886  -8.677  2.137   1.00 50.78  ? 803  PRO A C   1 
ATOM   473  O  O   . PRO A 1 60  ? -3.450  -7.688  1.666   1.00 51.55  ? 803  PRO A O   1 
ATOM   474  C  CB  . PRO A 1 60  ? -0.358  -8.813  2.090   1.00 48.95  ? 803  PRO A CB  1 
ATOM   475  C  CG  . PRO A 1 60  ? 0.580   -9.528  3.022   1.00 49.47  ? 803  PRO A CG  1 
ATOM   476  C  CD  . PRO A 1 60  ? -0.328  -10.387 3.836   1.00 49.59  ? 803  PRO A CD  1 
ATOM   477  N  N   . SER A 1 61  ? -3.341  -9.919  1.994   1.00 50.07  ? 804  SER A N   1 
ATOM   478  C  CA  . SER A 1 61  ? -4.544  -10.265 1.229   1.00 49.56  ? 804  SER A CA  1 
ATOM   479  C  C   . SER A 1 61  ? -5.805  -9.480  1.588   1.00 49.51  ? 804  SER A C   1 
ATOM   480  O  O   . SER A 1 61  ? -6.678  -9.244  0.728   1.00 48.80  ? 804  SER A O   1 
ATOM   481  C  CB  . SER A 1 61  ? -4.842  -11.760 1.395   1.00 50.93  ? 804  SER A CB  1 
ATOM   482  O  OG  . SER A 1 61  ? -3.737  -12.551 0.987   1.00 51.62  ? 804  SER A OG  1 
ATOM   483  N  N   . PHE A 1 62  ? -5.907  -9.113  2.862   1.00 47.74  ? 805  PHE A N   1 
ATOM   484  C  CA  . PHE A 1 62  ? -7.055  -8.368  3.350   1.00 47.47  ? 805  PHE A CA  1 
ATOM   485  C  C   . PHE A 1 62  ? -6.783  -6.877  3.386   1.00 46.71  ? 805  PHE A C   1 
ATOM   486  O  O   . PHE A 1 62  ? -7.496  -6.123  4.047   1.00 45.55  ? 805  PHE A O   1 
ATOM   487  C  CB  . PHE A 1 62  ? -7.431  -8.850  4.746   1.00 50.57  ? 805  PHE A CB  1 
ATOM   488  C  CG  . PHE A 1 62  ? -7.890  -10.278 4.786   1.00 52.92  ? 805  PHE A CG  1 
ATOM   489  C  CD1 . PHE A 1 62  ? -8.439  -10.878 3.650   1.00 52.32  ? 805  PHE A CD1 1 
ATOM   490  C  CD2 . PHE A 1 62  ? -7.829  -11.003 5.969   1.00 51.62  ? 805  PHE A CD2 1 
ATOM   491  C  CE1 . PHE A 1 62  ? -8.928  -12.186 3.686   1.00 55.55  ? 805  PHE A CE1 1 
ATOM   492  C  CE2 . PHE A 1 62  ? -8.316  -12.314 6.026   1.00 58.30  ? 805  PHE A CE2 1 
ATOM   493  C  CZ  . PHE A 1 62  ? -8.871  -12.912 4.876   1.00 53.67  ? 805  PHE A CZ  1 
ATOM   494  N  N   . SER A 1 63  ? -5.775  -6.445  2.634   1.00 46.35  ? 806  SER A N   1 
ATOM   495  C  CA  . SER A 1 63  ? -5.420  -5.037  2.634   1.00 45.78  ? 806  SER A CA  1 
ATOM   496  C  C   . SER A 1 63  ? -6.522  -4.112  2.128   1.00 44.40  ? 806  SER A C   1 
ATOM   497  O  O   . SER A 1 63  ? -6.503  -2.920  2.397   1.00 46.66  ? 806  SER A O   1 
ATOM   498  C  CB  . SER A 1 63  ? -4.104  -4.823  1.889   1.00 42.56  ? 806  SER A CB  1 
ATOM   499  O  OG  . SER A 1 63  ? -4.112  -5.455  0.642   1.00 53.82  ? 806  SER A OG  1 
ATOM   500  N  N   . VAL A 1 64  ? -7.502  -4.649  1.421   1.00 45.19  ? 807  VAL A N   1 
ATOM   501  C  CA  . VAL A 1 64  ? -8.605  -3.807  0.966   1.00 43.64  ? 807  VAL A CA  1 
ATOM   502  C  C   . VAL A 1 64  ? -9.383  -3.437  2.220   1.00 45.86  ? 807  VAL A C   1 
ATOM   503  O  O   . VAL A 1 64  ? -9.810  -2.286  2.409   1.00 46.53  ? 807  VAL A O   1 
ATOM   504  C  CB  . VAL A 1 64  ? -9.557  -4.571  0.052   1.00 45.36  ? 807  VAL A CB  1 
ATOM   505  C  CG1 . VAL A 1 64  ? -10.920 -3.826  -0.029  1.00 38.81  ? 807  VAL A CG1 1 
ATOM   506  C  CG2 . VAL A 1 64  ? -8.919  -4.729  -1.328  1.00 41.19  ? 807  VAL A CG2 1 
ATOM   507  N  N   . ALA A 1 65  ? -9.566  -4.431  3.082   1.00 44.74  ? 808  ALA A N   1 
ATOM   508  C  CA  . ALA A 1 65  ? -10.294 -4.221  4.316   1.00 44.63  ? 808  ALA A CA  1 
ATOM   509  C  C   . ALA A 1 65  ? -9.561  -3.224  5.203   1.00 44.81  ? 808  ALA A C   1 
ATOM   510  O  O   . ALA A 1 65  ? -10.158 -2.253  5.671   1.00 45.78  ? 808  ALA A O   1 
ATOM   511  C  CB  . ALA A 1 65  ? -10.486 -5.553  5.057   1.00 43.81  ? 808  ALA A CB  1 
ATOM   512  N  N   . TYR A 1 66  ? -8.268  -3.458  5.427   1.00 44.69  ? 809  TYR A N   1 
ATOM   513  C  CA  . TYR A 1 66  ? -7.484  -2.576  6.282   1.00 42.78  ? 809  TYR A CA  1 
ATOM   514  C  C   . TYR A 1 66  ? -7.429  -1.173  5.723   1.00 43.19  ? 809  TYR A C   1 
ATOM   515  O  O   . TYR A 1 66  ? -7.401  -0.195  6.481   1.00 44.47  ? 809  TYR A O   1 
ATOM   516  C  CB  . TYR A 1 66  ? -6.075  -3.132  6.470   1.00 40.34  ? 809  TYR A CB  1 
ATOM   517  C  CG  . TYR A 1 66  ? -6.100  -4.543  6.996   1.00 40.29  ? 809  TYR A CG  1 
ATOM   518  C  CD1 . TYR A 1 66  ? -6.891  -4.888  8.098   1.00 39.63  ? 809  TYR A CD1 1 
ATOM   519  C  CD2 . TYR A 1 66  ? -5.381  -5.548  6.363   1.00 40.54  ? 809  TYR A CD2 1 
ATOM   520  C  CE1 . TYR A 1 66  ? -6.968  -6.216  8.541   1.00 41.47  ? 809  TYR A CE1 1 
ATOM   521  C  CE2 . TYR A 1 66  ? -5.446  -6.879  6.806   1.00 40.19  ? 809  TYR A CE2 1 
ATOM   522  C  CZ  . TYR A 1 66  ? -6.240  -7.200  7.878   1.00 36.76  ? 809  TYR A CZ  1 
ATOM   523  O  OH  . TYR A 1 66  ? -6.359  -8.525  8.238   1.00 44.74  ? 809  TYR A OH  1 
ATOM   524  N  N   . ALA A 1 67  ? -7.409  -1.067  4.399   1.00 43.84  ? 810  ALA A N   1 
ATOM   525  C  CA  . ALA A 1 67  ? -7.389  0.238   3.766   1.00 43.07  ? 810  ALA A CA  1 
ATOM   526  C  C   . ALA A 1 67  ? -8.738  0.895   4.033   1.00 44.55  ? 810  ALA A C   1 
ATOM   527  O  O   . ALA A 1 67  ? -8.804  2.083   4.286   1.00 46.63  ? 810  ALA A O   1 
ATOM   528  C  CB  . ALA A 1 67  ? -7.157  0.098   2.291   1.00 42.21  ? 810  ALA A CB  1 
ATOM   529  N  N   . ASN A 1 68  ? -9.823  0.132   3.976   1.00 47.02  ? 811  ASN A N   1 
ATOM   530  C  CA  . ASN A 1 68  ? -11.134 0.709   4.259   1.00 48.25  ? 811  ASN A CA  1 
ATOM   531  C  C   . ASN A 1 68  ? -11.162 1.154   5.720   1.00 48.60  ? 811  ASN A C   1 
ATOM   532  O  O   . ASN A 1 68  ? -11.813 2.139   6.075   1.00 49.77  ? 811  ASN A O   1 
ATOM   533  C  CB  . ASN A 1 68  ? -12.236 -0.315  4.013   1.00 49.95  ? 811  ASN A CB  1 
ATOM   534  C  CG  . ASN A 1 68  ? -12.631 -0.398  2.559   1.00 53.04  ? 811  ASN A CG  1 
ATOM   535  O  OD1 . ASN A 1 68  ? -12.870 0.619   1.909   1.00 48.30  ? 811  ASN A OD1 1 
ATOM   536  N  ND2 . ASN A 1 68  ? -12.721 -1.610  2.044   1.00 58.66  ? 811  ASN A ND2 1 
HETATM 537  N  N   . MSE A 1 69  ? -10.451 0.411   6.561   1.00 48.78  ? 812  MSE A N   1 
HETATM 538  C  CA  . MSE A 1 69  ? -10.359 0.706   7.988   1.00 49.55  ? 812  MSE A CA  1 
HETATM 539  C  C   . MSE A 1 69  ? -9.767  2.113   8.090   1.00 49.35  ? 812  MSE A C   1 
HETATM 540  O  O   . MSE A 1 69  ? -10.345 3.010   8.721   1.00 47.74  ? 812  MSE A O   1 
HETATM 541  C  CB  . MSE A 1 69  ? -9.424  -0.309  8.661   1.00 53.55  ? 812  MSE A CB  1 
HETATM 542  C  CG  . MSE A 1 69  ? -10.007 -1.039  9.856   1.00 61.93  ? 812  MSE A CG  1 
HETATM 543  SE SE  . MSE A 1 69  ? -10.028 0.001   11.484  1.00 75.36  ? 812  MSE A SE  1 
HETATM 544  C  CE  . MSE A 1 69  ? -9.215  -1.277  12.671  1.00 65.44  ? 812  MSE A CE  1 
ATOM   545  N  N   . CYS A 1 70  ? -8.609  2.286   7.452   1.00 48.70  ? 813  CYS A N   1 
ATOM   546  C  CA  . CYS A 1 70  ? -7.920  3.566   7.425   1.00 49.06  ? 813  CYS A CA  1 
ATOM   547  C  C   . CYS A 1 70  ? -8.841  4.649   6.890   1.00 51.40  ? 813  CYS A C   1 
ATOM   548  O  O   . CYS A 1 70  ? -8.847  5.782   7.385   1.00 52.29  ? 813  CYS A O   1 
ATOM   549  C  CB  . CYS A 1 70  ? -6.692  3.482   6.542   1.00 40.63  ? 813  CYS A CB  1 
ATOM   550  S  SG  . CYS A 1 70  ? -5.336  2.629   7.324   1.00 49.93  ? 813  CYS A SG  1 
ATOM   551  N  N   . ARG A 1 71  ? -9.628  4.301   5.886   1.00 53.00  ? 814  ARG A N   1 
ATOM   552  C  CA  . ARG A 1 71  ? -10.537 5.269   5.307   1.00 56.27  ? 814  ARG A CA  1 
ATOM   553  C  C   . ARG A 1 71  ? -11.508 5.766   6.376   1.00 56.87  ? 814  ARG A C   1 
ATOM   554  O  O   . ARG A 1 71  ? -11.955 6.909   6.328   1.00 57.69  ? 814  ARG A O   1 
ATOM   555  C  CB  . ARG A 1 71  ? -11.312 4.638   4.160   1.00 58.24  ? 814  ARG A CB  1 
ATOM   556  C  CG  . ARG A 1 71  ? -11.702 5.642   3.131   1.00 64.43  ? 814  ARG A CG  1 
ATOM   557  C  CD  . ARG A 1 71  ? -12.893 5.170   2.347   1.00 71.46  ? 814  ARG A CD  1 
ATOM   558  N  NE  . ARG A 1 71  ? -13.372 6.304   1.582   1.00 77.31  ? 814  ARG A NE  1 
ATOM   559  C  CZ  . ARG A 1 71  ? -14.582 6.432   1.061   1.00 76.94  ? 814  ARG A CZ  1 
ATOM   560  N  NH1 . ARG A 1 71  ? -15.516 5.489   1.198   1.00 76.27  ? 814  ARG A NH1 1 
ATOM   561  N  NH2 . ARG A 1 71  ? -14.830 7.535   0.387   1.00 77.91  ? 814  ARG A NH2 1 
ATOM   562  N  N   . CYS A 1 72  ? -11.834 4.904   7.338   1.00 57.29  ? 815  CYS A N   1 
ATOM   563  C  CA  . CYS A 1 72  ? -12.742 5.286   8.417   1.00 57.83  ? 815  CYS A CA  1 
ATOM   564  C  C   . CYS A 1 72  ? -12.038 6.164   9.454   1.00 58.90  ? 815  CYS A C   1 
ATOM   565  O  O   . CYS A 1 72  ? -12.625 7.108   9.970   1.00 59.30  ? 815  CYS A O   1 
ATOM   566  C  CB  . CYS A 1 72  ? -13.300 4.044   9.125   1.00 58.82  ? 815  CYS A CB  1 
ATOM   567  S  SG  . CYS A 1 72  ? -14.549 3.108   8.219   1.00 57.41  ? 815  CYS A SG  1 
ATOM   568  N  N   . LEU A 1 73  ? -10.787 5.848   9.775   1.00 59.69  ? 816  LEU A N   1 
ATOM   569  C  CA  . LEU A 1 73  ? -10.048 6.625   10.765  1.00 60.06  ? 816  LEU A CA  1 
ATOM   570  C  C   . LEU A 1 73  ? -9.739  8.051   10.329  1.00 61.93  ? 816  LEU A C   1 
ATOM   571  O  O   . LEU A 1 73  ? -9.597  8.927   11.174  1.00 63.19  ? 816  LEU A O   1 
ATOM   572  C  CB  . LEU A 1 73  ? -8.726  5.930   11.148  1.00 56.49  ? 816  LEU A CB  1 
ATOM   573  C  CG  . LEU A 1 73  ? -8.652  4.743   12.127  1.00 52.31  ? 816  LEU A CG  1 
ATOM   574  C  CD1 . LEU A 1 73  ? -9.846  4.754   13.087  1.00 50.02  ? 816  LEU A CD1 1 
ATOM   575  C  CD2 . LEU A 1 73  ? -8.612  3.463   11.370  1.00 51.71  ? 816  LEU A CD2 1 
ATOM   576  N  N   . VAL A 1 74  ? -9.638  8.290   9.026   1.00 63.97  ? 817  VAL A N   1 
ATOM   577  C  CA  . VAL A 1 74  ? -9.320  9.624   8.520   1.00 67.07  ? 817  VAL A CA  1 
ATOM   578  C  C   . VAL A 1 74  ? -10.470 10.612  8.739   1.00 69.13  ? 817  VAL A C   1 
ATOM   579  O  O   . VAL A 1 74  ? -10.409 11.770  8.318   1.00 69.31  ? 817  VAL A O   1 
ATOM   580  C  CB  . VAL A 1 74  ? -8.942  9.572   7.004   1.00 68.46  ? 817  VAL A CB  1 
ATOM   581  C  CG1 . VAL A 1 74  ? -10.185 9.690   6.129   1.00 67.36  ? 817  VAL A CG1 1 
ATOM   582  C  CG2 . VAL A 1 74  ? -7.944  10.670  6.681   1.00 68.00  ? 817  VAL A CG2 1 
ATOM   583  N  N   . THR A 1 75  ? -11.520 10.134  9.401   1.00 71.27  ? 818  THR A N   1 
ATOM   584  C  CA  . THR A 1 75  ? -12.698 10.933  9.731   1.00 73.63  ? 818  THR A CA  1 
ATOM   585  C  C   . THR A 1 75  ? -12.567 11.357  11.195  1.00 76.00  ? 818  THR A C   1 
ATOM   586  O  O   . THR A 1 75  ? -13.569 11.452  11.915  1.00 76.47  ? 818  THR A O   1 
ATOM   587  C  CB  . THR A 1 75  ? -13.997 10.102  9.599   1.00 71.87  ? 818  THR A CB  1 
ATOM   588  O  OG1 . THR A 1 75  ? -14.139 9.625   8.258   1.00 70.01  ? 818  THR A OG1 1 
ATOM   589  C  CG2 . THR A 1 75  ? -15.211 10.947  9.942   1.00 77.28  ? 818  THR A CG2 1 
ATOM   590  N  N   . LEU A 1 76  ? -11.332 11.603  11.636  1.00 78.06  ? 819  LEU A N   1 
ATOM   591  C  CA  . LEU A 1 76  ? -11.088 11.992  13.026  1.00 80.29  ? 819  LEU A CA  1 
ATOM   592  C  C   . LEU A 1 76  ? -9.990  13.050  13.172  1.00 81.48  ? 819  LEU A C   1 
ATOM   593  O  O   . LEU A 1 76  ? -8.977  13.018  12.467  1.00 81.78  ? 819  LEU A O   1 
ATOM   594  C  CB  . LEU A 1 76  ? -10.709 10.760  13.874  1.00 81.36  ? 819  LEU A CB  1 
ATOM   595  C  CG  . LEU A 1 76  ? -11.564 9.479   13.862  1.00 82.18  ? 819  LEU A CG  1 
ATOM   596  C  CD1 . LEU A 1 76  ? -11.055 8.539   14.949  1.00 81.89  ? 819  LEU A CD1 1 
ATOM   597  C  CD2 . LEU A 1 76  ? -13.035 9.794   14.110  1.00 84.56  ? 819  LEU A CD2 1 
ATOM   598  N  N   . LYS A 1 77  ? -10.201 13.977  14.105  1.00 82.74  ? 820  LYS A N   1 
ATOM   599  C  CA  . LYS A 1 77  ? -9.248  15.053  14.381  1.00 84.27  ? 820  LYS A CA  1 
ATOM   600  C  C   . LYS A 1 77  ? -8.512  14.736  15.682  1.00 85.16  ? 820  LYS A C   1 
ATOM   601  O  O   . LYS A 1 77  ? -9.135  14.358  16.676  1.00 85.26  ? 820  LYS A O   1 
ATOM   602  C  CB  . LYS A 1 77  ? -9.991  16.388  14.509  1.00 83.25  ? 820  LYS A CB  1 
ATOM   603  N  N   . VAL A 1 78  ? -7.193  14.885  15.685  1.00 86.08  ? 821  VAL A N   1 
ATOM   604  C  CA  . VAL A 1 78  ? -6.418  14.593  16.890  1.00 87.59  ? 821  VAL A CA  1 
ATOM   605  C  C   . VAL A 1 78  ? -5.231  15.540  17.059  1.00 88.55  ? 821  VAL A C   1 
ATOM   606  O  O   . VAL A 1 78  ? -4.379  15.640  16.170  1.00 89.24  ? 821  VAL A O   1 
ATOM   607  C  CB  . VAL A 1 78  ? -5.883  13.145  16.870  1.00 87.86  ? 821  VAL A CB  1 
ATOM   608  C  CG1 . VAL A 1 78  ? -5.191  12.834  18.180  1.00 86.41  ? 821  VAL A CG1 1 
ATOM   609  C  CG2 . VAL A 1 78  ? -7.025  12.165  16.621  1.00 89.28  ? 821  VAL A CG2 1 
ATOM   610  N  N   . PRO A 1 79  ? -5.154  16.235  18.215  1.00 89.13  ? 822  PRO A N   1 
ATOM   611  C  CA  . PRO A 1 79  ? -4.076  17.186  18.519  1.00 89.40  ? 822  PRO A CA  1 
ATOM   612  C  C   . PRO A 1 79  ? -2.690  16.561  18.588  1.00 89.93  ? 822  PRO A C   1 
ATOM   613  O  O   . PRO A 1 79  ? -1.921  16.858  19.502  1.00 90.55  ? 822  PRO A O   1 
ATOM   614  C  CB  . PRO A 1 79  ? -4.505  17.774  19.861  1.00 89.59  ? 822  PRO A CB  1 
ATOM   615  C  CG  . PRO A 1 79  ? -5.222  16.627  20.507  1.00 88.26  ? 822  PRO A CG  1 
ATOM   616  C  CD  . PRO A 1 79  ? -6.073  16.114  19.362  1.00 88.95  ? 822  PRO A CD  1 
ATOM   617  N  N   . ASN A 1 89  ? -4.109  15.769  9.675   1.00 78.57  ? 832  ASN A N   1 
ATOM   618  C  CA  . ASN A 1 89  ? -2.782  15.267  10.023  1.00 78.52  ? 832  ASN A CA  1 
ATOM   619  C  C   . ASN A 1 89  ? -2.726  13.742  9.901   1.00 77.34  ? 832  ASN A C   1 
ATOM   620  O  O   . ASN A 1 89  ? -1.684  13.126  10.118  1.00 77.75  ? 832  ASN A O   1 
ATOM   621  C  CB  . ASN A 1 89  ? -2.398  15.717  11.456  1.00 79.70  ? 832  ASN A CB  1 
ATOM   622  C  CG  . ASN A 1 89  ? -3.419  15.289  12.516  1.00 82.52  ? 832  ASN A CG  1 
ATOM   623  O  OD1 . ASN A 1 89  ? -4.630  15.430  12.324  1.00 83.56  ? 832  ASN A OD1 1 
ATOM   624  N  ND2 . ASN A 1 89  ? -2.926  14.785  13.653  1.00 79.40  ? 832  ASN A ND2 1 
ATOM   625  N  N   . PHE A 1 90  ? -3.850  13.137  9.539   1.00 76.33  ? 833  PHE A N   1 
ATOM   626  C  CA  . PHE A 1 90  ? -3.900  11.688  9.407   1.00 74.18  ? 833  PHE A CA  1 
ATOM   627  C  C   . PHE A 1 90  ? -3.005  11.204  8.270   1.00 73.76  ? 833  PHE A C   1 
ATOM   628  O  O   . PHE A 1 90  ? -2.081  10.431  8.493   1.00 74.16  ? 833  PHE A O   1 
ATOM   629  C  CB  . PHE A 1 90  ? -5.331  11.224  9.165   1.00 72.01  ? 833  PHE A CB  1 
ATOM   630  C  CG  . PHE A 1 90  ? -5.479  9.739   9.151   1.00 69.98  ? 833  PHE A CG  1 
ATOM   631  C  CD1 . PHE A 1 90  ? -5.723  9.045   10.322  1.00 68.11  ? 833  PHE A CD1 1 
ATOM   632  C  CD2 . PHE A 1 90  ? -5.335  9.026   7.968   1.00 69.06  ? 833  PHE A CD2 1 
ATOM   633  C  CE1 . PHE A 1 90  ? -5.818  7.661   10.318  1.00 67.31  ? 833  PHE A CE1 1 
ATOM   634  C  CE2 . PHE A 1 90  ? -5.426  7.646   7.957   1.00 66.91  ? 833  PHE A CE2 1 
ATOM   635  C  CZ  . PHE A 1 90  ? -5.669  6.964   9.135   1.00 67.84  ? 833  PHE A CZ  1 
ATOM   636  N  N   . ARG A 1 91  ? -3.272  11.656  7.051   1.00 73.37  ? 834  ARG A N   1 
ATOM   637  C  CA  . ARG A 1 91  ? -2.459  11.231  5.914   1.00 72.75  ? 834  ARG A CA  1 
ATOM   638  C  C   . ARG A 1 91  ? -0.962  11.389  6.194   1.00 72.06  ? 834  ARG A C   1 
ATOM   639  O  O   . ARG A 1 91  ? -0.140  10.594  5.719   1.00 71.57  ? 834  ARG A O   1 
ATOM   640  C  CB  . ARG A 1 91  ? -2.866  12.012  4.656   1.00 72.68  ? 834  ARG A CB  1 
ATOM   641  C  CG  . ARG A 1 91  ? -4.109  11.425  3.989   1.00 73.88  ? 834  ARG A CG  1 
ATOM   642  C  CD  . ARG A 1 91  ? -4.957  12.479  3.300   1.00 75.02  ? 834  ARG A CD  1 
ATOM   643  N  NE  . ARG A 1 91  ? -6.306  11.976  3.067   1.00 77.85  ? 834  ARG A NE  1 
ATOM   644  C  CZ  . ARG A 1 91  ? -7.383  12.750  2.958   1.00 82.88  ? 834  ARG A CZ  1 
ATOM   645  N  NH1 . ARG A 1 91  ? -7.264  14.071  3.058   1.00 87.85  ? 834  ARG A NH1 1 
ATOM   646  N  NH2 . ARG A 1 91  ? -8.582  12.209  2.768   1.00 80.61  ? 834  ARG A NH2 1 
ATOM   647  N  N   . LYS A 1 92  ? -0.621  12.404  6.983   1.00 71.03  ? 835  LYS A N   1 
ATOM   648  C  CA  . LYS A 1 92  ? 0.767   12.667  7.341   1.00 69.91  ? 835  LYS A CA  1 
ATOM   649  C  C   . LYS A 1 92  ? 1.327   11.485  8.130   1.00 69.42  ? 835  LYS A C   1 
ATOM   650  O  O   . LYS A 1 92  ? 2.412   10.986  7.834   1.00 69.45  ? 835  LYS A O   1 
ATOM   651  C  CB  . LYS A 1 92  ? 0.859   13.942  8.169   1.00 70.66  ? 835  LYS A CB  1 
ATOM   652  N  N   . LEU A 1 93  ? 0.585   11.032  9.135   1.00 68.89  ? 836  LEU A N   1 
ATOM   653  C  CA  . LEU A 1 93  ? 1.035   9.898   9.926   1.00 67.23  ? 836  LEU A CA  1 
ATOM   654  C  C   . LEU A 1 93  ? 1.088   8.657   9.042   1.00 66.97  ? 836  LEU A C   1 
ATOM   655  O  O   . LEU A 1 93  ? 1.990   7.829   9.190   1.00 66.80  ? 836  LEU A O   1 
ATOM   656  C  CB  . LEU A 1 93  ? 0.100   9.667   11.106  1.00 66.12  ? 836  LEU A CB  1 
ATOM   657  C  CG  . LEU A 1 93  ? -0.047  10.850  12.062  1.00 67.96  ? 836  LEU A CG  1 
ATOM   658  C  CD1 . LEU A 1 93  ? -0.952  10.426  13.201  1.00 70.20  ? 836  LEU A CD1 1 
ATOM   659  C  CD2 . LEU A 1 93  ? 1.316   11.299  12.604  1.00 68.42  ? 836  LEU A CD2 1 
ATOM   660  N  N   . LEU A 1 94  ? 0.125   8.536   8.126   1.00 66.39  ? 837  LEU A N   1 
ATOM   661  C  CA  . LEU A 1 94  ? 0.075   7.407   7.199   1.00 66.73  ? 837  LEU A CA  1 
ATOM   662  C  C   . LEU A 1 94  ? 1.323   7.402   6.325   1.00 67.90  ? 837  LEU A C   1 
ATOM   663  O  O   . LEU A 1 94  ? 2.054   6.408   6.271   1.00 67.54  ? 837  LEU A O   1 
ATOM   664  C  CB  . LEU A 1 94  ? -1.129  7.514   6.279   1.00 64.84  ? 837  LEU A CB  1 
ATOM   665  C  CG  . LEU A 1 94  ? -2.325  6.578   6.394   1.00 64.78  ? 837  LEU A CG  1 
ATOM   666  C  CD1 . LEU A 1 94  ? -3.061  6.683   5.071   1.00 58.19  ? 837  LEU A CD1 1 
ATOM   667  C  CD2 . LEU A 1 94  ? -1.910  5.125   6.666   1.00 60.43  ? 837  LEU A CD2 1 
ATOM   668  N  N   . LEU A 1 95  ? 1.545   8.517   5.627   1.00 68.56  ? 838  LEU A N   1 
ATOM   669  C  CA  . LEU A 1 95  ? 2.707   8.658   4.754   1.00 69.87  ? 838  LEU A CA  1 
ATOM   670  C  C   . LEU A 1 95  ? 3.932   8.288   5.570   1.00 70.89  ? 838  LEU A C   1 
ATOM   671  O  O   . LEU A 1 95  ? 4.719   7.418   5.176   1.00 70.79  ? 838  LEU A O   1 
ATOM   672  C  CB  . LEU A 1 95  ? 2.829   10.094  4.254   1.00 70.46  ? 838  LEU A CB  1 
ATOM   673  N  N   . ASN A 1 96  ? 4.074   8.952   6.714   1.00 71.27  ? 839  ASN A N   1 
ATOM   674  C  CA  . ASN A 1 96  ? 5.188   8.701   7.612   1.00 72.87  ? 839  ASN A CA  1 
ATOM   675  C  C   . ASN A 1 96  ? 5.331   7.206   7.879   1.00 73.20  ? 839  ASN A C   1 
ATOM   676  O  O   . ASN A 1 96  ? 6.417   6.645   7.734   1.00 73.27  ? 839  ASN A O   1 
ATOM   677  C  CB  . ASN A 1 96  ? 4.975   9.444   8.936   1.00 76.30  ? 839  ASN A CB  1 
ATOM   678  C  CG  . ASN A 1 96  ? 4.948   10.966  8.768   1.00 79.86  ? 839  ASN A CG  1 
ATOM   679  O  OD1 . ASN A 1 96  ? 4.684   11.704  9.725   1.00 82.82  ? 839  ASN A OD1 1 
ATOM   680  N  ND2 . ASN A 1 96  ? 5.224   11.439  7.554   1.00 79.39  ? 839  ASN A ND2 1 
ATOM   681  N  N   . ARG A 1 97  ? 4.226   6.564   8.258   1.00 73.88  ? 840  ARG A N   1 
ATOM   682  C  CA  . ARG A 1 97  ? 4.229   5.134   8.560   1.00 74.09  ? 840  ARG A CA  1 
ATOM   683  C  C   . ARG A 1 97  ? 4.613   4.292   7.352   1.00 75.25  ? 840  ARG A C   1 
ATOM   684  O  O   . ARG A 1 97  ? 5.314   3.284   7.485   1.00 74.81  ? 840  ARG A O   1 
ATOM   685  C  CB  . ARG A 1 97  ? 2.858   4.688   9.068   1.00 72.33  ? 840  ARG A CB  1 
ATOM   686  C  CG  . ARG A 1 97  ? 2.826   3.234   9.509   1.00 68.36  ? 840  ARG A CG  1 
ATOM   687  C  CD  . ARG A 1 97  ? 3.710   3.033   10.720  1.00 69.81  ? 840  ARG A CD  1 
ATOM   688  N  NE  . ARG A 1 97  ? 3.859   1.629   11.103  1.00 66.91  ? 840  ARG A NE  1 
ATOM   689  C  CZ  . ARG A 1 97  ? 4.717   0.779   10.547  1.00 62.87  ? 840  ARG A CZ  1 
ATOM   690  N  NH1 . ARG A 1 97  ? 5.525   1.174   9.570   1.00 63.60  ? 840  ARG A NH1 1 
ATOM   691  N  NH2 . ARG A 1 97  ? 4.767   -0.475  10.972  1.00 65.78  ? 840  ARG A NH2 1 
ATOM   692  N  N   . CYS A 1 98  ? 4.137   4.696   6.177   1.00 76.30  ? 841  CYS A N   1 
ATOM   693  C  CA  . CYS A 1 98  ? 4.455   3.977   4.947   1.00 77.64  ? 841  CYS A CA  1 
ATOM   694  C  C   . CYS A 1 98  ? 5.955   4.092   4.668   1.00 79.34  ? 841  CYS A C   1 
ATOM   695  O  O   . CYS A 1 98  ? 6.661   3.079   4.559   1.00 78.97  ? 841  CYS A O   1 
ATOM   696  C  CB  . CYS A 1 98  ? 3.661   4.547   3.765   1.00 76.08  ? 841  CYS A CB  1 
ATOM   697  S  SG  . CYS A 1 98  ? 1.934   4.026   3.714   1.00 73.32  ? 841  CYS A SG  1 
ATOM   698  N  N   . GLN A 1 99  ? 6.442   5.328   4.577   1.00 80.51  ? 842  GLN A N   1 
ATOM   699  C  CA  . GLN A 1 99  ? 7.852   5.567   4.307   1.00 82.98  ? 842  GLN A CA  1 
ATOM   700  C  C   . GLN A 1 99  ? 8.754   4.930   5.344   1.00 83.78  ? 842  GLN A C   1 
ATOM   701  O  O   . GLN A 1 99  ? 9.961   4.857   5.164   1.00 84.31  ? 842  GLN A O   1 
ATOM   702  C  CB  . GLN A 1 99  ? 8.145   7.070   4.212   1.00 83.76  ? 842  GLN A CB  1 
ATOM   703  C  CG  . GLN A 1 99  ? 7.393   7.772   3.074   1.00 87.71  ? 842  GLN A CG  1 
ATOM   704  C  CD  . GLN A 1 99  ? 8.097   9.017   2.572   1.00 88.58  ? 842  GLN A CD  1 
ATOM   705  O  OE1 . GLN A 1 99  ? 8.723   9.748   3.346   1.00 92.19  ? 842  GLN A OE1 1 
ATOM   706  N  NE2 . GLN A 1 99  ? 7.984   9.275   1.272   1.00 90.66  ? 842  GLN A NE2 1 
ATOM   707  N  N   . LYS A 1 100 ? 8.171   4.464   6.437   1.00 85.43  ? 843  LYS A N   1 
ATOM   708  C  CA  . LYS A 1 100 ? 8.964   3.815   7.463   1.00 87.19  ? 843  LYS A CA  1 
ATOM   709  C  C   . LYS A 1 100 ? 9.473   2.497   6.884   1.00 88.19  ? 843  LYS A C   1 
ATOM   710  O  O   . LYS A 1 100 ? 10.649  2.167   7.016   1.00 88.37  ? 843  LYS A O   1 
ATOM   711  C  CB  . LYS A 1 100 ? 8.116   3.561   8.716   1.00 88.08  ? 843  LYS A CB  1 
ATOM   712  N  N   . GLU A 1 101 ? 8.584   1.751   6.231   1.00 89.21  ? 844  GLU A N   1 
ATOM   713  C  CA  . GLU A 1 101 ? 8.955   0.473   5.630   1.00 90.46  ? 844  GLU A CA  1 
ATOM   714  C  C   . GLU A 1 101 ? 9.982   0.711   4.527   1.00 90.73  ? 844  GLU A C   1 
ATOM   715  O  O   . GLU A 1 101 ? 10.901  -0.087  4.333   1.00 90.82  ? 844  GLU A O   1 
ATOM   716  C  CB  . GLU A 1 101 ? 7.721   -0.225  5.040   1.00 91.69  ? 844  GLU A CB  1 
ATOM   717  C  CG  . GLU A 1 101 ? 6.716   -0.764  6.064   1.00 92.82  ? 844  GLU A CG  1 
ATOM   718  C  CD  . GLU A 1 101 ? 7.224   -1.987  6.825   1.00 95.07  ? 844  GLU A CD  1 
ATOM   719  O  OE1 . GLU A 1 101 ? 7.710   -2.942  6.174   1.00 95.77  ? 844  GLU A OE1 1 
ATOM   720  O  OE2 . GLU A 1 101 ? 7.124   -2.000  8.074   1.00 93.36  ? 844  GLU A OE2 1 
ATOM   721  N  N   . PHE A 1 102 ? 9.809   1.819   3.810   1.00 91.06  ? 845  PHE A N   1 
ATOM   722  C  CA  . PHE A 1 102 ? 10.697  2.197   2.718   1.00 91.71  ? 845  PHE A CA  1 
ATOM   723  C  C   . PHE A 1 102 ? 12.039  2.688   3.246   1.00 92.42  ? 845  PHE A C   1 
ATOM   724  O  O   . PHE A 1 102 ? 13.094  2.208   2.826   1.00 92.48  ? 845  PHE A O   1 
ATOM   725  C  CB  . PHE A 1 102 ? 10.039  3.287   1.874   1.00 91.89  ? 845  PHE A CB  1 
ATOM   726  C  CG  . PHE A 1 102 ? 8.829   2.822   1.119   1.00 92.27  ? 845  PHE A CG  1 
ATOM   727  C  CD1 . PHE A 1 102 ? 7.748   3.670   0.926   1.00 91.38  ? 845  PHE A CD1 1 
ATOM   728  C  CD2 . PHE A 1 102 ? 8.766   1.530   0.609   1.00 93.86  ? 845  PHE A CD2 1 
ATOM   729  C  CE1 . PHE A 1 102 ? 6.632   3.245   0.223   1.00 91.75  ? 845  PHE A CE1 1 
ATOM   730  C  CE2 . PHE A 1 102 ? 7.647   1.098   -0.099  1.00 94.53  ? 845  PHE A CE2 1 
ATOM   731  C  CZ  . PHE A 1 102 ? 6.576   1.958   -0.282  1.00 92.35  ? 845  PHE A CZ  1 
ATOM   732  N  N   . GLU A 1 103 ? 11.994  3.650   4.165   1.00 92.58  ? 846  GLU A N   1 
ATOM   733  C  CA  . GLU A 1 103 ? 13.206  4.192   4.766   1.00 92.84  ? 846  GLU A CA  1 
ATOM   734  C  C   . GLU A 1 103 ? 13.946  3.072   5.499   1.00 93.21  ? 846  GLU A C   1 
ATOM   735  O  O   . GLU A 1 103 ? 15.144  3.188   5.767   1.00 93.38  ? 846  GLU A O   1 
ATOM   736  C  CB  . GLU A 1 103 ? 12.854  5.313   5.740   1.00 92.04  ? 846  GLU A CB  1 
ATOM   737  N  N   . LYS A 1 104 ? 13.227  1.991   5.816   1.00 93.18  ? 847  LYS A N   1 
ATOM   738  C  CA  . LYS A 1 104 ? 13.804  0.840   6.519   1.00 93.09  ? 847  LYS A CA  1 
ATOM   739  C  C   . LYS A 1 104 ? 14.253  -0.231  5.539   1.00 93.30  ? 847  LYS A C   1 
ATOM   740  O  O   . LYS A 1 104 ? 15.153  -1.021  5.839   1.00 93.29  ? 847  LYS A O   1 
ATOM   741  C  CB  . LYS A 1 104 ? 12.791  0.250   7.496   1.00 92.48  ? 847  LYS A CB  1 
ATOM   742  N  N   . ASP A 1 105 ? 13.609  -0.266  4.374   1.00 93.41  ? 848  ASP A N   1 
ATOM   743  C  CA  . ASP A 1 105 ? 13.952  -1.237  3.341   1.00 93.75  ? 848  ASP A CA  1 
ATOM   744  C  C   . ASP A 1 105 ? 15.242  -0.796  2.650   1.00 93.63  ? 848  ASP A C   1 
ATOM   745  O  O   . ASP A 1 105 ? 15.887  -1.587  1.962   1.00 93.86  ? 848  ASP A O   1 
ATOM   746  C  CB  . ASP A 1 105 ? 12.819  -1.353  2.324   1.00 94.84  ? 848  ASP A CB  1 
ATOM   747  N  N   . LYS A 1 106 ? 15.605  0.472   2.842   1.00 93.42  ? 849  LYS A N   1 
ATOM   748  C  CA  . LYS A 1 106 ? 16.822  1.034   2.259   1.00 93.07  ? 849  LYS A CA  1 
ATOM   749  C  C   . LYS A 1 106 ? 18.024  0.692   3.143   1.00 93.05  ? 849  LYS A C   1 
ATOM   750  O  O   . LYS A 1 106 ? 19.162  1.016   2.804   1.00 93.20  ? 849  LYS A O   1 
ATOM   751  C  CB  . LYS A 1 106 ? 16.686  2.553   2.114   1.00 91.32  ? 849  LYS A CB  1 
ATOM   752  N  N   . ALA A 1 107 ? 17.758  0.037   4.276   1.00 93.04  ? 850  ALA A N   1 
ATOM   753  C  CA  . ALA A 1 107 ? 18.795  -0.367  5.229   1.00 92.75  ? 850  ALA A CA  1 
ATOM   754  C  C   . ALA A 1 107 ? 19.114  -1.866  5.145   1.00 92.68  ? 850  ALA A C   1 
ATOM   755  O  O   . ALA A 1 107 ? 18.249  -2.698  4.838   1.00 92.40  ? 850  ALA A O   1 
ATOM   756  C  CB  . ALA A 1 107 ? 18.358  -0.011  6.645   1.00 90.94  ? 850  ALA A CB  1 
ATOM   757  N  N   . ALA A 1 138 ? 18.605  -14.661 3.041   1.00 85.92  ? 881  ALA A N   1 
ATOM   758  C  CA  . ALA A 1 138 ? 17.183  -14.529 2.754   1.00 85.62  ? 881  ALA A CA  1 
ATOM   759  C  C   . ALA A 1 138 ? 16.719  -13.100 2.970   1.00 85.49  ? 881  ALA A C   1 
ATOM   760  O  O   . ALA A 1 138 ? 15.865  -12.815 3.818   1.00 85.39  ? 881  ALA A O   1 
ATOM   761  C  CB  . ALA A 1 138 ? 16.357  -15.493 3.607   1.00 84.74  ? 881  ALA A CB  1 
ATOM   762  N  N   . LYS A 1 139 ? 17.351  -12.208 2.218   1.00 85.40  ? 882  LYS A N   1 
ATOM   763  C  CA  . LYS A 1 139 ? 17.005  -10.801 2.183   1.00 84.64  ? 882  LYS A CA  1 
ATOM   764  C  C   . LYS A 1 139 ? 16.480  -10.864 0.751   1.00 85.03  ? 882  LYS A C   1 
ATOM   765  O  O   . LYS A 1 139 ? 16.684  -9.975  -0.076  1.00 85.68  ? 882  LYS A O   1 
ATOM   766  C  CB  . LYS A 1 139 ? 18.249  -9.918  2.292   1.00 84.39  ? 882  LYS A CB  1 
ATOM   767  C  CG  . LYS A 1 139 ? 18.069  -8.766  3.280   1.00 82.18  ? 882  LYS A CG  1 
ATOM   768  C  CD  . LYS A 1 139 ? 18.124  -7.400  2.610   1.00 79.08  ? 882  LYS A CD  1 
ATOM   769  C  CE  . LYS A 1 139 ? 19.556  -6.935  2.388   1.00 76.59  ? 882  LYS A CE  1 
ATOM   770  N  NZ  . LYS A 1 139 ? 20.348  -7.859  1.519   1.00 79.06  ? 882  LYS A NZ  1 
ATOM   771  N  N   . ASP A 1 140 ? 15.852  -12.010 0.489   1.00 84.47  ? 883  ASP A N   1 
ATOM   772  C  CA  . ASP A 1 140 ? 15.227  -12.382 -0.770  1.00 83.31  ? 883  ASP A CA  1 
ATOM   773  C  C   . ASP A 1 140 ? 13.873  -12.930 -0.312  1.00 83.02  ? 883  ASP A C   1 
ATOM   774  O  O   . ASP A 1 140 ? 13.130  -13.560 -1.069  1.00 83.31  ? 883  ASP A O   1 
ATOM   775  C  CB  . ASP A 1 140 ? 16.040  -13.473 -1.458  1.00 81.75  ? 883  ASP A CB  1 
ATOM   776  N  N   . LYS A 1 141 ? 13.597  -12.700 0.969   1.00 82.26  ? 884  LYS A N   1 
ATOM   777  C  CA  . LYS A 1 141 ? 12.352  -13.094 1.610   1.00 80.56  ? 884  LYS A CA  1 
ATOM   778  C  C   . LYS A 1 141 ? 11.768  -11.761 2.071   1.00 79.79  ? 884  LYS A C   1 
ATOM   779  O  O   . LYS A 1 141 ? 10.621  -11.672 2.519   1.00 79.93  ? 884  LYS A O   1 
ATOM   780  C  CB  . LYS A 1 141 ? 12.633  -14.001 2.794   1.00 80.44  ? 884  LYS A CB  1 
ATOM   781  N  N   . ALA A 1 142 ? 12.589  -10.722 1.958   1.00 78.50  ? 885  ALA A N   1 
ATOM   782  C  CA  . ALA A 1 142 ? 12.178  -9.373  2.304   1.00 77.02  ? 885  ALA A CA  1 
ATOM   783  C  C   . ALA A 1 142 ? 11.298  -8.934  1.147   1.00 76.17  ? 885  ALA A C   1 
ATOM   784  O  O   . ALA A 1 142 ? 10.422  -8.086  1.312   1.00 76.60  ? 885  ALA A O   1 
ATOM   785  C  CB  . ALA A 1 142 ? 13.393  -8.451  2.419   1.00 76.89  ? 885  ALA A CB  1 
ATOM   786  N  N   . ARG A 1 143 ? 11.551  -9.516  -0.025  1.00 74.78  ? 886  ARG A N   1 
ATOM   787  C  CA  . ARG A 1 143 ? 10.778  -9.218  -1.233  1.00 72.89  ? 886  ARG A CA  1 
ATOM   788  C  C   . ARG A 1 143 ? 9.331   -9.638  -1.011  1.00 71.66  ? 886  ARG A C   1 
ATOM   789  O  O   . ARG A 1 143 ? 8.402   -8.908  -1.359  1.00 71.68  ? 886  ARG A O   1 
ATOM   790  C  CB  . ARG A 1 143 ? 11.352  -9.965  -2.448  1.00 71.77  ? 886  ARG A CB  1 
ATOM   791  C  CG  . ARG A 1 143 ? 12.584  -9.309  -3.031  1.00 71.02  ? 886  ARG A CG  1 
ATOM   792  C  CD  . ARG A 1 143 ? 13.383  -10.293 -3.857  1.00 76.68  ? 886  ARG A CD  1 
ATOM   793  N  NE  . ARG A 1 143 ? 14.743  -9.804  -4.059  1.00 80.02  ? 886  ARG A NE  1 
ATOM   794  C  CZ  . ARG A 1 143 ? 15.755  -10.552 -4.494  1.00 82.13  ? 886  ARG A CZ  1 
ATOM   795  N  NH1 . ARG A 1 143 ? 15.562  -11.838 -4.779  1.00 82.07  ? 886  ARG A NH1 1 
ATOM   796  N  NH2 . ARG A 1 143 ? 16.963  -10.015 -4.633  1.00 80.67  ? 886  ARG A NH2 1 
ATOM   797  N  N   . ARG A 1 144 ? 9.150   -10.819 -0.428  1.00 70.02  ? 887  ARG A N   1 
ATOM   798  C  CA  . ARG A 1 144 ? 7.815   -11.319 -0.148  1.00 68.19  ? 887  ARG A CA  1 
ATOM   799  C  C   . ARG A 1 144 ? 7.094   -10.310 0.741   1.00 66.50  ? 887  ARG A C   1 
ATOM   800  O  O   . ARG A 1 144 ? 5.970   -9.908  0.453   1.00 66.98  ? 887  ARG A O   1 
ATOM   801  C  CB  . ARG A 1 144 ? 7.894   -12.666 0.549   1.00 71.20  ? 887  ARG A CB  1 
ATOM   802  N  N   . ARG A 1 145 ? 7.742   -9.890  1.820   1.00 64.59  ? 888  ARG A N   1 
ATOM   803  C  CA  . ARG A 1 145 ? 7.121   -8.922  2.715   1.00 61.47  ? 888  ARG A CA  1 
ATOM   804  C  C   . ARG A 1 145 ? 6.909   -7.593  2.004   1.00 58.65  ? 888  ARG A C   1 
ATOM   805  O  O   . ARG A 1 145 ? 5.924   -6.894  2.251   1.00 58.58  ? 888  ARG A O   1 
ATOM   806  C  CB  . ARG A 1 145 ? 7.983   -8.680  3.947   1.00 63.99  ? 888  ARG A CB  1 
ATOM   807  C  CG  . ARG A 1 145 ? 7.345   -7.677  4.877   1.00 70.13  ? 888  ARG A CG  1 
ATOM   808  C  CD  . ARG A 1 145 ? 8.338   -7.058  5.834   1.00 75.40  ? 888  ARG A CD  1 
ATOM   809  N  NE  . ARG A 1 145 ? 7.693   -6.023  6.638   1.00 80.76  ? 888  ARG A NE  1 
ATOM   810  C  CZ  . ARG A 1 145 ? 8.168   -5.564  7.790   1.00 83.57  ? 888  ARG A CZ  1 
ATOM   811  N  NH1 . ARG A 1 145 ? 9.299   -6.052  8.279   1.00 82.03  ? 888  ARG A NH1 1 
ATOM   812  N  NH2 . ARG A 1 145 ? 7.519   -4.612  8.452   1.00 84.02  ? 888  ARG A NH2 1 
ATOM   813  N  N   . SER A 1 146 ? 7.848   -7.246  1.133   1.00 55.97  ? 889  SER A N   1 
ATOM   814  C  CA  . SER A 1 146 ? 7.778   -6.003  0.367   1.00 52.73  ? 889  SER A CA  1 
ATOM   815  C  C   . SER A 1 146 ? 6.575   -6.003  -0.573  1.00 51.02  ? 889  SER A C   1 
ATOM   816  O  O   . SER A 1 146 ? 5.951   -4.970  -0.797  1.00 50.55  ? 889  SER A O   1 
ATOM   817  C  CB  . SER A 1 146 ? 9.064   -5.825  -0.442  1.00 54.80  ? 889  SER A CB  1 
ATOM   818  O  OG  . SER A 1 146 ? 8.869   -4.950  -1.544  1.00 59.91  ? 889  SER A OG  1 
ATOM   819  N  N   . ILE A 1 147 ? 6.263   -7.165  -1.129  1.00 47.89  ? 890  ILE A N   1 
ATOM   820  C  CA  . ILE A 1 147 ? 5.132   -7.285  -2.032  1.00 46.45  ? 890  ILE A CA  1 
ATOM   821  C  C   . ILE A 1 147 ? 3.851   -7.017  -1.253  1.00 46.03  ? 890  ILE A C   1 
ATOM   822  O  O   . ILE A 1 147 ? 2.956   -6.307  -1.730  1.00 45.98  ? 890  ILE A O   1 
ATOM   823  C  CB  . ILE A 1 147 ? 5.039   -8.705  -2.647  1.00 44.73  ? 890  ILE A CB  1 
ATOM   824  C  CG1 . ILE A 1 147 ? 6.356   -9.081  -3.334  1.00 46.20  ? 890  ILE A CG1 1 
ATOM   825  C  CG2 . ILE A 1 147 ? 3.907   -8.759  -3.669  1.00 49.30  ? 890  ILE A CG2 1 
ATOM   826  C  CD1 . ILE A 1 147 ? 6.868   -8.042  -4.340  1.00 46.77  ? 890  ILE A CD1 1 
ATOM   827  N  N   . GLY A 1 148 ? 3.773   -7.580  -0.048  1.00 44.87  ? 891  GLY A N   1 
ATOM   828  C  CA  . GLY A 1 148 ? 2.591   -7.404  0.783   1.00 42.54  ? 891  GLY A CA  1 
ATOM   829  C  C   . GLY A 1 148 ? 2.362   -5.953  1.163   1.00 43.62  ? 891  GLY A C   1 
ATOM   830  O  O   . GLY A 1 148 ? 1.222   -5.450  1.090   1.00 43.75  ? 891  GLY A O   1 
ATOM   831  N  N   . ASN A 1 149 ? 3.443   -5.283  1.560   1.00 41.54  ? 892  ASN A N   1 
ATOM   832  C  CA  . ASN A 1 149 ? 3.376   -3.900  1.964   1.00 42.42  ? 892  ASN A CA  1 
ATOM   833  C  C   . ASN A 1 149 ? 2.900   -3.049  0.816   1.00 42.39  ? 892  ASN A C   1 
ATOM   834  O  O   . ASN A 1 149 ? 1.965   -2.257  0.961   1.00 42.57  ? 892  ASN A O   1 
ATOM   835  C  CB  . ASN A 1 149 ? 4.750   -3.406  2.417   1.00 50.89  ? 892  ASN A CB  1 
ATOM   836  C  CG  . ASN A 1 149 ? 4.693   -2.004  3.037   1.00 59.33  ? 892  ASN A CG  1 
ATOM   837  O  OD1 . ASN A 1 149 ? 3.900   -1.745  3.962   1.00 62.44  ? 892  ASN A OD1 1 
ATOM   838  N  ND2 . ASN A 1 149 ? 5.533   -1.093  2.527   1.00 65.45  ? 892  ASN A ND2 1 
ATOM   839  N  N   . ILE A 1 150 ? 3.547   -3.211  -0.333  1.00 41.83  ? 893  ILE A N   1 
ATOM   840  C  CA  . ILE A 1 150 ? 3.184   -2.456  -1.525  1.00 41.42  ? 893  ILE A CA  1 
ATOM   841  C  C   . ILE A 1 150 ? 1.706   -2.680  -1.914  1.00 42.38  ? 893  ILE A C   1 
ATOM   842  O  O   . ILE A 1 150 ? 1.026   -1.754  -2.367  1.00 42.84  ? 893  ILE A O   1 
ATOM   843  C  CB  . ILE A 1 150 ? 4.116   -2.834  -2.689  1.00 40.12  ? 893  ILE A CB  1 
ATOM   844  C  CG1 . ILE A 1 150 ? 5.555   -2.470  -2.305  1.00 43.47  ? 893  ILE A CG1 1 
ATOM   845  C  CG2 . ILE A 1 150 ? 3.710   -2.099  -3.963  1.00 38.09  ? 893  ILE A CG2 1 
ATOM   846  C  CD1 . ILE A 1 150 ? 6.629   -2.981  -3.275  1.00 41.65  ? 893  ILE A CD1 1 
ATOM   847  N  N   . LYS A 1 151 ? 1.205   -3.902  -1.737  1.00 42.83  ? 894  LYS A N   1 
ATOM   848  C  CA  . LYS A 1 151 ? -0.205  -4.179  -2.050  1.00 40.99  ? 894  LYS A CA  1 
ATOM   849  C  C   . LYS A 1 151 ? -1.078  -3.309  -1.161  1.00 41.64  ? 894  LYS A C   1 
ATOM   850  O  O   . LYS A 1 151 ? -2.081  -2.774  -1.608  1.00 43.70  ? 894  LYS A O   1 
ATOM   851  C  CB  . LYS A 1 151 ? -0.564  -5.641  -1.760  1.00 40.97  ? 894  LYS A CB  1 
ATOM   852  C  CG  . LYS A 1 151 ? -2.048  -5.964  -2.011  1.00 42.05  ? 894  LYS A CG  1 
ATOM   853  C  CD  . LYS A 1 151 ? -2.366  -7.425  -1.776  1.00 43.61  ? 894  LYS A CD  1 
ATOM   854  C  CE  . LYS A 1 151 ? -3.857  -7.719  -1.966  1.00 42.26  ? 894  LYS A CE  1 
ATOM   855  N  NZ  . LYS A 1 151 ? -4.290  -7.500  -3.379  1.00 43.03  ? 894  LYS A NZ  1 
ATOM   856  N  N   . PHE A 1 152 ? -0.702  -3.198  0.112   1.00 41.13  ? 895  PHE A N   1 
ATOM   857  C  CA  . PHE A 1 152 ? -1.466  -2.410  1.076   1.00 39.44  ? 895  PHE A CA  1 
ATOM   858  C  C   . PHE A 1 152 ? -1.371  -0.934  0.735   1.00 41.24  ? 895  PHE A C   1 
ATOM   859  O  O   . PHE A 1 152 ? -2.384  -0.235  0.622   1.00 40.69  ? 895  PHE A O   1 
ATOM   860  C  CB  . PHE A 1 152 ? -0.922  -2.666  2.478   1.00 36.34  ? 895  PHE A CB  1 
ATOM   861  C  CG  . PHE A 1 152 ? -1.612  -1.881  3.555   1.00 39.04  ? 895  PHE A CG  1 
ATOM   862  C  CD1 . PHE A 1 152 ? -2.995  -1.789  3.594   1.00 36.66  ? 895  PHE A CD1 1 
ATOM   863  C  CD2 . PHE A 1 152 ? -0.872  -1.234  4.538   1.00 31.83  ? 895  PHE A CD2 1 
ATOM   864  C  CE1 . PHE A 1 152 ? -3.623  -1.047  4.606   1.00 43.29  ? 895  PHE A CE1 1 
ATOM   865  C  CE2 . PHE A 1 152 ? -1.493  -0.495  5.547   1.00 40.07  ? 895  PHE A CE2 1 
ATOM   866  C  CZ  . PHE A 1 152 ? -2.866  -0.402  5.582   1.00 40.57  ? 895  PHE A CZ  1 
ATOM   867  N  N   . ILE A 1 153 ? -0.137  -0.472  0.569   1.00 41.35  ? 896  ILE A N   1 
ATOM   868  C  CA  . ILE A 1 153 ? 0.133   0.911   0.222   1.00 42.25  ? 896  ILE A CA  1 
ATOM   869  C  C   . ILE A 1 153 ? -0.618  1.284   -1.045  1.00 42.58  ? 896  ILE A C   1 
ATOM   870  O  O   . ILE A 1 153 ? -1.096  2.400   -1.181  1.00 45.22  ? 896  ILE A O   1 
ATOM   871  C  CB  . ILE A 1 153 ? 1.657   1.125   0.022   1.00 43.75  ? 896  ILE A CB  1 
ATOM   872  C  CG1 . ILE A 1 153 ? 2.357   1.092   1.371   1.00 43.15  ? 896  ILE A CG1 1 
ATOM   873  C  CG2 . ILE A 1 153 ? 1.934   2.454   -0.635  1.00 44.44  ? 896  ILE A CG2 1 
ATOM   874  C  CD1 . ILE A 1 153 ? 3.870   1.207   1.258   1.00 54.01  ? 896  ILE A CD1 1 
ATOM   875  N  N   . GLY A 1 154 ? -0.731  0.347   -1.973  1.00 44.42  ? 897  GLY A N   1 
ATOM   876  C  CA  . GLY A 1 154 ? -1.447  0.622   -3.209  1.00 44.71  ? 897  GLY A CA  1 
ATOM   877  C  C   . GLY A 1 154 ? -2.942  0.708   -2.961  1.00 46.04  ? 897  GLY A C   1 
ATOM   878  O  O   . GLY A 1 154 ? -3.676  1.421   -3.647  1.00 47.66  ? 897  GLY A O   1 
ATOM   879  N  N   . GLU A 1 155 ? -3.411  -0.041  -1.979  1.00 47.00  ? 898  GLU A N   1 
ATOM   880  C  CA  . GLU A 1 155 ? -4.818  -0.021  -1.630  1.00 47.96  ? 898  GLU A CA  1 
ATOM   881  C  C   . GLU A 1 155 ? -5.112  1.343   -0.970  1.00 48.13  ? 898  GLU A C   1 
ATOM   882  O  O   . GLU A 1 155 ? -6.155  1.958   -1.196  1.00 48.73  ? 898  GLU A O   1 
ATOM   883  C  CB  . GLU A 1 155 ? -5.100  -1.166  -0.665  1.00 50.81  ? 898  GLU A CB  1 
ATOM   884  C  CG  . GLU A 1 155 ? -6.400  -1.859  -0.892  1.00 53.06  ? 898  GLU A CG  1 
ATOM   885  C  CD  . GLU A 1 155 ? -6.624  -2.188  -2.346  1.00 59.38  ? 898  GLU A CD  1 
ATOM   886  O  OE1 . GLU A 1 155 ? -5.802  -2.933  -2.923  1.00 58.77  ? 898  GLU A OE1 1 
ATOM   887  O  OE2 . GLU A 1 155 ? -7.631  -1.695  -2.909  1.00 58.52  ? 898  GLU A OE2 1 
ATOM   888  N  N   . LEU A 1 156 ? -4.185  1.823   -0.156  1.00 48.21  ? 899  LEU A N   1 
ATOM   889  C  CA  . LEU A 1 156 ? -4.387  3.115   0.485   1.00 48.52  ? 899  LEU A CA  1 
ATOM   890  C  C   . LEU A 1 156 ? -4.363  4.211   -0.572  1.00 50.50  ? 899  LEU A C   1 
ATOM   891  O  O   . LEU A 1 156 ? -5.187  5.133   -0.545  1.00 51.34  ? 899  LEU A O   1 
ATOM   892  C  CB  . LEU A 1 156 ? -3.302  3.379   1.523   1.00 44.93  ? 899  LEU A CB  1 
ATOM   893  C  CG  . LEU A 1 156 ? -3.405  2.622   2.848   1.00 45.97  ? 899  LEU A CG  1 
ATOM   894  C  CD1 . LEU A 1 156 ? -2.242  2.999   3.744   1.00 35.25  ? 899  LEU A CD1 1 
ATOM   895  C  CD2 . LEU A 1 156 ? -4.713  2.962   3.528   1.00 46.60  ? 899  LEU A CD2 1 
ATOM   896  N  N   . PHE A 1 157 ? -3.420  4.116   -1.510  1.00 50.51  ? 900  PHE A N   1 
ATOM   897  C  CA  . PHE A 1 157 ? -3.311  5.127   -2.563  1.00 50.73  ? 900  PHE A CA  1 
ATOM   898  C  C   . PHE A 1 157 ? -4.577  5.200   -3.415  1.00 52.17  ? 900  PHE A C   1 
ATOM   899  O  O   . PHE A 1 157 ? -4.901  6.252   -3.961  1.00 52.82  ? 900  PHE A O   1 
ATOM   900  C  CB  . PHE A 1 157 ? -2.106  4.830   -3.466  1.00 47.61  ? 900  PHE A CB  1 
ATOM   901  C  CG  . PHE A 1 157 ? -2.045  5.687   -4.703  1.00 48.16  ? 900  PHE A CG  1 
ATOM   902  C  CD1 . PHE A 1 157 ? -1.492  6.959   -4.663  1.00 48.54  ? 900  PHE A CD1 1 
ATOM   903  C  CD2 . PHE A 1 157 ? -2.559  5.223   -5.910  1.00 45.98  ? 900  PHE A CD2 1 
ATOM   904  C  CE1 . PHE A 1 157 ? -1.450  7.761   -5.814  1.00 48.25  ? 900  PHE A CE1 1 
ATOM   905  C  CE2 . PHE A 1 157 ? -2.523  6.015   -7.060  1.00 45.91  ? 900  PHE A CE2 1 
ATOM   906  C  CZ  . PHE A 1 157 ? -1.968  7.288   -7.010  1.00 43.16  ? 900  PHE A CZ  1 
ATOM   907  N  N   . LYS A 1 158 ? -5.299  4.090   -3.530  1.00 53.53  ? 901  LYS A N   1 
ATOM   908  C  CA  . LYS A 1 158 ? -6.501  4.077   -4.349  1.00 54.55  ? 901  LYS A CA  1 
ATOM   909  C  C   . LYS A 1 158 ? -7.673  4.763   -3.686  1.00 56.09  ? 901  LYS A C   1 
ATOM   910  O  O   . LYS A 1 158 ? -8.720  4.950   -4.297  1.00 56.31  ? 901  LYS A O   1 
ATOM   911  C  CB  . LYS A 1 158 ? -6.876  2.645   -4.709  1.00 54.16  ? 901  LYS A CB  1 
ATOM   912  C  CG  . LYS A 1 158 ? -5.940  2.036   -5.745  1.00 53.68  ? 901  LYS A CG  1 
ATOM   913  C  CD  . LYS A 1 158 ? -6.501  0.743   -6.302  1.00 57.11  ? 901  LYS A CD  1 
ATOM   914  C  CE  . LYS A 1 158 ? -5.879  -0.481  -5.662  1.00 54.38  ? 901  LYS A CE  1 
ATOM   915  N  NZ  . LYS A 1 158 ? -6.438  -1.706  -6.308  1.00 58.42  ? 901  LYS A NZ  1 
ATOM   916  N  N   . LEU A 1 159 ? -7.500  5.122   -2.422  1.00 57.69  ? 902  LEU A N   1 
ATOM   917  C  CA  . LEU A 1 159 ? -8.549  5.797   -1.688  1.00 58.26  ? 902  LEU A CA  1 
ATOM   918  C  C   . LEU A 1 159 ? -8.086  7.218   -1.370  1.00 59.28  ? 902  LEU A C   1 
ATOM   919  O  O   . LEU A 1 159 ? -8.597  7.863   -0.465  1.00 61.52  ? 902  LEU A O   1 
ATOM   920  C  CB  . LEU A 1 159 ? -8.886  5.013   -0.416  1.00 57.56  ? 902  LEU A CB  1 
ATOM   921  C  CG  . LEU A 1 159 ? -9.490  3.620   -0.653  1.00 54.98  ? 902  LEU A CG  1 
ATOM   922  C  CD1 . LEU A 1 159 ? -9.622  2.875   0.668   1.00 53.74  ? 902  LEU A CD1 1 
ATOM   923  C  CD2 . LEU A 1 159 ? -10.846 3.749   -1.316  1.00 53.60  ? 902  LEU A CD2 1 
ATOM   924  N  N   . LYS A 1 160 ? -7.098  7.686   -2.126  1.00 60.17  ? 903  LYS A N   1 
ATOM   925  C  CA  . LYS A 1 160 ? -6.571  9.039   -2.001  1.00 60.01  ? 903  LYS A CA  1 
ATOM   926  C  C   . LYS A 1 160 ? -5.845  9.406   -0.704  1.00 60.30  ? 903  LYS A C   1 
ATOM   927  O  O   . LYS A 1 160 ? -5.568  10.583  -0.458  1.00 60.49  ? 903  LYS A O   1 
ATOM   928  C  CB  . LYS A 1 160 ? -7.695  10.040  -2.267  1.00 60.60  ? 903  LYS A CB  1 
HETATM 929  N  N   . MSE A 1 161 ? -5.505  8.421   0.115   1.00 59.91  ? 904  MSE A N   1 
HETATM 930  C  CA  . MSE A 1 161 ? -4.814  8.732   1.356   1.00 59.78  ? 904  MSE A CA  1 
HETATM 931  C  C   . MSE A 1 161 ? -3.300  8.780   1.218   1.00 59.74  ? 904  MSE A C   1 
HETATM 932  O  O   . MSE A 1 161 ? -2.586  9.088   2.171   1.00 60.36  ? 904  MSE A O   1 
HETATM 933  C  CB  . MSE A 1 161 ? -5.236  7.740   2.431   1.00 60.72  ? 904  MSE A CB  1 
HETATM 934  C  CG  . MSE A 1 161 ? -6.713  7.868   2.716   1.00 63.16  ? 904  MSE A CG  1 
HETATM 935  SE SE  . MSE A 1 161 ? -7.354  6.597   3.954   1.00 67.01  ? 904  MSE A SE  1 
HETATM 936  C  CE  . MSE A 1 161 ? -7.485  5.130   2.733   1.00 66.25  ? 904  MSE A CE  1 
ATOM   937  N  N   . LEU A 1 162 ? -2.805  8.485   0.029   1.00 59.56  ? 905  LEU A N   1 
ATOM   938  C  CA  . LEU A 1 162 ? -1.374  8.518   -0.193  1.00 59.32  ? 905  LEU A CA  1 
ATOM   939  C  C   . LEU A 1 162 ? -1.045  9.298   -1.449  1.00 60.72  ? 905  LEU A C   1 
ATOM   940  O  O   . LEU A 1 162 ? -1.911  9.515   -2.314  1.00 60.63  ? 905  LEU A O   1 
ATOM   941  C  CB  . LEU A 1 162 ? -0.824  7.103   -0.287  1.00 58.88  ? 905  LEU A CB  1 
ATOM   942  C  CG  . LEU A 1 162 ? -0.899  6.334   1.033   1.00 56.53  ? 905  LEU A CG  1 
ATOM   943  C  CD1 . LEU A 1 162 ? -0.269  4.960   0.864   1.00 53.40  ? 905  LEU A CD1 1 
ATOM   944  C  CD2 . LEU A 1 162 ? -0.184  7.132   2.129   1.00 52.93  ? 905  LEU A CD2 1 
ATOM   945  N  N   . THR A 1 163 ? 0.217   9.708   -1.538  1.00 61.19  ? 906  THR A N   1 
ATOM   946  C  CA  . THR A 1 163 ? 0.724   10.511  -2.650  1.00 61.80  ? 906  THR A CA  1 
ATOM   947  C  C   . THR A 1 163 ? 1.282   9.694   -3.814  1.00 61.45  ? 906  THR A C   1 
ATOM   948  O  O   . THR A 1 163 ? 1.834   8.610   -3.620  1.00 60.65  ? 906  THR A O   1 
ATOM   949  C  CB  . THR A 1 163 ? 1.842   11.469  -2.157  1.00 63.09  ? 906  THR A CB  1 
ATOM   950  O  OG1 . THR A 1 163 ? 2.988   10.701  -1.748  1.00 63.48  ? 906  THR A OG1 1 
ATOM   951  C  CG2 . THR A 1 163 ? 1.345   12.287  -0.967  1.00 65.25  ? 906  THR A CG2 1 
ATOM   952  N  N   . GLU A 1 164 ? 1.143   10.239  -5.021  1.00 60.95  ? 907  GLU A N   1 
ATOM   953  C  CA  . GLU A 1 164 ? 1.639   9.581   -6.221  1.00 61.26  ? 907  GLU A CA  1 
ATOM   954  C  C   . GLU A 1 164 ? 3.148   9.398   -6.095  1.00 59.98  ? 907  GLU A C   1 
ATOM   955  O  O   . GLU A 1 164 ? 3.739   8.495   -6.687  1.00 59.61  ? 907  GLU A O   1 
ATOM   956  C  CB  . GLU A 1 164 ? 1.291   10.433  -7.435  1.00 62.81  ? 907  GLU A CB  1 
ATOM   957  C  CG  . GLU A 1 164 ? -0.158  10.883  -7.368  1.00 72.41  ? 907  GLU A CG  1 
ATOM   958  C  CD  . GLU A 1 164 ? -0.537  11.867  -8.446  1.00 76.84  ? 907  GLU A CD  1 
ATOM   959  O  OE1 . GLU A 1 164 ? -0.584  11.466  -9.631  1.00 81.72  ? 907  GLU A OE1 1 
ATOM   960  O  OE2 . GLU A 1 164 ? -0.790  13.046  -8.104  1.00 80.00  ? 907  GLU A OE2 1 
ATOM   961  N  N   . ALA A 1 165 ? 3.766   10.251  -5.291  1.00 58.93  ? 908  ALA A N   1 
ATOM   962  C  CA  . ALA A 1 165 ? 5.198   10.173  -5.100  1.00 57.73  ? 908  ALA A CA  1 
ATOM   963  C  C   . ALA A 1 165 ? 5.602   8.855   -4.449  1.00 57.11  ? 908  ALA A C   1 
ATOM   964  O  O   . ALA A 1 165 ? 6.630   8.285   -4.795  1.00 58.11  ? 908  ALA A O   1 
ATOM   965  C  CB  . ALA A 1 165 ? 5.674   11.357  -4.257  1.00 57.29  ? 908  ALA A CB  1 
ATOM   966  N  N   . ILE A 1 166 ? 4.795   8.366   -3.513  1.00 57.04  ? 909  ILE A N   1 
ATOM   967  C  CA  . ILE A 1 166 ? 5.114   7.114   -2.827  1.00 56.22  ? 909  ILE A CA  1 
ATOM   968  C  C   . ILE A 1 166 ? 4.876   5.913   -3.757  1.00 54.48  ? 909  ILE A C   1 
ATOM   969  O  O   . ILE A 1 166 ? 5.484   4.843   -3.609  1.00 53.58  ? 909  ILE A O   1 
ATOM   970  C  CB  . ILE A 1 166 ? 4.279   6.971   -1.508  1.00 58.81  ? 909  ILE A CB  1 
ATOM   971  C  CG1 . ILE A 1 166 ? 4.917   5.926   -0.578  1.00 60.61  ? 909  ILE A CG1 1 
ATOM   972  C  CG2 . ILE A 1 166 ? 2.861   6.540   -1.821  1.00 62.41  ? 909  ILE A CG2 1 
ATOM   973  C  CD1 . ILE A 1 166 ? 6.264   6.343   -0.015  1.00 66.72  ? 909  ILE A CD1 1 
HETATM 974  N  N   . MSE A 1 167 ? 4.001   6.094   -4.734  1.00 53.72  ? 910  MSE A N   1 
HETATM 975  C  CA  . MSE A 1 167 ? 3.727   5.018   -5.676  1.00 53.16  ? 910  MSE A CA  1 
HETATM 976  C  C   . MSE A 1 167 ? 4.952   4.784   -6.561  1.00 53.79  ? 910  MSE A C   1 
HETATM 977  O  O   . MSE A 1 167 ? 5.275   3.632   -6.888  1.00 54.58  ? 910  MSE A O   1 
HETATM 978  C  CB  . MSE A 1 167 ? 2.502   5.355   -6.523  1.00 53.01  ? 910  MSE A CB  1 
HETATM 979  C  CG  . MSE A 1 167 ? 1.203   5.372   -5.723  1.00 55.06  ? 910  MSE A CG  1 
HETATM 980  SE SE  . MSE A 1 167 ? 1.003   3.788   -4.588  1.00 66.38  ? 910  MSE A SE  1 
HETATM 981  C  CE  . MSE A 1 167 ? 0.176   2.607   -5.836  1.00 50.98  ? 910  MSE A CE  1 
ATOM   982  N  N   . HIS A 1 168 ? 5.629   5.879   -6.929  1.00 52.31  ? 911  HIS A N   1 
ATOM   983  C  CA  . HIS A 1 168 ? 6.833   5.825   -7.751  1.00 51.05  ? 911  HIS A CA  1 
ATOM   984  C  C   . HIS A 1 168 ? 7.905   5.042   -7.006  1.00 51.64  ? 911  HIS A C   1 
ATOM   985  O  O   . HIS A 1 168 ? 8.679   4.279   -7.605  1.00 52.14  ? 911  HIS A O   1 
ATOM   986  C  CB  . HIS A 1 168 ? 7.336   7.244   -8.040  1.00 51.88  ? 911  HIS A CB  1 
ATOM   987  C  CG  . HIS A 1 168 ? 6.628   7.921   -9.175  1.00 51.11  ? 911  HIS A CG  1 
ATOM   988  N  ND1 . HIS A 1 168 ? 6.937   7.673   -10.496 1.00 49.83  ? 911  HIS A ND1 1 
ATOM   989  C  CD2 . HIS A 1 168 ? 5.582   8.786   -9.190  1.00 49.12  ? 911  HIS A CD2 1 
ATOM   990  C  CE1 . HIS A 1 168 ? 6.108   8.351   -11.274 1.00 51.86  ? 911  HIS A CE1 1 
ATOM   991  N  NE2 . HIS A 1 168 ? 5.276   9.031   -10.507 1.00 50.59  ? 911  HIS A NE2 1 
ATOM   992  N  N   . ASP A 1 169 ? 7.965   5.240   -5.696  1.00 50.66  ? 912  ASP A N   1 
ATOM   993  C  CA  . ASP A 1 169 ? 8.923   4.518   -4.882  1.00 51.28  ? 912  ASP A CA  1 
ATOM   994  C  C   . ASP A 1 169 ? 8.636   3.028   -5.062  1.00 51.65  ? 912  ASP A C   1 
ATOM   995  O  O   . ASP A 1 169 ? 9.557   2.219   -5.236  1.00 52.00  ? 912  ASP A O   1 
ATOM   996  C  CB  . ASP A 1 169 ? 8.757   4.871   -3.397  1.00 54.90  ? 912  ASP A CB  1 
ATOM   997  C  CG  . ASP A 1 169 ? 9.533   6.115   -2.979  1.00 58.99  ? 912  ASP A CG  1 
ATOM   998  O  OD1 . ASP A 1 169 ? 10.305  6.657   -3.805  1.00 58.01  ? 912  ASP A OD1 1 
ATOM   999  O  OD2 . ASP A 1 169 ? 9.369   6.542   -1.805  1.00 61.49  ? 912  ASP A OD2 1 
ATOM   1000 N  N   . CYS A 1 170 ? 7.349   2.674   -5.004  1.00 51.53  ? 913  CYS A N   1 
ATOM   1001 C  CA  . CYS A 1 170 ? 6.915   1.279   -5.139  1.00 50.48  ? 913  CYS A CA  1 
ATOM   1002 C  C   . CYS A 1 170 ? 7.353   0.687   -6.475  1.00 50.53  ? 913  CYS A C   1 
ATOM   1003 O  O   . CYS A 1 170 ? 7.927   -0.401  -6.524  1.00 50.49  ? 913  CYS A O   1 
ATOM   1004 C  CB  . CYS A 1 170 ? 5.393   1.180   -5.023  1.00 49.49  ? 913  CYS A CB  1 
ATOM   1005 S  SG  . CYS A 1 170 ? 4.693   1.603   -3.412  1.00 53.54  ? 913  CYS A SG  1 
ATOM   1006 N  N   . VAL A 1 171 ? 7.061   1.406   -7.554  1.00 50.39  ? 914  VAL A N   1 
ATOM   1007 C  CA  . VAL A 1 171 ? 7.422   0.970   -8.898  1.00 50.40  ? 914  VAL A CA  1 
ATOM   1008 C  C   . VAL A 1 171 ? 8.921   0.717   -8.994  1.00 51.40  ? 914  VAL A C   1 
ATOM   1009 O  O   . VAL A 1 171 ? 9.341   -0.344  -9.442  1.00 51.90  ? 914  VAL A O   1 
ATOM   1010 C  CB  . VAL A 1 171 ? 7.017   2.025   -9.944  1.00 49.35  ? 914  VAL A CB  1 
ATOM   1011 C  CG1 . VAL A 1 171 ? 7.656   1.714   -11.273 1.00 47.71  ? 914  VAL A CG1 1 
ATOM   1012 C  CG2 . VAL A 1 171 ? 5.508   2.043   -10.092 1.00 46.85  ? 914  VAL A CG2 1 
ATOM   1013 N  N   . VAL A 1 172 ? 9.718   1.698   -8.572  1.00 52.72  ? 915  VAL A N   1 
ATOM   1014 C  CA  . VAL A 1 172 ? 11.178  1.589   -8.590  1.00 52.75  ? 915  VAL A CA  1 
ATOM   1015 C  C   . VAL A 1 172 ? 11.624  0.364   -7.789  1.00 54.08  ? 915  VAL A C   1 
ATOM   1016 O  O   . VAL A 1 172 ? 12.548  -0.347  -8.189  1.00 55.31  ? 915  VAL A O   1 
ATOM   1017 C  CB  . VAL A 1 172 ? 11.838  2.850   -7.967  1.00 55.61  ? 915  VAL A CB  1 
ATOM   1018 C  CG1 . VAL A 1 172 ? 13.330  2.594   -7.715  1.00 52.45  ? 915  VAL A CG1 1 
ATOM   1019 C  CG2 . VAL A 1 172 ? 11.646  4.051   -8.899  1.00 51.54  ? 915  VAL A CG2 1 
ATOM   1020 N  N   . LYS A 1 173 ? 10.969  0.123   -6.655  1.00 53.85  ? 916  LYS A N   1 
ATOM   1021 C  CA  . LYS A 1 173 ? 11.292  -1.021  -5.813  1.00 53.91  ? 916  LYS A CA  1 
ATOM   1022 C  C   . LYS A 1 173 ? 10.956  -2.332  -6.532  1.00 54.36  ? 916  LYS A C   1 
ATOM   1023 O  O   . LYS A 1 173 ? 11.687  -3.327  -6.423  1.00 54.90  ? 916  LYS A O   1 
ATOM   1024 C  CB  . LYS A 1 173 ? 10.520  -0.921  -4.493  1.00 55.29  ? 916  LYS A CB  1 
ATOM   1025 C  CG  . LYS A 1 173 ? 10.622  -2.142  -3.569  1.00 58.70  ? 916  LYS A CG  1 
ATOM   1026 C  CD  . LYS A 1 173 ? 12.051  -2.454  -3.143  1.00 62.39  ? 916  LYS A CD  1 
ATOM   1027 C  CE  . LYS A 1 173 ? 12.099  -3.703  -2.250  1.00 62.69  ? 916  LYS A CE  1 
ATOM   1028 N  NZ  . LYS A 1 173 ? 13.496  -4.142  -1.919  1.00 61.04  ? 916  LYS A NZ  1 
ATOM   1029 N  N   . LEU A 1 174 ? 9.853   -2.338  -7.275  1.00 53.71  ? 917  LEU A N   1 
ATOM   1030 C  CA  . LEU A 1 174 ? 9.459   -3.543  -7.993  1.00 53.29  ? 917  LEU A CA  1 
ATOM   1031 C  C   . LEU A 1 174 ? 10.405  -3.850  -9.159  1.00 54.00  ? 917  LEU A C   1 
ATOM   1032 O  O   . LEU A 1 174 ? 10.736  -5.009  -9.402  1.00 53.27  ? 917  LEU A O   1 
ATOM   1033 C  CB  . LEU A 1 174 ? 8.007   -3.412  -8.485  1.00 52.12  ? 917  LEU A CB  1 
ATOM   1034 C  CG  . LEU A 1 174 ? 6.974   -3.443  -7.347  1.00 45.99  ? 917  LEU A CG  1 
ATOM   1035 C  CD1 . LEU A 1 174 ? 5.589   -3.160  -7.885  1.00 39.90  ? 917  LEU A CD1 1 
ATOM   1036 C  CD2 . LEU A 1 174 ? 7.033   -4.801  -6.642  1.00 42.66  ? 917  LEU A CD2 1 
ATOM   1037 N  N   . LEU A 1 175 ? 10.839  -2.810  -9.871  1.00 53.88  ? 918  LEU A N   1 
ATOM   1038 C  CA  . LEU A 1 175 ? 11.760  -2.981  -10.991 1.00 54.90  ? 918  LEU A CA  1 
ATOM   1039 C  C   . LEU A 1 175 ? 13.128  -3.416  -10.482 1.00 56.53  ? 918  LEU A C   1 
ATOM   1040 O  O   . LEU A 1 175 ? 13.823  -4.200  -11.133 1.00 57.23  ? 918  LEU A O   1 
ATOM   1041 C  CB  . LEU A 1 175 ? 11.881  -1.676  -11.789 1.00 51.57  ? 918  LEU A CB  1 
ATOM   1042 C  CG  . LEU A 1 175 ? 10.719  -1.434  -12.766 1.00 51.15  ? 918  LEU A CG  1 
ATOM   1043 C  CD1 . LEU A 1 175 ? 10.742  -0.012  -13.289 1.00 44.56  ? 918  LEU A CD1 1 
ATOM   1044 C  CD2 . LEU A 1 175 ? 10.797  -2.450  -13.911 1.00 45.37  ? 918  LEU A CD2 1 
ATOM   1045 N  N   . LYS A 1 176 ? 13.512  -2.905  -9.317  1.00 57.54  ? 919  LYS A N   1 
ATOM   1046 C  CA  . LYS A 1 176 ? 14.786  -3.262  -8.722  1.00 58.38  ? 919  LYS A CA  1 
ATOM   1047 C  C   . LYS A 1 176 ? 14.854  -4.783  -8.611  1.00 59.33  ? 919  LYS A C   1 
ATOM   1048 O  O   . LYS A 1 176 ? 15.805  -5.395  -9.097  1.00 59.45  ? 919  LYS A O   1 
ATOM   1049 C  CB  . LYS A 1 176 ? 14.921  -2.622  -7.354  1.00 60.56  ? 919  LYS A CB  1 
ATOM   1050 N  N   . ASN A 1 177 ? 13.859  -5.400  -7.969  1.00 59.88  ? 920  ASN A N   1 
ATOM   1051 C  CA  . ASN A 1 177 ? 13.846  -6.865  -7.865  1.00 60.74  ? 920  ASN A CA  1 
ATOM   1052 C  C   . ASN A 1 177 ? 13.090  -7.339  -9.101  1.00 60.76  ? 920  ASN A C   1 
ATOM   1053 O  O   . ASN A 1 177 ? 11.878  -7.137  -9.201  1.00 62.00  ? 920  ASN A O   1 
ATOM   1054 C  CB  . ASN A 1 177 ? 13.107  -7.370  -6.607  1.00 62.56  ? 920  ASN A CB  1 
ATOM   1055 C  CG  . ASN A 1 177 ? 12.788  -6.265  -5.599  1.00 68.30  ? 920  ASN A CG  1 
ATOM   1056 O  OD1 . ASN A 1 177 ? 13.526  -5.285  -5.471  1.00 72.05  ? 920  ASN A OD1 1 
ATOM   1057 N  ND2 . ASN A 1 177 ? 11.687  -6.442  -4.851  1.00 66.02  ? 920  ASN A ND2 1 
ATOM   1058 N  N   . HIS A 1 178 ? 13.787  -7.960  -10.044 1.00 60.26  ? 921  HIS A N   1 
ATOM   1059 C  CA  . HIS A 1 178 ? 13.142  -8.410  -11.274 1.00 59.10  ? 921  HIS A CA  1 
ATOM   1060 C  C   . HIS A 1 178 ? 12.627  -9.843  -11.222 1.00 56.58  ? 921  HIS A C   1 
ATOM   1061 O  O   . HIS A 1 178 ? 12.667  -10.556 -12.234 1.00 57.08  ? 921  HIS A O   1 
ATOM   1062 C  CB  . HIS A 1 178 ? 14.125  -8.273  -12.439 1.00 66.71  ? 921  HIS A CB  1 
ATOM   1063 C  CG  . HIS A 1 178 ? 15.332  -9.147  -12.299 1.00 78.17  ? 921  HIS A CG  1 
ATOM   1064 N  ND1 . HIS A 1 178 ? 16.092  -9.182  -11.146 1.00 82.38  ? 921  HIS A ND1 1 
ATOM   1065 C  CD2 . HIS A 1 178 ? 15.893  -10.044 -13.146 1.00 83.72  ? 921  HIS A CD2 1 
ATOM   1066 C  CE1 . HIS A 1 178 ? 17.066  -10.064 -11.290 1.00 85.68  ? 921  HIS A CE1 1 
ATOM   1067 N  NE2 . HIS A 1 178 ? 16.968  -10.602 -12.495 1.00 88.16  ? 921  HIS A NE2 1 
ATOM   1068 N  N   . ASP A 1 179 ? 12.139  -10.279 -10.066 1.00 53.55  ? 922  ASP A N   1 
ATOM   1069 C  CA  . ASP A 1 179 ? 11.626  -11.643 -9.970  1.00 52.54  ? 922  ASP A CA  1 
ATOM   1070 C  C   . ASP A 1 179 ? 10.155  -11.693 -10.427 1.00 51.45  ? 922  ASP A C   1 
ATOM   1071 O  O   . ASP A 1 179 ? 9.466   -10.677 -10.385 1.00 52.39  ? 922  ASP A O   1 
ATOM   1072 C  CB  . ASP A 1 179 ? 11.753  -12.154 -8.527  1.00 52.31  ? 922  ASP A CB  1 
ATOM   1073 C  CG  . ASP A 1 179 ? 10.871  -11.392 -7.561  1.00 53.13  ? 922  ASP A CG  1 
ATOM   1074 O  OD1 . ASP A 1 179 ? 11.121  -10.185 -7.344  1.00 53.39  ? 922  ASP A OD1 1 
ATOM   1075 O  OD2 . ASP A 1 179 ? 9.919   -11.998 -7.024  1.00 55.08  ? 922  ASP A OD2 1 
ATOM   1076 N  N   . GLU A 1 180 ? 9.678   -12.856 -10.869 1.00 49.97  ? 923  GLU A N   1 
ATOM   1077 C  CA  . GLU A 1 180 ? 8.284   -12.977 -11.311 1.00 50.62  ? 923  GLU A CA  1 
ATOM   1078 C  C   . GLU A 1 180 ? 7.287   -12.269 -10.400 1.00 48.94  ? 923  GLU A C   1 
ATOM   1079 O  O   . GLU A 1 180 ? 6.505   -11.441 -10.868 1.00 49.71  ? 923  GLU A O   1 
ATOM   1080 C  CB  . GLU A 1 180 ? 7.865   -14.442 -11.438 1.00 53.90  ? 923  GLU A CB  1 
ATOM   1081 C  CG  . GLU A 1 180 ? 8.056   -15.003 -12.826 1.00 67.25  ? 923  GLU A CG  1 
ATOM   1082 C  CD  . GLU A 1 180 ? 7.535   -16.423 -12.956 1.00 75.09  ? 923  GLU A CD  1 
ATOM   1083 O  OE1 . GLU A 1 180 ? 6.394   -16.693 -12.499 1.00 76.91  ? 923  GLU A OE1 1 
ATOM   1084 O  OE2 . GLU A 1 180 ? 8.270   -17.263 -13.528 1.00 80.82  ? 923  GLU A OE2 1 
ATOM   1085 N  N   . GLU A 1 181 ? 7.307   -12.581 -9.106  1.00 47.84  ? 924  GLU A N   1 
ATOM   1086 C  CA  . GLU A 1 181 ? 6.381   -11.943 -8.171  1.00 47.13  ? 924  GLU A CA  1 
ATOM   1087 C  C   . GLU A 1 181 ? 6.394   -10.434 -8.208  1.00 45.33  ? 924  GLU A C   1 
ATOM   1088 O  O   . GLU A 1 181 ? 5.347   -9.793  -8.198  1.00 44.94  ? 924  GLU A O   1 
ATOM   1089 C  CB  . GLU A 1 181 ? 6.660   -12.374 -6.742  1.00 49.76  ? 924  GLU A CB  1 
ATOM   1090 C  CG  . GLU A 1 181 ? 5.989   -13.652 -6.408  1.00 61.41  ? 924  GLU A CG  1 
ATOM   1091 C  CD  . GLU A 1 181 ? 5.959   -13.917 -4.929  1.00 69.65  ? 924  GLU A CD  1 
ATOM   1092 O  OE1 . GLU A 1 181 ? 5.219   -13.195 -4.209  1.00 67.43  ? 924  GLU A OE1 1 
ATOM   1093 O  OE2 . GLU A 1 181 ? 6.682   -14.852 -4.499  1.00 73.39  ? 924  GLU A OE2 1 
ATOM   1094 N  N   . SER A 1 182 ? 7.585   -9.863  -8.234  1.00 44.62  ? 925  SER A N   1 
ATOM   1095 C  CA  . SER A 1 182 ? 7.695   -8.425  -8.255  1.00 43.56  ? 925  SER A CA  1 
ATOM   1096 C  C   . SER A 1 182 ? 7.131   -7.879  -9.541  1.00 42.87  ? 925  SER A C   1 
ATOM   1097 O  O   . SER A 1 182 ? 6.367   -6.912  -9.529  1.00 43.02  ? 925  SER A O   1 
ATOM   1098 C  CB  . SER A 1 182 ? 9.155   -8.016  -8.084  1.00 45.32  ? 925  SER A CB  1 
ATOM   1099 O  OG  . SER A 1 182 ? 9.568   -8.221  -6.735  1.00 56.00  ? 925  SER A OG  1 
ATOM   1100 N  N   . LEU A 1 183 ? 7.492   -8.510  -10.659 1.00 43.36  ? 926  LEU A N   1 
ATOM   1101 C  CA  . LEU A 1 183 ? 7.016   -8.071  -11.969 1.00 40.54  ? 926  LEU A CA  1 
ATOM   1102 C  C   . LEU A 1 183 ? 5.508   -8.147  -12.082 1.00 40.69  ? 926  LEU A C   1 
ATOM   1103 O  O   . LEU A 1 183 ? 4.887   -7.231  -12.628 1.00 41.34  ? 926  LEU A O   1 
ATOM   1104 C  CB  . LEU A 1 183 ? 7.647   -8.908  -13.074 1.00 40.34  ? 926  LEU A CB  1 
ATOM   1105 C  CG  . LEU A 1 183 ? 9.152   -8.665  -13.191 1.00 42.67  ? 926  LEU A CG  1 
ATOM   1106 C  CD1 . LEU A 1 183 ? 9.668   -9.445  -14.385 1.00 39.14  ? 926  LEU A CD1 1 
ATOM   1107 C  CD2 . LEU A 1 183 ? 9.438   -7.160  -13.369 1.00 38.13  ? 926  LEU A CD2 1 
ATOM   1108 N  N   . GLU A 1 184 ? 4.910   -9.225  -11.572 1.00 39.05  ? 927  GLU A N   1 
ATOM   1109 C  CA  . GLU A 1 184 ? 3.461   -9.349  -11.653 1.00 38.00  ? 927  GLU A CA  1 
ATOM   1110 C  C   . GLU A 1 184 ? 2.808   -8.295  -10.801 1.00 39.10  ? 927  GLU A C   1 
ATOM   1111 O  O   . GLU A 1 184 ? 1.795   -7.720  -11.186 1.00 42.83  ? 927  GLU A O   1 
ATOM   1112 C  CB  . GLU A 1 184 ? 2.967   -10.727 -11.213 1.00 34.55  ? 927  GLU A CB  1 
ATOM   1113 C  CG  . GLU A 1 184 ? 1.425   -10.829 -11.380 1.00 33.29  ? 927  GLU A CG  1 
ATOM   1114 C  CD  . GLU A 1 184 ? 0.928   -12.248 -11.478 1.00 36.28  ? 927  GLU A CD  1 
ATOM   1115 O  OE1 . GLU A 1 184 ? 1.770   -13.158 -11.269 1.00 36.38  ? 927  GLU A OE1 1 
ATOM   1116 O  OE2 . GLU A 1 184 ? -0.292  -12.450 -11.750 1.00 37.48  ? 927  GLU A OE2 1 
ATOM   1117 N  N   . CYS A 1 185 ? 3.382   -8.038  -9.634  1.00 40.09  ? 928  CYS A N   1 
ATOM   1118 C  CA  . CYS A 1 185 ? 2.863   -7.006  -8.739  1.00 40.35  ? 928  CYS A CA  1 
ATOM   1119 C  C   . CYS A 1 185 ? 2.915   -5.677  -9.487  1.00 41.24  ? 928  CYS A C   1 
ATOM   1120 O  O   . CYS A 1 185 ? 1.980   -4.876  -9.416  1.00 42.70  ? 928  CYS A O   1 
ATOM   1121 C  CB  . CYS A 1 185 ? 3.732   -6.931  -7.492  1.00 40.34  ? 928  CYS A CB  1 
ATOM   1122 S  SG  . CYS A 1 185 ? 3.203   -5.716  -6.280  1.00 49.93  ? 928  CYS A SG  1 
ATOM   1123 N  N   . LEU A 1 186 ? 4.003   -5.463  -10.228 1.00 39.71  ? 929  LEU A N   1 
ATOM   1124 C  CA  . LEU A 1 186 ? 4.208   -4.238  -11.003 1.00 40.12  ? 929  LEU A CA  1 
ATOM   1125 C  C   . LEU A 1 186 ? 3.164   -4.093  -12.103 1.00 41.88  ? 929  LEU A C   1 
ATOM   1126 O  O   . LEU A 1 186 ? 2.630   -2.999  -12.343 1.00 42.75  ? 929  LEU A O   1 
ATOM   1127 C  CB  . LEU A 1 186 ? 5.600   -4.253  -11.658 1.00 39.75  ? 929  LEU A CB  1 
ATOM   1128 C  CG  . LEU A 1 186 ? 5.961   -3.084  -12.589 1.00 42.23  ? 929  LEU A CG  1 
ATOM   1129 C  CD1 . LEU A 1 186 ? 5.959   -1.750  -11.801 1.00 35.35  ? 929  LEU A CD1 1 
ATOM   1130 C  CD2 . LEU A 1 186 ? 7.319   -3.333  -13.210 1.00 36.53  ? 929  LEU A CD2 1 
ATOM   1131 N  N   . CYS A 1 187 ? 2.895   -5.203  -12.781 1.00 41.61  ? 930  CYS A N   1 
ATOM   1132 C  CA  . CYS A 1 187 ? 1.947   -5.221  -13.863 1.00 40.45  ? 930  CYS A CA  1 
ATOM   1133 C  C   . CYS A 1 187 ? 0.536   -4.965  -13.369 1.00 43.10  ? 930  CYS A C   1 
ATOM   1134 O  O   . CYS A 1 187 ? -0.244  -4.236  -14.016 1.00 43.93  ? 930  CYS A O   1 
ATOM   1135 C  CB  . CYS A 1 187 ? 2.016   -6.562  -14.574 1.00 39.02  ? 930  CYS A CB  1 
ATOM   1136 S  SG  . CYS A 1 187 ? 3.458   -6.713  -15.640 1.00 43.70  ? 930  CYS A SG  1 
ATOM   1137 N  N   . ARG A 1 188 ? 0.195   -5.575  -12.240 1.00 41.14  ? 931  ARG A N   1 
ATOM   1138 C  CA  . ARG A 1 188 ? -1.124  -5.382  -11.690 1.00 40.86  ? 931  ARG A CA  1 
ATOM   1139 C  C   . ARG A 1 188 ? -1.247  -3.951  -11.188 1.00 42.60  ? 931  ARG A C   1 
ATOM   1140 O  O   . ARG A 1 188 ? -2.243  -3.278  -11.444 1.00 43.87  ? 931  ARG A O   1 
ATOM   1141 C  CB  . ARG A 1 188 ? -1.375  -6.407  -10.584 1.00 40.91  ? 931  ARG A CB  1 
ATOM   1142 C  CG  . ARG A 1 188 ? -1.604  -7.810  -11.162 1.00 37.61  ? 931  ARG A CG  1 
ATOM   1143 C  CD  . ARG A 1 188 ? -1.730  -8.892  -10.096 1.00 40.42  ? 931  ARG A CD  1 
ATOM   1144 N  NE  . ARG A 1 188 ? -2.125  -10.148 -10.729 1.00 40.68  ? 931  ARG A NE  1 
ATOM   1145 C  CZ  . ARG A 1 188 ? -3.386  -10.493 -10.943 1.00 42.54  ? 931  ARG A CZ  1 
ATOM   1146 N  NH1 . ARG A 1 188 ? -4.350  -9.678  -10.555 1.00 48.33  ? 931  ARG A NH1 1 
ATOM   1147 N  NH2 . ARG A 1 188 ? -3.692  -11.625 -11.568 1.00 42.14  ? 931  ARG A NH2 1 
ATOM   1148 N  N   . LEU A 1 189 ? -0.218  -3.476  -10.500 1.00 43.85  ? 932  LEU A N   1 
ATOM   1149 C  CA  . LEU A 1 189 ? -0.222  -2.116  -9.985  1.00 44.90  ? 932  LEU A CA  1 
ATOM   1150 C  C   . LEU A 1 189 ? -0.371  -1.136  -11.148 1.00 45.69  ? 932  LEU A C   1 
ATOM   1151 O  O   . LEU A 1 189 ? -1.382  -0.451  -11.250 1.00 46.27  ? 932  LEU A O   1 
ATOM   1152 C  CB  . LEU A 1 189 ? 1.080   -1.850  -9.226  1.00 45.80  ? 932  LEU A CB  1 
ATOM   1153 C  CG  . LEU A 1 189 ? 1.171   -0.598  -8.363  1.00 46.79  ? 932  LEU A CG  1 
ATOM   1154 C  CD1 . LEU A 1 189 ? 0.302   -0.740  -7.112  1.00 46.90  ? 932  LEU A CD1 1 
ATOM   1155 C  CD2 . LEU A 1 189 ? 2.622   -0.401  -7.980  1.00 44.73  ? 932  LEU A CD2 1 
ATOM   1156 N  N   . LEU A 1 190 ? 0.612   -1.084  -12.047 1.00 46.49  ? 933  LEU A N   1 
ATOM   1157 C  CA  . LEU A 1 190 ? 0.533   -0.147  -13.180 1.00 46.82  ? 933  LEU A CA  1 
ATOM   1158 C  C   . LEU A 1 190 ? -0.735  -0.283  -14.032 1.00 47.22  ? 933  LEU A C   1 
ATOM   1159 O  O   . LEU A 1 190 ? -1.184  0.690   -14.640 1.00 47.80  ? 933  LEU A O   1 
ATOM   1160 C  CB  . LEU A 1 190 ? 1.776   -0.258  -14.087 1.00 45.82  ? 933  LEU A CB  1 
ATOM   1161 C  CG  . LEU A 1 190 ? 3.113   0.298   -13.565 1.00 46.20  ? 933  LEU A CG  1 
ATOM   1162 C  CD1 . LEU A 1 190 ? 4.196   -0.009  -14.571 1.00 47.95  ? 933  LEU A CD1 1 
ATOM   1163 C  CD2 . LEU A 1 190 ? 3.049   1.789   -13.342 1.00 42.44  ? 933  LEU A CD2 1 
ATOM   1164 N  N   . THR A 1 191 ? -1.319  -1.471  -14.096 1.00 48.19  ? 934  THR A N   1 
ATOM   1165 C  CA  . THR A 1 191 ? -2.528  -1.608  -14.898 1.00 49.20  ? 934  THR A CA  1 
ATOM   1166 C  C   . THR A 1 191 ? -3.642  -0.829  -14.247 1.00 50.44  ? 934  THR A C   1 
ATOM   1167 O  O   . THR A 1 191 ? -4.435  -0.167  -14.920 1.00 51.18  ? 934  THR A O   1 
ATOM   1168 C  CB  . THR A 1 191 ? -2.995  -3.069  -15.036 1.00 47.84  ? 934  THR A CB  1 
ATOM   1169 O  OG1 . THR A 1 191 ? -2.044  -3.805  -15.810 1.00 49.36  ? 934  THR A OG1 1 
ATOM   1170 C  CG2 . THR A 1 191 ? -4.348  -3.132  -15.755 1.00 43.97  ? 934  THR A CG2 1 
ATOM   1171 N  N   . THR A 1 192 ? -3.685  -0.912  -12.923 1.00 51.86  ? 935  THR A N   1 
ATOM   1172 C  CA  . THR A 1 192 ? -4.716  -0.249  -12.144 1.00 52.69  ? 935  THR A CA  1 
ATOM   1173 C  C   . THR A 1 192 ? -4.541  1.239   -11.880 1.00 53.00  ? 935  THR A C   1 
ATOM   1174 O  O   . THR A 1 192 ? -5.528  1.972   -11.891 1.00 54.03  ? 935  THR A O   1 
ATOM   1175 C  CB  . THR A 1 192 ? -4.919  -0.989  -10.811 1.00 53.44  ? 935  THR A CB  1 
ATOM   1176 O  OG1 . THR A 1 192 ? -5.743  -2.131  -11.053 1.00 54.18  ? 935  THR A OG1 1 
ATOM   1177 C  CG2 . THR A 1 192 ? -5.600  -0.094  -9.760  1.00 58.44  ? 935  THR A CG2 1 
ATOM   1178 N  N   . ILE A 1 193 ? -3.313  1.697   -11.653 1.00 53.43  ? 936  ILE A N   1 
ATOM   1179 C  CA  . ILE A 1 193 ? -3.086  3.114   -11.378 1.00 54.37  ? 936  ILE A CA  1 
ATOM   1180 C  C   . ILE A 1 193 ? -2.185  3.801   -12.395 1.00 55.24  ? 936  ILE A C   1 
ATOM   1181 O  O   . ILE A 1 193 ? -1.879  4.988   -12.282 1.00 55.19  ? 936  ILE A O   1 
ATOM   1182 C  CB  . ILE A 1 193 ? -2.465  3.301   -9.989  1.00 54.64  ? 936  ILE A CB  1 
ATOM   1183 C  CG1 . ILE A 1 193 ? -1.102  2.615   -9.940  1.00 53.02  ? 936  ILE A CG1 1 
ATOM   1184 C  CG2 . ILE A 1 193 ? -3.396  2.711   -8.931  1.00 54.11  ? 936  ILE A CG2 1 
ATOM   1185 C  CD1 . ILE A 1 193 ? -0.256  3.031   -8.782  1.00 49.53  ? 936  ILE A CD1 1 
ATOM   1186 N  N   . GLY A 1 194 ? -1.765  3.046   -13.395 1.00 56.55  ? 937  GLY A N   1 
ATOM   1187 C  CA  . GLY A 1 194 ? -0.893  3.588   -14.413 1.00 58.12  ? 937  GLY A CA  1 
ATOM   1188 C  C   . GLY A 1 194 ? -1.193  4.995   -14.896 1.00 59.86  ? 937  GLY A C   1 
ATOM   1189 O  O   . GLY A 1 194 ? -0.344  5.879   -14.774 1.00 59.50  ? 937  GLY A O   1 
ATOM   1190 N  N   . LYS A 1 195 ? -2.385  5.237   -15.436 1.00 61.61  ? 938  LYS A N   1 
ATOM   1191 C  CA  . LYS A 1 195 ? -2.652  6.574   -15.951 1.00 65.19  ? 938  LYS A CA  1 
ATOM   1192 C  C   . LYS A 1 195 ? -2.706  7.670   -14.904 1.00 66.36  ? 938  LYS A C   1 
ATOM   1193 O  O   . LYS A 1 195 ? -2.367  8.811   -15.203 1.00 66.99  ? 938  LYS A O   1 
ATOM   1194 C  CB  . LYS A 1 195 ? -3.918  6.604   -16.805 1.00 68.40  ? 938  LYS A CB  1 
ATOM   1195 C  CG  . LYS A 1 195 ? -5.228  6.543   -16.083 1.00 71.07  ? 938  LYS A CG  1 
ATOM   1196 C  CD  . LYS A 1 195 ? -6.320  6.835   -17.097 1.00 78.21  ? 938  LYS A CD  1 
ATOM   1197 C  CE  . LYS A 1 195 ? -7.718  6.626   -16.529 1.00 85.10  ? 938  LYS A CE  1 
ATOM   1198 N  NZ  . LYS A 1 195 ? -8.767  6.836   -17.583 1.00 90.58  ? 938  LYS A NZ  1 
ATOM   1199 N  N   . ASP A 1 196 ? -3.118  7.343   -13.682 1.00 67.73  ? 939  ASP A N   1 
ATOM   1200 C  CA  . ASP A 1 196 ? -3.152  8.354   -12.635 1.00 68.70  ? 939  ASP A CA  1 
ATOM   1201 C  C   . ASP A 1 196 ? -1.730  8.834   -12.408 1.00 69.34  ? 939  ASP A C   1 
ATOM   1202 O  O   . ASP A 1 196 ? -1.495  10.029  -12.260 1.00 70.32  ? 939  ASP A O   1 
ATOM   1203 C  CB  . ASP A 1 196 ? -3.715  7.786   -11.326 1.00 68.33  ? 939  ASP A CB  1 
ATOM   1204 C  CG  . ASP A 1 196 ? -5.177  7.416   -11.436 1.00 68.08  ? 939  ASP A CG  1 
ATOM   1205 O  OD1 . ASP A 1 196 ? -5.938  8.206   -12.032 1.00 70.72  ? 939  ASP A OD1 1 
ATOM   1206 O  OD2 . ASP A 1 196 ? -5.572  6.348   -10.926 1.00 69.79  ? 939  ASP A OD2 1 
ATOM   1207 N  N   . LEU A 1 197 ? -0.779  7.904   -12.389 1.00 70.35  ? 940  LEU A N   1 
ATOM   1208 C  CA  . LEU A 1 197 ? 0.619   8.263   -12.171 1.00 71.53  ? 940  LEU A CA  1 
ATOM   1209 C  C   . LEU A 1 197 ? 1.214   8.910   -13.404 1.00 72.54  ? 940  LEU A C   1 
ATOM   1210 O  O   . LEU A 1 197 ? 2.179   9.666   -13.315 1.00 73.00  ? 940  LEU A O   1 
ATOM   1211 C  CB  . LEU A 1 197 ? 1.448   7.031   -11.815 1.00 69.95  ? 940  LEU A CB  1 
ATOM   1212 C  CG  . LEU A 1 197 ? 1.195   6.342   -10.476 1.00 71.16  ? 940  LEU A CG  1 
ATOM   1213 C  CD1 . LEU A 1 197 ? 2.182   5.183   -10.323 1.00 74.45  ? 940  LEU A CD1 1 
ATOM   1214 C  CD2 . LEU A 1 197 ? 1.361   7.324   -9.335  1.00 68.39  ? 940  LEU A CD2 1 
ATOM   1215 N  N   . ASP A 1 198 ? 0.622   8.614   -14.555 1.00 74.29  ? 941  ASP A N   1 
ATOM   1216 C  CA  . ASP A 1 198 ? 1.090   9.139   -15.836 1.00 75.76  ? 941  ASP A CA  1 
ATOM   1217 C  C   . ASP A 1 198 ? 0.667   10.585  -16.080 1.00 76.86  ? 941  ASP A C   1 
ATOM   1218 O  O   . ASP A 1 198 ? -0.121  10.869  -16.989 1.00 76.67  ? 941  ASP A O   1 
ATOM   1219 C  CB  . ASP A 1 198 ? 0.557   8.264   -16.960 1.00 75.21  ? 941  ASP A CB  1 
ATOM   1220 C  CG  . ASP A 1 198 ? 1.597   7.978   -18.003 1.00 75.96  ? 941  ASP A CG  1 
ATOM   1221 O  OD1 . ASP A 1 198 ? 1.247   7.307   -18.996 1.00 76.21  ? 941  ASP A OD1 1 
ATOM   1222 O  OD2 . ASP A 1 198 ? 2.760   8.415   -17.826 1.00 75.13  ? 941  ASP A OD2 1 
ATOM   1223 N  N   . PHE A 1 199 ? 1.198   11.487  -15.255 1.00 78.11  ? 942  PHE A N   1 
ATOM   1224 C  CA  . PHE A 1 199 ? 0.900   12.919  -15.340 1.00 78.53  ? 942  PHE A CA  1 
ATOM   1225 C  C   . PHE A 1 199 ? 1.956   13.588  -16.198 1.00 78.70  ? 942  PHE A C   1 
ATOM   1226 O  O   . PHE A 1 199 ? 3.123   13.195  -16.177 1.00 79.04  ? 942  PHE A O   1 
ATOM   1227 C  CB  . PHE A 1 199 ? 0.891   13.543  -13.934 1.00 79.51  ? 942  PHE A CB  1 
ATOM   1228 N  N   . GLU A 1 200 ? 1.543   14.599  -16.953 1.00 79.13  ? 943  GLU A N   1 
ATOM   1229 C  CA  . GLU A 1 200 ? 2.447   15.330  -17.836 1.00 78.76  ? 943  GLU A CA  1 
ATOM   1230 C  C   . GLU A 1 200 ? 3.842   15.571  -17.252 1.00 78.43  ? 943  GLU A C   1 
ATOM   1231 O  O   . GLU A 1 200 ? 4.837   15.536  -17.972 1.00 78.69  ? 943  GLU A O   1 
ATOM   1232 C  CB  . GLU A 1 200 ? 1.807   16.662  -18.236 1.00 80.33  ? 943  GLU A CB  1 
ATOM   1233 N  N   . LYS A 1 201 ? 3.920   15.815  -15.952 1.00 78.30  ? 944  LYS A N   1 
ATOM   1234 C  CA  . LYS A 1 201 ? 5.211   16.072  -15.322 1.00 78.68  ? 944  LYS A CA  1 
ATOM   1235 C  C   . LYS A 1 201 ? 5.955   14.793  -14.933 1.00 78.43  ? 944  LYS A C   1 
ATOM   1236 O  O   . LYS A 1 201 ? 7.164   14.812  -14.689 1.00 78.48  ? 944  LYS A O   1 
ATOM   1237 C  CB  . LYS A 1 201 ? 5.016   16.957  -14.092 1.00 79.73  ? 944  LYS A CB  1 
ATOM   1238 N  N   . ALA A 1 202 ? 5.233   13.683  -14.865 1.00 78.18  ? 945  ALA A N   1 
ATOM   1239 C  CA  . ALA A 1 202 ? 5.841   12.416  -14.498 1.00 78.11  ? 945  ALA A CA  1 
ATOM   1240 C  C   . ALA A 1 202 ? 6.140   11.590  -15.741 1.00 77.70  ? 945  ALA A C   1 
ATOM   1241 O  O   . ALA A 1 202 ? 6.804   10.556  -15.653 1.00 77.58  ? 945  ALA A O   1 
ATOM   1242 C  CB  . ALA A 1 202 ? 4.918   11.642  -13.559 1.00 78.24  ? 945  ALA A CB  1 
ATOM   1243 N  N   . LYS A 1 203 ? 5.657   12.063  -16.892 1.00 77.30  ? 946  LYS A N   1 
ATOM   1244 C  CA  . LYS A 1 203 ? 5.855   11.386  -18.178 1.00 76.60  ? 946  LYS A CA  1 
ATOM   1245 C  C   . LYS A 1 203 ? 7.266   10.833  -18.353 1.00 76.46  ? 946  LYS A C   1 
ATOM   1246 O  O   . LYS A 1 203 ? 7.436   9.691   -18.785 1.00 76.66  ? 946  LYS A O   1 
ATOM   1247 C  CB  . LYS A 1 203 ? 5.550   12.331  -19.348 1.00 76.41  ? 946  LYS A CB  1 
ATOM   1248 C  CG  . LYS A 1 203 ? 4.110   12.831  -19.432 1.00 77.27  ? 946  LYS A CG  1 
ATOM   1249 C  CD  . LYS A 1 203 ? 3.103   11.707  -19.654 1.00 77.35  ? 946  LYS A CD  1 
ATOM   1250 C  CE  . LYS A 1 203 ? 1.685   12.258  -19.800 1.00 77.45  ? 946  LYS A CE  1 
ATOM   1251 N  NZ  . LYS A 1 203 ? 0.633   11.191  -19.718 1.00 79.67  ? 946  LYS A NZ  1 
ATOM   1252 N  N   . PRO A 1 204 ? 8.298   11.636  -18.032 1.00 76.06  ? 947  PRO A N   1 
ATOM   1253 C  CA  . PRO A 1 204 ? 9.693   11.196  -18.165 1.00 75.02  ? 947  PRO A CA  1 
ATOM   1254 C  C   . PRO A 1 204 ? 10.092  9.988   -17.307 1.00 74.45  ? 947  PRO A C   1 
ATOM   1255 O  O   . PRO A 1 204 ? 10.767  9.072   -17.795 1.00 74.42  ? 947  PRO A O   1 
ATOM   1256 C  CB  . PRO A 1 204 ? 10.493  12.459  -17.826 1.00 76.17  ? 947  PRO A CB  1 
ATOM   1257 C  CG  . PRO A 1 204 ? 9.558   13.243  -16.950 1.00 78.37  ? 947  PRO A CG  1 
ATOM   1258 C  CD  . PRO A 1 204 ? 8.235   13.056  -17.644 1.00 76.67  ? 947  PRO A CD  1 
ATOM   1259 N  N   . ARG A 1 205 ? 9.689   9.978   -16.037 1.00 73.37  ? 948  ARG A N   1 
ATOM   1260 C  CA  . ARG A 1 205 ? 10.007  8.846   -15.158 1.00 71.74  ? 948  ARG A CA  1 
ATOM   1261 C  C   . ARG A 1 205 ? 9.213   7.605   -15.589 1.00 70.40  ? 948  ARG A C   1 
ATOM   1262 O  O   . ARG A 1 205 ? 9.692   6.473   -15.497 1.00 69.79  ? 948  ARG A O   1 
ATOM   1263 C  CB  . ARG A 1 205 ? 9.683   9.189   -13.705 1.00 72.20  ? 948  ARG A CB  1 
ATOM   1264 C  CG  . ARG A 1 205 ? 10.729  10.045  -13.014 1.00 71.40  ? 948  ARG A CG  1 
ATOM   1265 C  CD  . ARG A 1 205 ? 10.235  10.476  -11.641 1.00 73.95  ? 948  ARG A CD  1 
ATOM   1266 N  NE  . ARG A 1 205 ? 9.072   11.355  -11.737 1.00 73.72  ? 948  ARG A NE  1 
ATOM   1267 C  CZ  . ARG A 1 205 ? 8.288   11.670  -10.712 1.00 75.85  ? 948  ARG A CZ  1 
ATOM   1268 N  NH1 . ARG A 1 205 ? 8.540   11.174  -9.506  1.00 75.82  ? 948  ARG A NH1 1 
ATOM   1269 N  NH2 . ARG A 1 205 ? 7.251   12.484  -10.888 1.00 79.43  ? 948  ARG A NH2 1 
HETATM 1270 N  N   . MSE A 1 206 ? 7.998   7.838   -16.062 1.00 69.10  ? 949  MSE A N   1 
HETATM 1271 C  CA  . MSE A 1 206 ? 7.140   6.763   -16.530 1.00 69.14  ? 949  MSE A CA  1 
HETATM 1272 C  C   . MSE A 1 206 ? 7.779   6.208   -17.811 1.00 68.72  ? 949  MSE A C   1 
HETATM 1273 O  O   . MSE A 1 206 ? 7.800   4.993   -18.032 1.00 68.75  ? 949  MSE A O   1 
HETATM 1274 C  CB  . MSE A 1 206 ? 5.732   7.303   -16.822 1.00 68.97  ? 949  MSE A CB  1 
HETATM 1275 C  CG  . MSE A 1 206 ? 4.590   6.338   -16.498 1.00 73.55  ? 949  MSE A CG  1 
HETATM 1276 SE SE  . MSE A 1 206 ? 4.565   5.814   -14.623 1.00 71.80  ? 949  MSE A SE  1 
HETATM 1277 C  CE  . MSE A 1 206 ? 4.102   7.516   -13.883 1.00 71.25  ? 949  MSE A CE  1 
ATOM   1278 N  N   . ASP A 1 207 ? 8.306   7.111   -18.644 1.00 67.97  ? 950  ASP A N   1 
ATOM   1279 C  CA  . ASP A 1 207 ? 8.949   6.741   -19.907 1.00 65.79  ? 950  ASP A CA  1 
ATOM   1280 C  C   . ASP A 1 207 ? 10.083  5.781   -19.639 1.00 65.06  ? 950  ASP A C   1 
ATOM   1281 O  O   . ASP A 1 207 ? 10.310  4.833   -20.399 1.00 65.05  ? 950  ASP A O   1 
ATOM   1282 C  CB  . ASP A 1 207 ? 9.528   7.974   -20.609 1.00 64.60  ? 950  ASP A CB  1 
ATOM   1283 C  CG  . ASP A 1 207 ? 8.483   8.765   -21.367 1.00 66.13  ? 950  ASP A CG  1 
ATOM   1284 O  OD1 . ASP A 1 207 ? 7.282   8.411   -21.297 1.00 60.70  ? 950  ASP A OD1 1 
ATOM   1285 O  OD2 . ASP A 1 207 ? 8.872   9.750   -22.035 1.00 71.64  ? 950  ASP A OD2 1 
ATOM   1286 N  N   . GLN A 1 208 ? 10.793  6.045   -18.551 1.00 63.49  ? 951  GLN A N   1 
ATOM   1287 C  CA  . GLN A 1 208 ? 11.931  5.241   -18.157 1.00 62.77  ? 951  GLN A CA  1 
ATOM   1288 C  C   . GLN A 1 208 ? 11.480  3.891   -17.616 1.00 62.20  ? 951  GLN A C   1 
ATOM   1289 O  O   . GLN A 1 208 ? 12.083  2.856   -17.938 1.00 62.79  ? 951  GLN A O   1 
ATOM   1290 C  CB  . GLN A 1 208 ? 12.735  5.995   -17.098 1.00 65.37  ? 951  GLN A CB  1 
ATOM   1291 C  CG  . GLN A 1 208 ? 14.090  5.393   -16.744 1.00 73.12  ? 951  GLN A CG  1 
ATOM   1292 C  CD  . GLN A 1 208 ? 14.968  6.381   -15.978 1.00 78.86  ? 951  GLN A CD  1 
ATOM   1293 O  OE1 . GLN A 1 208 ? 14.639  6.783   -14.857 1.00 80.99  ? 951  GLN A OE1 1 
ATOM   1294 N  NE2 . GLN A 1 208 ? 16.085  6.790   -16.590 1.00 80.78  ? 951  GLN A NE2 1 
ATOM   1295 N  N   . TYR A 1 209 ? 10.429  3.894   -16.795 1.00 59.52  ? 952  TYR A N   1 
ATOM   1296 C  CA  . TYR A 1 209 ? 9.941   2.641   -16.231 1.00 57.12  ? 952  TYR A CA  1 
ATOM   1297 C  C   . TYR A 1 209 ? 9.621   1.714   -17.387 1.00 56.08  ? 952  TYR A C   1 
ATOM   1298 O  O   . TYR A 1 209 ? 10.122  0.598   -17.462 1.00 54.80  ? 952  TYR A O   1 
ATOM   1299 C  CB  . TYR A 1 209 ? 8.667   2.863   -15.413 1.00 55.69  ? 952  TYR A CB  1 
ATOM   1300 C  CG  . TYR A 1 209 ? 8.843   3.719   -14.186 1.00 50.67  ? 952  TYR A CG  1 
ATOM   1301 C  CD1 . TYR A 1 209 ? 7.790   4.486   -13.700 1.00 53.65  ? 952  TYR A CD1 1 
ATOM   1302 C  CD2 . TYR A 1 209 ? 10.046  3.739   -13.487 1.00 55.64  ? 952  TYR A CD2 1 
ATOM   1303 C  CE1 . TYR A 1 209 ? 7.932   5.260   -12.539 1.00 51.30  ? 952  TYR A CE1 1 
ATOM   1304 C  CE2 . TYR A 1 209 ? 10.198  4.508   -12.321 1.00 53.32  ? 952  TYR A CE2 1 
ATOM   1305 C  CZ  . TYR A 1 209 ? 9.136   5.261   -11.860 1.00 51.81  ? 952  TYR A CZ  1 
ATOM   1306 O  OH  . TYR A 1 209 ? 9.271   6.020   -10.720 1.00 56.74  ? 952  TYR A OH  1 
ATOM   1307 N  N   . PHE A 1 210 ? 8.795   2.204   -18.303 1.00 55.55  ? 953  PHE A N   1 
ATOM   1308 C  CA  . PHE A 1 210 ? 8.385   1.400   -19.439 1.00 55.89  ? 953  PHE A CA  1 
ATOM   1309 C  C   . PHE A 1 210 ? 9.489   0.952   -20.372 1.00 54.88  ? 953  PHE A C   1 
ATOM   1310 O  O   . PHE A 1 210 ? 9.388   -0.111  -20.986 1.00 55.14  ? 953  PHE A O   1 
ATOM   1311 C  CB  . PHE A 1 210 ? 7.251   2.100   -20.195 1.00 54.19  ? 953  PHE A CB  1 
ATOM   1312 C  CG  . PHE A 1 210 ? 5.948   2.059   -19.446 1.00 54.80  ? 953  PHE A CG  1 
ATOM   1313 C  CD1 . PHE A 1 210 ? 5.780   2.807   -18.280 1.00 51.72  ? 953  PHE A CD1 1 
ATOM   1314 C  CD2 . PHE A 1 210 ? 4.932   1.191   -19.840 1.00 52.01  ? 953  PHE A CD2 1 
ATOM   1315 C  CE1 . PHE A 1 210 ? 4.629   2.693   -17.511 1.00 47.53  ? 953  PHE A CE1 1 
ATOM   1316 C  CE2 . PHE A 1 210 ? 3.761   1.062   -19.075 1.00 53.00  ? 953  PHE A CE2 1 
ATOM   1317 C  CZ  . PHE A 1 210 ? 3.611   1.815   -17.907 1.00 52.36  ? 953  PHE A CZ  1 
ATOM   1318 N  N   . ASN A 1 211 ? 10.549  1.740   -20.481 1.00 54.94  ? 954  ASN A N   1 
ATOM   1319 C  CA  . ASN A 1 211 ? 11.643  1.321   -21.338 1.00 54.72  ? 954  ASN A CA  1 
ATOM   1320 C  C   . ASN A 1 211 ? 12.409  0.232   -20.566 1.00 54.10  ? 954  ASN A C   1 
ATOM   1321 O  O   . ASN A 1 211 ? 12.954  -0.693  -21.168 1.00 55.03  ? 954  ASN A O   1 
ATOM   1322 C  CB  . ASN A 1 211 ? 12.540  2.513   -21.717 1.00 57.16  ? 954  ASN A CB  1 
ATOM   1323 C  CG  . ASN A 1 211 ? 11.837  3.512   -22.665 1.00 58.09  ? 954  ASN A CG  1 
ATOM   1324 O  OD1 . ASN A 1 211 ? 10.818  3.199   -23.296 1.00 56.27  ? 954  ASN A OD1 1 
ATOM   1325 N  ND2 . ASN A 1 211 ? 12.397  4.714   -22.768 1.00 57.95  ? 954  ASN A ND2 1 
ATOM   1326 N  N   . GLN A 1 212 ? 12.429  0.317   -19.236 1.00 53.16  ? 955  GLN A N   1 
ATOM   1327 C  CA  . GLN A 1 212 ? 13.103  -0.716  -18.451 1.00 52.80  ? 955  GLN A CA  1 
ATOM   1328 C  C   . GLN A 1 212 ? 12.328  -2.032  -18.575 1.00 51.08  ? 955  GLN A C   1 
ATOM   1329 O  O   . GLN A 1 212 ? 12.906  -3.107  -18.469 1.00 52.02  ? 955  GLN A O   1 
ATOM   1330 C  CB  . GLN A 1 212 ? 13.153  -0.371  -16.956 1.00 54.80  ? 955  GLN A CB  1 
ATOM   1331 C  CG  . GLN A 1 212 ? 13.919  0.875   -16.565 1.00 64.35  ? 955  GLN A CG  1 
ATOM   1332 C  CD  . GLN A 1 212 ? 14.029  1.023   -15.041 1.00 68.04  ? 955  GLN A CD  1 
ATOM   1333 O  OE1 . GLN A 1 212 ? 14.715  0.243   -14.373 1.00 67.01  ? 955  GLN A OE1 1 
ATOM   1334 N  NE2 . GLN A 1 212 ? 13.343  2.020   -14.493 1.00 70.28  ? 955  GLN A NE2 1 
HETATM 1335 N  N   . MSE A 1 213 ? 11.018  -1.948  -18.779 1.00 49.06  ? 956  MSE A N   1 
HETATM 1336 C  CA  . MSE A 1 213 ? 10.192  -3.150  -18.866 1.00 48.31  ? 956  MSE A CA  1 
HETATM 1337 C  C   . MSE A 1 213 ? 10.371  -3.855  -20.205 1.00 48.12  ? 956  MSE A C   1 
HETATM 1338 O  O   . MSE A 1 213 ? 10.399  -5.084  -20.290 1.00 47.15  ? 956  MSE A O   1 
HETATM 1339 C  CB  . MSE A 1 213 ? 8.705   -2.787  -18.636 1.00 47.89  ? 956  MSE A CB  1 
HETATM 1340 C  CG  . MSE A 1 213 ? 8.375   -2.251  -17.225 1.00 49.26  ? 956  MSE A CG  1 
HETATM 1341 SE SE  . MSE A 1 213 ? 6.529   -1.632  -17.054 1.00 59.44  ? 956  MSE A SE  1 
HETATM 1342 C  CE  . MSE A 1 213 ? 6.826   0.219   -16.813 1.00 56.71  ? 956  MSE A CE  1 
ATOM   1343 N  N   . GLU A 1 214 ? 10.491  -3.054  -21.254 1.00 48.81  ? 957  GLU A N   1 
ATOM   1344 C  CA  . GLU A 1 214 ? 10.665  -3.565  -22.601 1.00 49.69  ? 957  GLU A CA  1 
ATOM   1345 C  C   . GLU A 1 214 ? 11.995  -4.317  -22.635 1.00 49.75  ? 957  GLU A C   1 
ATOM   1346 O  O   . GLU A 1 214 ? 12.118  -5.374  -23.262 1.00 50.41  ? 957  GLU A O   1 
ATOM   1347 C  CB  . GLU A 1 214 ? 10.656  -2.391  -23.576 1.00 49.69  ? 957  GLU A CB  1 
ATOM   1348 C  CG  . GLU A 1 214 ? 10.459  -2.759  -25.038 1.00 56.05  ? 957  GLU A CG  1 
ATOM   1349 C  CD  . GLU A 1 214 ? 11.749  -3.227  -25.717 1.00 61.09  ? 957  GLU A CD  1 
ATOM   1350 O  OE1 . GLU A 1 214 ? 12.844  -2.771  -25.299 1.00 56.21  ? 957  GLU A OE1 1 
ATOM   1351 O  OE2 . GLU A 1 214 ? 11.664  -4.037  -26.677 1.00 61.05  ? 957  GLU A OE2 1 
ATOM   1352 N  N   . LYS A 1 215 ? 12.975  -3.788  -21.913 1.00 50.18  ? 958  LYS A N   1 
ATOM   1353 C  CA  . LYS A 1 215 ? 14.294  -4.405  -21.847 1.00 50.58  ? 958  LYS A CA  1 
ATOM   1354 C  C   . LYS A 1 215 ? 14.192  -5.761  -21.169 1.00 50.41  ? 958  LYS A C   1 
ATOM   1355 O  O   . LYS A 1 215 ? 14.855  -6.718  -21.587 1.00 51.73  ? 958  LYS A O   1 
ATOM   1356 C  CB  . LYS A 1 215 ? 15.275  -3.497  -21.089 1.00 52.57  ? 958  LYS A CB  1 
ATOM   1357 N  N   . ILE A 1 216 ? 13.365  -5.843  -20.126 1.00 50.43  ? 959  ILE A N   1 
ATOM   1358 C  CA  . ILE A 1 216 ? 13.148  -7.099  -19.398 1.00 49.01  ? 959  ILE A CA  1 
ATOM   1359 C  C   . ILE A 1 216 ? 12.476  -8.102  -20.343 1.00 50.28  ? 959  ILE A C   1 
ATOM   1360 O  O   . ILE A 1 216 ? 12.688  -9.311  -20.241 1.00 50.07  ? 959  ILE A O   1 
ATOM   1361 C  CB  . ILE A 1 216 ? 12.259  -6.869  -18.155 1.00 48.00  ? 959  ILE A CB  1 
ATOM   1362 C  CG1 . ILE A 1 216 ? 13.047  -6.070  -17.110 1.00 46.03  ? 959  ILE A CG1 1 
ATOM   1363 C  CG2 . ILE A 1 216 ? 11.763  -8.205  -17.592 1.00 46.36  ? 959  ILE A CG2 1 
ATOM   1364 C  CD1 . ILE A 1 216 ? 12.208  -5.506  -15.998 1.00 40.76  ? 959  ILE A CD1 1 
ATOM   1365 N  N   . VAL A 1 217 ? 11.674  -7.586  -21.272 1.00 51.05  ? 960  VAL A N   1 
ATOM   1366 C  CA  . VAL A 1 217 ? 10.990  -8.430  -22.249 1.00 50.52  ? 960  VAL A CA  1 
ATOM   1367 C  C   . VAL A 1 217 ? 11.980  -8.983  -23.263 1.00 53.10  ? 960  VAL A C   1 
ATOM   1368 O  O   . VAL A 1 217 ? 12.077  -10.190 -23.487 1.00 52.73  ? 960  VAL A O   1 
ATOM   1369 C  CB  . VAL A 1 217 ? 9.955   -7.641  -23.064 1.00 48.27  ? 960  VAL A CB  1 
ATOM   1370 C  CG1 . VAL A 1 217 ? 9.494   -8.488  -24.269 1.00 42.26  ? 960  VAL A CG1 1 
ATOM   1371 C  CG2 . VAL A 1 217 ? 8.777   -7.263  -22.189 1.00 43.23  ? 960  VAL A CG2 1 
ATOM   1372 N  N   . LYS A 1 218 ? 12.701  -8.060  -23.885 1.00 54.38  ? 961  LYS A N   1 
ATOM   1373 C  CA  . LYS A 1 218 ? 13.668  -8.392  -24.908 1.00 56.67  ? 961  LYS A CA  1 
ATOM   1374 C  C   . LYS A 1 218 ? 14.634  -9.482  -24.461 1.00 58.31  ? 961  LYS A C   1 
ATOM   1375 O  O   . LYS A 1 218 ? 15.007  -10.350 -25.244 1.00 59.50  ? 961  LYS A O   1 
ATOM   1376 C  CB  . LYS A 1 218 ? 14.424  -7.132  -25.289 1.00 55.30  ? 961  LYS A CB  1 
ATOM   1377 C  CG  . LYS A 1 218 ? 14.881  -7.100  -26.708 1.00 55.37  ? 961  LYS A CG  1 
ATOM   1378 C  CD  . LYS A 1 218 ? 15.457  -5.746  -27.027 1.00 57.83  ? 961  LYS A CD  1 
ATOM   1379 C  CE  . LYS A 1 218 ? 15.873  -5.685  -28.478 1.00 62.22  ? 961  LYS A CE  1 
ATOM   1380 N  NZ  . LYS A 1 218 ? 16.748  -4.504  -28.712 1.00 70.70  ? 961  LYS A NZ  1 
ATOM   1381 N  N   . GLU A 1 219 ? 15.071  -9.426  -23.213 1.00 60.38  ? 962  GLU A N   1 
ATOM   1382 C  CA  . GLU A 1 219 ? 15.977  -10.439 -22.704 1.00 62.35  ? 962  GLU A CA  1 
ATOM   1383 C  C   . GLU A 1 219 ? 15.130  -11.500 -22.027 1.00 62.52  ? 962  GLU A C   1 
ATOM   1384 O  O   . GLU A 1 219 ? 14.527  -11.265 -20.980 1.00 62.87  ? 962  GLU A O   1 
ATOM   1385 C  CB  . GLU A 1 219 ? 16.972  -9.802  -21.722 1.00 66.49  ? 962  GLU A CB  1 
ATOM   1386 C  CG  . GLU A 1 219 ? 18.139  -9.007  -22.399 1.00 73.57  ? 962  GLU A CG  1 
ATOM   1387 C  CD  . GLU A 1 219 ? 19.155  -9.901  -23.123 1.00 80.41  ? 962  GLU A CD  1 
ATOM   1388 O  OE1 . GLU A 1 219 ? 19.549  -10.967 -22.564 1.00 77.89  ? 962  GLU A OE1 1 
ATOM   1389 O  OE2 . GLU A 1 219 ? 19.565  -9.519  -24.250 1.00 81.79  ? 962  GLU A OE2 1 
ATOM   1390 N  N   . ARG A 1 220 ? 15.113  -12.678 -22.625 1.00 62.41  ? 963  ARG A N   1 
ATOM   1391 C  CA  . ARG A 1 220 ? 14.296  -13.768 -22.134 1.00 63.94  ? 963  ARG A CA  1 
ATOM   1392 C  C   . ARG A 1 220 ? 14.759  -14.530 -20.880 1.00 63.96  ? 963  ARG A C   1 
ATOM   1393 O  O   . ARG A 1 220 ? 14.796  -15.771 -20.853 1.00 63.18  ? 963  ARG A O   1 
ATOM   1394 C  CB  . ARG A 1 220 ? 14.022  -14.731 -23.294 1.00 66.17  ? 963  ARG A CB  1 
ATOM   1395 C  CG  . ARG A 1 220 ? 13.473  -14.005 -24.530 1.00 68.02  ? 963  ARG A CG  1 
ATOM   1396 C  CD  . ARG A 1 220 ? 12.662  -14.922 -25.445 1.00 71.16  ? 963  ARG A CD  1 
ATOM   1397 N  NE  . ARG A 1 220 ? 11.842  -14.162 -26.396 1.00 74.03  ? 963  ARG A NE  1 
ATOM   1398 C  CZ  . ARG A 1 220 ? 10.672  -14.590 -26.863 1.00 77.28  ? 963  ARG A CZ  1 
ATOM   1399 N  NH1 . ARG A 1 220 ? 10.210  -15.759 -26.459 1.00 78.94  ? 963  ARG A NH1 1 
ATOM   1400 N  NH2 . ARG A 1 220 ? 9.961   -13.860 -27.721 1.00 79.76  ? 963  ARG A NH2 1 
ATOM   1401 N  N   . LYS A 1 221 ? 15.091  -13.770 -19.835 1.00 63.78  ? 964  LYS A N   1 
ATOM   1402 C  CA  . LYS A 1 221 ? 15.501  -14.343 -18.551 1.00 63.51  ? 964  LYS A CA  1 
ATOM   1403 C  C   . LYS A 1 221 ? 14.235  -14.465 -17.676 1.00 63.31  ? 964  LYS A C   1 
ATOM   1404 O  O   . LYS A 1 221 ? 14.315  -14.807 -16.490 1.00 63.89  ? 964  LYS A O   1 
ATOM   1405 C  CB  . LYS A 1 221 ? 16.540  -13.435 -17.868 1.00 61.41  ? 964  LYS A CB  1 
ATOM   1406 N  N   . THR A 1 222 ? 13.078  -14.170 -18.278 1.00 62.18  ? 965  THR A N   1 
ATOM   1407 C  CA  . THR A 1 222 ? 11.776  -14.239 -17.609 1.00 61.81  ? 965  THR A CA  1 
ATOM   1408 C  C   . THR A 1 222 ? 10.833  -15.127 -18.399 1.00 59.96  ? 965  THR A C   1 
ATOM   1409 O  O   . THR A 1 222 ? 10.989  -15.277 -19.614 1.00 59.74  ? 965  THR A O   1 
ATOM   1410 C  CB  . THR A 1 222 ? 11.080  -12.874 -17.550 1.00 65.21  ? 965  THR A CB  1 
ATOM   1411 O  OG1 . THR A 1 222 ? 11.079  -12.290 -18.865 1.00 69.35  ? 965  THR A OG1 1 
ATOM   1412 C  CG2 . THR A 1 222 ? 11.764  -11.953 -16.549 1.00 68.28  ? 965  THR A CG2 1 
ATOM   1413 N  N   . SER A 1 223 ? 9.833   -15.676 -17.708 1.00 57.42  ? 966  SER A N   1 
ATOM   1414 C  CA  . SER A 1 223 ? 8.834   -16.539 -18.335 1.00 53.92  ? 966  SER A CA  1 
ATOM   1415 C  C   . SER A 1 223 ? 8.106   -15.785 -19.433 1.00 53.01  ? 966  SER A C   1 
ATOM   1416 O  O   . SER A 1 223 ? 7.929   -14.570 -19.343 1.00 52.75  ? 966  SER A O   1 
ATOM   1417 C  CB  . SER A 1 223 ? 7.809   -16.989 -17.300 1.00 56.30  ? 966  SER A CB  1 
ATOM   1418 O  OG  . SER A 1 223 ? 7.186   -15.860 -16.694 1.00 58.59  ? 966  SER A OG  1 
ATOM   1419 N  N   . SER A 1 224 ? 7.677   -16.499 -20.471 1.00 51.06  ? 967  SER A N   1 
ATOM   1420 C  CA  . SER A 1 224 ? 6.948   -15.861 -21.555 1.00 48.41  ? 967  SER A CA  1 
ATOM   1421 C  C   . SER A 1 224 ? 5.653   -15.319 -20.967 1.00 47.16  ? 967  SER A C   1 
ATOM   1422 O  O   . SER A 1 224 ? 5.046   -14.364 -21.471 1.00 47.75  ? 967  SER A O   1 
ATOM   1423 C  CB  . SER A 1 224 ? 6.639   -16.870 -22.654 1.00 47.60  ? 967  SER A CB  1 
ATOM   1424 O  OG  . SER A 1 224 ? 5.895   -17.950 -22.133 1.00 59.62  ? 967  SER A OG  1 
ATOM   1425 N  N   . ARG A 1 225 ? 5.226   -15.945 -19.888 1.00 44.75  ? 968  ARG A N   1 
ATOM   1426 C  CA  . ARG A 1 225 ? 4.030   -15.512 -19.226 1.00 42.32  ? 968  ARG A CA  1 
ATOM   1427 C  C   . ARG A 1 225 ? 4.224   -14.069 -18.745 1.00 42.95  ? 968  ARG A C   1 
ATOM   1428 O  O   . ARG A 1 225 ? 3.501   -13.147 -19.159 1.00 43.49  ? 968  ARG A O   1 
ATOM   1429 C  CB  . ARG A 1 225 ? 3.747   -16.449 -18.074 1.00 40.05  ? 968  ARG A CB  1 
ATOM   1430 C  CG  . ARG A 1 225 ? 2.649   -15.970 -17.192 1.00 42.06  ? 968  ARG A CG  1 
ATOM   1431 C  CD  . ARG A 1 225 ? 2.683   -16.679 -15.843 1.00 39.32  ? 968  ARG A CD  1 
ATOM   1432 N  NE  . ARG A 1 225 ? 1.848   -15.899 -14.962 1.00 45.80  ? 968  ARG A NE  1 
ATOM   1433 C  CZ  . ARG A 1 225 ? 2.258   -15.363 -13.825 1.00 42.81  ? 968  ARG A CZ  1 
ATOM   1434 N  NH1 . ARG A 1 225 ? 3.517   -15.549 -13.412 1.00 40.63  ? 968  ARG A NH1 1 
ATOM   1435 N  NH2 . ARG A 1 225 ? 1.409   -14.598 -13.133 1.00 38.29  ? 968  ARG A NH2 1 
ATOM   1436 N  N   . ILE A 1 226 ? 5.202   -13.857 -17.875 1.00 42.67  ? 969  ILE A N   1 
ATOM   1437 C  CA  . ILE A 1 226 ? 5.467   -12.506 -17.386 1.00 40.17  ? 969  ILE A CA  1 
ATOM   1438 C  C   . ILE A 1 226 ? 5.769   -11.547 -18.546 1.00 40.35  ? 969  ILE A C   1 
ATOM   1439 O  O   . ILE A 1 226 ? 5.520   -10.332 -18.467 1.00 42.09  ? 969  ILE A O   1 
ATOM   1440 C  CB  . ILE A 1 226 ? 6.679   -12.494 -16.439 1.00 40.86  ? 969  ILE A CB  1 
ATOM   1441 C  CG1 . ILE A 1 226 ? 6.333   -13.205 -15.130 1.00 38.98  ? 969  ILE A CG1 1 
ATOM   1442 C  CG2 . ILE A 1 226 ? 7.096   -11.053 -16.161 1.00 42.24  ? 969  ILE A CG2 1 
ATOM   1443 C  CD1 . ILE A 1 226 ? 5.359   -12.449 -14.263 1.00 41.26  ? 969  ILE A CD1 1 
ATOM   1444 N  N   . ARG A 1 227 ? 6.312   -12.095 -19.626 1.00 39.78  ? 970  ARG A N   1 
ATOM   1445 C  CA  . ARG A 1 227 ? 6.669   -11.292 -20.787 1.00 40.59  ? 970  ARG A CA  1 
ATOM   1446 C  C   . ARG A 1 227 ? 5.411   -10.806 -21.519 1.00 39.93  ? 970  ARG A C   1 
ATOM   1447 O  O   . ARG A 1 227 ? 5.400   -9.708  -22.102 1.00 40.81  ? 970  ARG A O   1 
ATOM   1448 C  CB  . ARG A 1 227 ? 7.565   -12.121 -21.717 1.00 44.91  ? 970  ARG A CB  1 
ATOM   1449 C  CG  . ARG A 1 227 ? 8.434   -11.324 -22.703 1.00 54.75  ? 970  ARG A CG  1 
ATOM   1450 C  CD  . ARG A 1 227 ? 9.232   -12.285 -23.611 1.00 56.52  ? 970  ARG A CD  1 
ATOM   1451 N  NE  . ARG A 1 227 ? 10.044  -13.184 -22.797 1.00 56.06  ? 970  ARG A NE  1 
ATOM   1452 C  CZ  . ARG A 1 227 ? 10.089  -14.506 -22.941 1.00 55.06  ? 970  ARG A CZ  1 
ATOM   1453 N  NH1 . ARG A 1 227 ? 9.377   -15.121 -23.883 1.00 49.93  ? 970  ARG A NH1 1 
ATOM   1454 N  NH2 . ARG A 1 227 ? 10.828  -15.222 -22.107 1.00 56.39  ? 970  ARG A NH2 1 
ATOM   1455 N  N   . PHE A 1 228 ? 4.359   -11.625 -21.492 1.00 39.47  ? 971  PHE A N   1 
ATOM   1456 C  CA  . PHE A 1 228 ? 3.095   -11.268 -22.124 1.00 38.73  ? 971  PHE A CA  1 
ATOM   1457 C  C   . PHE A 1 228 ? 2.386   -10.266 -21.209 1.00 39.67  ? 971  PHE A C   1 
ATOM   1458 O  O   . PHE A 1 228 ? 1.760   -9.305  -21.690 1.00 39.26  ? 971  PHE A O   1 
ATOM   1459 C  CB  . PHE A 1 228 ? 2.220   -12.502 -22.330 1.00 36.78  ? 971  PHE A CB  1 
ATOM   1460 C  CG  . PHE A 1 228 ? 2.433   -13.206 -23.656 1.00 37.16  ? 971  PHE A CG  1 
ATOM   1461 C  CD1 . PHE A 1 228 ? 3.113   -14.421 -23.713 1.00 34.74  ? 971  PHE A CD1 1 
ATOM   1462 C  CD2 . PHE A 1 228 ? 1.911   -12.673 -24.845 1.00 33.13  ? 971  PHE A CD2 1 
ATOM   1463 C  CE1 . PHE A 1 228 ? 3.270   -15.093 -24.926 1.00 32.05  ? 971  PHE A CE1 1 
ATOM   1464 C  CE2 . PHE A 1 228 ? 2.065   -13.343 -26.049 1.00 33.66  ? 971  PHE A CE2 1 
ATOM   1465 C  CZ  . PHE A 1 228 ? 2.749   -14.557 -26.084 1.00 34.37  ? 971  PHE A CZ  1 
HETATM 1466 N  N   . MSE A 1 229 ? 2.485   -10.486 -19.893 1.00 40.03  ? 972  MSE A N   1 
HETATM 1467 C  CA  . MSE A 1 229 ? 1.887   -9.544  -18.931 1.00 39.75  ? 972  MSE A CA  1 
HETATM 1468 C  C   . MSE A 1 229 ? 2.563   -8.193  -19.095 1.00 39.42  ? 972  MSE A C   1 
HETATM 1469 O  O   . MSE A 1 229 ? 1.883   -7.170  -19.137 1.00 39.82  ? 972  MSE A O   1 
HETATM 1470 C  CB  . MSE A 1 229 ? 2.106   -9.960  -17.480 1.00 43.04  ? 972  MSE A CB  1 
HETATM 1471 C  CG  . MSE A 1 229 ? 1.323   -11.138 -16.944 1.00 48.20  ? 972  MSE A CG  1 
HETATM 1472 SE SE  . MSE A 1 229 ? 1.617   -11.119 -15.024 1.00 64.32  ? 972  MSE A SE  1 
HETATM 1473 C  CE  . MSE A 1 229 ? 0.264   -9.824  -14.533 1.00 58.22  ? 972  MSE A CE  1 
ATOM   1474 N  N   . LEU A 1 230 ? 3.900   -8.182  -19.148 1.00 39.31  ? 973  LEU A N   1 
ATOM   1475 C  CA  . LEU A 1 230 ? 4.644   -6.917  -19.325 1.00 39.91  ? 973  LEU A CA  1 
ATOM   1476 C  C   . LEU A 1 230 ? 4.204   -6.226  -20.610 1.00 41.60  ? 973  LEU A C   1 
ATOM   1477 O  O   . LEU A 1 230 ? 3.944   -5.011  -20.612 1.00 44.09  ? 973  LEU A O   1 
ATOM   1478 C  CB  . LEU A 1 230 ? 6.162   -7.153  -19.375 1.00 33.92  ? 973  LEU A CB  1 
ATOM   1479 C  CG  . LEU A 1 230 ? 6.800   -7.513  -18.011 1.00 39.25  ? 973  LEU A CG  1 
ATOM   1480 C  CD1 . LEU A 1 230 ? 8.243   -8.081  -18.179 1.00 32.25  ? 973  LEU A CD1 1 
ATOM   1481 C  CD2 . LEU A 1 230 ? 6.819   -6.256  -17.133 1.00 32.18  ? 973  LEU A CD2 1 
ATOM   1482 N  N   . GLN A 1 231 ? 4.114   -6.993  -21.699 1.00 42.31  ? 974  GLN A N   1 
ATOM   1483 C  CA  . GLN A 1 231 ? 3.699   -6.438  -22.986 1.00 42.26  ? 974  GLN A CA  1 
ATOM   1484 C  C   . GLN A 1 231 ? 2.281   -5.887  -22.968 1.00 43.40  ? 974  GLN A C   1 
ATOM   1485 O  O   . GLN A 1 231 ? 1.906   -5.110  -23.858 1.00 45.82  ? 974  GLN A O   1 
ATOM   1486 C  CB  . GLN A 1 231 ? 3.796   -7.485  -24.097 1.00 39.78  ? 974  GLN A CB  1 
ATOM   1487 C  CG  . GLN A 1 231 ? 5.212   -7.821  -24.507 1.00 43.41  ? 974  GLN A CG  1 
ATOM   1488 C  CD  . GLN A 1 231 ? 5.250   -8.646  -25.765 1.00 41.17  ? 974  GLN A CD  1 
ATOM   1489 O  OE1 . GLN A 1 231 ? 4.488   -9.612  -25.909 1.00 43.93  ? 974  GLN A OE1 1 
ATOM   1490 N  NE2 . GLN A 1 231 ? 6.137   -8.280  -26.692 1.00 43.05  ? 974  GLN A NE2 1 
ATOM   1491 N  N   . ASP A 1 232 ? 1.482   -6.306  -21.992 1.00 43.57  ? 975  ASP A N   1 
ATOM   1492 C  CA  . ASP A 1 232 ? 0.111   -5.817  -21.879 1.00 43.83  ? 975  ASP A CA  1 
ATOM   1493 C  C   . ASP A 1 232 ? 0.105   -4.412  -21.280 1.00 44.09  ? 975  ASP A C   1 
ATOM   1494 O  O   . ASP A 1 232 ? -0.644  -3.542  -21.720 1.00 45.07  ? 975  ASP A O   1 
ATOM   1495 C  CB  . ASP A 1 232 ? -0.717  -6.739  -20.997 1.00 44.27  ? 975  ASP A CB  1 
ATOM   1496 C  CG  . ASP A 1 232 ? -1.720  -7.532  -21.787 1.00 49.86  ? 975  ASP A CG  1 
ATOM   1497 O  OD1 . ASP A 1 232 ? -1.338  -8.066  -22.843 1.00 52.52  ? 975  ASP A OD1 1 
ATOM   1498 O  OD2 . ASP A 1 232 ? -2.886  -7.628  -21.362 1.00 54.07  ? 975  ASP A OD2 1 
ATOM   1499 N  N   . VAL A 1 233 ? 0.933   -4.185  -20.269 1.00 43.01  ? 976  VAL A N   1 
ATOM   1500 C  CA  . VAL A 1 233 ? 0.961   -2.873  -19.670 1.00 41.63  ? 976  VAL A CA  1 
ATOM   1501 C  C   . VAL A 1 233 ? 1.569   -1.920  -20.683 1.00 43.86  ? 976  VAL A C   1 
ATOM   1502 O  O   . VAL A 1 233 ? 1.162   -0.759  -20.782 1.00 45.27  ? 976  VAL A O   1 
ATOM   1503 C  CB  . VAL A 1 233 ? 1.768   -2.849  -18.362 1.00 39.24  ? 976  VAL A CB  1 
ATOM   1504 C  CG1 . VAL A 1 233 ? 1.456   -1.581  -17.603 1.00 33.15  ? 976  VAL A CG1 1 
ATOM   1505 C  CG2 . VAL A 1 233 ? 1.413   -4.055  -17.503 1.00 38.23  ? 976  VAL A CG2 1 
ATOM   1506 N  N   . ILE A 1 234 ? 2.528   -2.404  -21.463 1.00 45.17  ? 977  ILE A N   1 
ATOM   1507 C  CA  . ILE A 1 234 ? 3.140   -1.552  -22.476 1.00 45.01  ? 977  ILE A CA  1 
ATOM   1508 C  C   . ILE A 1 234 ? 2.123   -1.263  -23.580 1.00 46.52  ? 977  ILE A C   1 
ATOM   1509 O  O   . ILE A 1 234 ? 2.083   -0.162  -24.123 1.00 47.56  ? 977  ILE A O   1 
ATOM   1510 C  CB  . ILE A 1 234 ? 4.379   -2.218  -23.084 1.00 45.16  ? 977  ILE A CB  1 
ATOM   1511 C  CG1 . ILE A 1 234 ? 5.444   -2.422  -21.993 1.00 46.99  ? 977  ILE A CG1 1 
ATOM   1512 C  CG2 . ILE A 1 234 ? 4.931   -1.359  -24.218 1.00 45.65  ? 977  ILE A CG2 1 
ATOM   1513 C  CD1 . ILE A 1 234 ? 6.626   -3.307  -22.431 1.00 40.94  ? 977  ILE A CD1 1 
ATOM   1514 N  N   . ASP A 1 235 ? 1.298   -2.250  -23.921 1.00 48.19  ? 978  ASP A N   1 
ATOM   1515 C  CA  . ASP A 1 235 ? 0.295   -2.045  -24.964 1.00 48.35  ? 978  ASP A CA  1 
ATOM   1516 C  C   . ASP A 1 235 ? -0.693  -0.988  -24.504 1.00 50.47  ? 978  ASP A C   1 
ATOM   1517 O  O   . ASP A 1 235 ? -1.041  -0.086  -25.270 1.00 50.57  ? 978  ASP A O   1 
ATOM   1518 C  CB  . ASP A 1 235 ? -0.465  -3.341  -25.279 1.00 46.07  ? 978  ASP A CB  1 
ATOM   1519 C  CG  . ASP A 1 235 ? 0.315   -4.287  -26.199 1.00 46.26  ? 978  ASP A CG  1 
ATOM   1520 O  OD1 . ASP A 1 235 ? 1.317   -3.869  -26.829 1.00 41.88  ? 978  ASP A OD1 1 
ATOM   1521 O  OD2 . ASP A 1 235 ? -0.093  -5.464  -26.305 1.00 43.81  ? 978  ASP A OD2 1 
ATOM   1522 N  N   . LEU A 1 236 ? -1.126  -1.127  -23.244 1.00 52.69  ? 979  LEU A N   1 
ATOM   1523 C  CA  . LEU A 1 236 ? -2.078  -0.238  -22.570 1.00 52.33  ? 979  LEU A CA  1 
ATOM   1524 C  C   . LEU A 1 236 ? -1.638  1.207   -22.712 1.00 53.81  ? 979  LEU A C   1 
ATOM   1525 O  O   . LEU A 1 236 ? -2.339  2.033   -23.299 1.00 54.42  ? 979  LEU A O   1 
ATOM   1526 C  CB  . LEU A 1 236 ? -2.140  -0.574  -21.080 1.00 50.22  ? 979  LEU A CB  1 
ATOM   1527 C  CG  . LEU A 1 236 ? -3.486  -0.769  -20.357 1.00 53.90  ? 979  LEU A CG  1 
ATOM   1528 C  CD1 . LEU A 1 236 ? -3.258  -0.549  -18.870 1.00 47.17  ? 979  LEU A CD1 1 
ATOM   1529 C  CD2 . LEU A 1 236 ? -4.573  0.196   -20.878 1.00 51.61  ? 979  LEU A CD2 1 
ATOM   1530 N  N   . ARG A 1 237 ? -0.475  1.507   -22.151 1.00 54.45  ? 980  ARG A N   1 
ATOM   1531 C  CA  . ARG A 1 237 ? 0.073   2.849   -22.203 1.00 55.69  ? 980  ARG A CA  1 
ATOM   1532 C  C   . ARG A 1 237 ? 0.141   3.356   -23.641 1.00 57.51  ? 980  ARG A C   1 
ATOM   1533 O  O   . ARG A 1 237 ? -0.394  4.429   -23.948 1.00 58.94  ? 980  ARG A O   1 
ATOM   1534 C  CB  . ARG A 1 237 ? 1.470   2.876   -21.582 1.00 55.80  ? 980  ARG A CB  1 
ATOM   1535 C  CG  . ARG A 1 237 ? 1.908   4.264   -21.187 1.00 54.25  ? 980  ARG A CG  1 
ATOM   1536 C  CD  . ARG A 1 237 ? 3.409   4.316   -20.932 1.00 56.89  ? 980  ARG A CD  1 
ATOM   1537 N  NE  . ARG A 1 237 ? 3.839   5.660   -20.578 1.00 54.01  ? 980  ARG A NE  1 
ATOM   1538 C  CZ  . ARG A 1 237 ? 5.067   6.127   -20.763 1.00 57.58  ? 980  ARG A CZ  1 
ATOM   1539 N  NH1 . ARG A 1 237 ? 6.001   5.356   -21.308 1.00 58.38  ? 980  ARG A NH1 1 
ATOM   1540 N  NH2 . ARG A 1 237 ? 5.361   7.365   -20.397 1.00 59.04  ? 980  ARG A NH2 1 
ATOM   1541 N  N   . LEU A 1 238 ? 0.801   2.609   -24.526 1.00 57.08  ? 981  LEU A N   1 
ATOM   1542 C  CA  . LEU A 1 238 ? 0.880   3.023   -25.926 1.00 57.68  ? 981  LEU A CA  1 
ATOM   1543 C  C   . LEU A 1 238 ? -0.508  3.345   -26.467 1.00 58.87  ? 981  LEU A C   1 
ATOM   1544 O  O   . LEU A 1 238 ? -0.643  4.004   -27.495 1.00 60.27  ? 981  LEU A O   1 
ATOM   1545 C  CB  . LEU A 1 238 ? 1.488   1.922   -26.793 1.00 53.83  ? 981  LEU A CB  1 
ATOM   1546 C  CG  . LEU A 1 238 ? 2.963   1.611   -26.600 1.00 51.77  ? 981  LEU A CG  1 
ATOM   1547 C  CD1 . LEU A 1 238 ? 3.417   0.592   -27.643 1.00 52.27  ? 981  LEU A CD1 1 
ATOM   1548 C  CD2 . LEU A 1 238 ? 3.761   2.891   -26.721 1.00 50.28  ? 981  LEU A CD2 1 
ATOM   1549 N  N   . CYS A 1 239 ? -1.534  2.862   -25.779 1.00 60.20  ? 982  CYS A N   1 
ATOM   1550 C  CA  . CYS A 1 239 ? -2.920  3.087   -26.182 1.00 61.00  ? 982  CYS A CA  1 
ATOM   1551 C  C   . CYS A 1 239 ? -3.601  4.160   -25.311 1.00 62.96  ? 982  CYS A C   1 
ATOM   1552 O  O   . CYS A 1 239 ? -4.834  4.189   -25.169 1.00 62.74  ? 982  CYS A O   1 
ATOM   1553 C  CB  . CYS A 1 239 ? -3.697  1.774   -26.091 1.00 57.63  ? 982  CYS A CB  1 
ATOM   1554 S  SG  . CYS A 1 239 ? -3.477  0.673   -27.518 1.00 56.11  ? 982  CYS A SG  1 
ATOM   1555 N  N   . ASN A 1 240 ? -2.778  5.036   -24.736 1.00 64.75  ? 983  ASN A N   1 
ATOM   1556 C  CA  . ASN A 1 240 ? -3.236  6.126   -23.863 1.00 66.95  ? 983  ASN A CA  1 
ATOM   1557 C  C   . ASN A 1 240 ? -4.055  5.617   -22.683 1.00 67.30  ? 983  ASN A C   1 
ATOM   1558 O  O   . ASN A 1 240 ? -5.006  6.278   -22.271 1.00 68.32  ? 983  ASN A O   1 
ATOM   1559 C  CB  . ASN A 1 240 ? -4.116  7.141   -24.625 1.00 69.37  ? 983  ASN A CB  1 
ATOM   1560 C  CG  . ASN A 1 240 ? -3.792  7.219   -26.118 1.00 76.27  ? 983  ASN A CG  1 
ATOM   1561 O  OD1 . ASN A 1 240 ? -2.624  7.165   -26.515 1.00 79.05  ? 983  ASN A OD1 1 
ATOM   1562 N  ND2 . ASN A 1 240 ? -4.830  7.366   -26.951 1.00 74.90  ? 983  ASN A ND2 1 
ATOM   1563 N  N   . TRP A 1 241 ? -3.704  4.453   -22.148 1.00 66.69  ? 984  TRP A N   1 
ATOM   1564 C  CA  . TRP A 1 241 ? -4.435  3.873   -21.022 1.00 65.96  ? 984  TRP A CA  1 
ATOM   1565 C  C   . TRP A 1 241 ? -5.928  3.636   -21.290 1.00 67.88  ? 984  TRP A C   1 
ATOM   1566 O  O   . TRP A 1 241 ? -6.762  3.787   -20.397 1.00 67.91  ? 984  TRP A O   1 
ATOM   1567 C  CB  . TRP A 1 241 ? -4.268  4.734   -19.761 1.00 62.20  ? 984  TRP A CB  1 
ATOM   1568 C  CG  . TRP A 1 241 ? -2.838  4.964   -19.398 1.00 55.85  ? 984  TRP A CG  1 
ATOM   1569 C  CD1 . TRP A 1 241 ? -2.103  6.080   -19.658 1.00 56.16  ? 984  TRP A CD1 1 
ATOM   1570 C  CD2 . TRP A 1 241 ? -1.933  4.021   -18.789 1.00 50.66  ? 984  TRP A CD2 1 
ATOM   1571 N  NE1 . TRP A 1 241 ? -0.797  5.896   -19.258 1.00 54.79  ? 984  TRP A NE1 1 
ATOM   1572 C  CE2 . TRP A 1 241 ? -0.664  4.643   -18.725 1.00 50.63  ? 984  TRP A CE2 1 
ATOM   1573 C  CE3 . TRP A 1 241 ? -2.071  2.716   -18.296 1.00 50.16  ? 984  TRP A CE3 1 
ATOM   1574 C  CZ2 . TRP A 1 241 ? 0.461   4.006   -18.191 1.00 47.83  ? 984  TRP A CZ2 1 
ATOM   1575 C  CZ3 . TRP A 1 241 ? -0.938  2.080   -17.758 1.00 45.95  ? 984  TRP A CZ3 1 
ATOM   1576 C  CH2 . TRP A 1 241 ? 0.303   2.729   -17.716 1.00 48.60  ? 984  TRP A CH2 1 
ATOM   1577 N  N   . VAL A 1 242 ? -6.261  3.267   -22.522 1.00 69.15  ? 985  VAL A N   1 
ATOM   1578 C  CA  . VAL A 1 242 ? -7.637  2.946   -22.890 1.00 70.40  ? 985  VAL A CA  1 
ATOM   1579 C  C   . VAL A 1 242 ? -7.544  1.477   -23.262 1.00 71.16  ? 985  VAL A C   1 
ATOM   1580 O  O   . VAL A 1 242 ? -6.561  1.070   -23.882 1.00 71.45  ? 985  VAL A O   1 
ATOM   1581 C  CB  . VAL A 1 242 ? -8.104  3.737   -24.134 1.00 72.78  ? 985  VAL A CB  1 
ATOM   1582 C  CG1 . VAL A 1 242 ? -9.524  3.289   -24.548 1.00 72.38  ? 985  VAL A CG1 1 
ATOM   1583 C  CG2 . VAL A 1 242 ? -8.061  5.235   -23.847 1.00 71.84  ? 985  VAL A CG2 1 
ATOM   1584 N  N   . SER A 1 243 ? -8.549  0.682   -22.920 1.00 71.40  ? 986  SER A N   1 
ATOM   1585 C  CA  . SER A 1 243 ? -8.472  -0.738  -23.238 1.00 73.30  ? 986  SER A CA  1 
ATOM   1586 C  C   . SER A 1 243 ? -9.236  -1.143  -24.501 1.00 73.96  ? 986  SER A C   1 
ATOM   1587 O  O   . SER A 1 243 ? -9.072  -2.260  -25.014 1.00 74.38  ? 986  SER A O   1 
ATOM   1588 C  CB  . SER A 1 243 ? -8.967  -1.557  -22.045 1.00 75.22  ? 986  SER A CB  1 
ATOM   1589 O  OG  . SER A 1 243 ? -8.786  -2.945  -22.284 1.00 79.68  ? 986  SER A OG  1 
HETATM 1590 O  O   . HOH B 2 .   ? 1.812   -9.122  -26.486 1.00 40.01  ? 1004 HOH A O   1 
HETATM 1591 O  O   . HOH B 2 .   ? 5.596   -17.427 -14.728 1.00 51.16  ? 1005 HOH A O   1 
HETATM 1592 O  O   . HOH B 2 .   ? 13.893  2.404   -11.990 1.00 64.06  ? 1006 HOH A O   1 
HETATM 1593 O  O   . HOH B 2 .   ? 11.190  7.364   -9.528  1.00 57.66  ? 1007 HOH A O   1 
HETATM 1594 O  O   . HOH B 2 .   ? -7.474  -3.437  28.628  1.00 57.73  ? 1008 HOH A O   1 
HETATM 1595 O  O   . HOH B 2 .   ? 5.708   -18.843 -18.932 1.00 49.52  ? 1009 HOH A O   1 
HETATM 1596 O  O   . HOH B 2 .   ? -15.258 1.644   0.458   1.00 71.38  ? 1010 HOH A O   1 
HETATM 1597 O  O   . HOH B 2 .   ? -6.722  -1.060  -16.444 1.00 49.14  ? 1011 HOH A O   1 
HETATM 1598 O  O   . HOH B 2 .   ? -7.014  -5.906  -16.709 1.00 71.13  ? 1012 HOH A O   1 
HETATM 1599 O  O   . HOH B 2 .   ? -12.476 -10.998 17.098  1.00 57.46  ? 1013 HOH A O   1 
HETATM 1600 O  O   . HOH B 2 .   ? -11.421 -10.107 21.337  1.00 57.39  ? 1014 HOH A O   1 
HETATM 1601 O  O   . HOH B 2 .   ? 7.400   3.918   -23.434 1.00 65.98  ? 1015 HOH A O   1 
HETATM 1602 O  O   . HOH B 2 .   ? 0.521   -8.347  17.351  1.00 48.28  ? 1016 HOH A O   1 
HETATM 1603 O  O   . HOH B 2 .   ? -0.542  -6.516  -5.588  1.00 72.24  ? 1017 HOH A O   1 
HETATM 1604 O  O   . HOH B 2 .   ? 4.234   -19.541 -15.382 1.00 63.39  ? 1018 HOH A O   1 
HETATM 1605 O  O   . HOH B 2 .   ? -7.639  12.286  27.372  1.00 59.84  ? 1019 HOH A O   1 
HETATM 1606 O  O   . HOH B 2 .   ? 10.363  -6.134  -27.571 1.00 36.86  ? 1020 HOH A O   1 
HETATM 1607 O  O   . HOH B 2 .   ? 14.225  -13.389 -29.093 1.00 61.15  ? 1021 HOH A O   1 
HETATM 1608 O  O   . HOH B 2 .   ? -9.287  -3.654  -5.134  1.00 57.55  ? 1022 HOH A O   1 
HETATM 1609 O  O   . HOH B 2 .   ? 1.562   2.753   39.000  1.00 70.25  ? 1023 HOH A O   1 
HETATM 1610 O  O   . HOH B 2 .   ? -3.444  10.144  -8.188  1.00 69.09  ? 1024 HOH A O   1 
HETATM 1611 O  O   . HOH B 2 .   ? -15.288 4.385   31.207  1.00 58.56  ? 1025 HOH A O   1 
HETATM 1612 O  O   . HOH B 2 .   ? 2.029   -12.808 -4.116  1.00 55.53  ? 1026 HOH A O   1 
HETATM 1613 O  O   . HOH B 2 .   ? 11.108  -7.438  9.746   1.00 59.37  ? 1027 HOH A O   1 
HETATM 1614 O  O   . HOH B 2 .   ? 14.779  -15.115 -12.067 1.00 76.41  ? 1028 HOH A O   1 
HETATM 1615 O  O   . HOH B 2 .   ? 2.571   -4.840  18.407  1.00 56.77  ? 1029 HOH A O   1 
HETATM 1616 O  O   . HOH B 2 .   ? -3.226  12.373  0.515   1.00 65.79  ? 1030 HOH A O   1 
HETATM 1617 O  O   . HOH B 2 .   ? 3.161   7.173   12.023  1.00 58.42  ? 1031 HOH A O   1 
HETATM 1618 O  O   . HOH B 2 .   ? 13.829  -18.030 -26.733 1.00 92.00  ? 1032 HOH A O   1 
HETATM 1619 O  O   . HOH B 2 .   ? -14.142 6.051   26.451  1.00 84.25  ? 1033 HOH A O   1 
HETATM 1620 O  O   . HOH B 2 .   ? 2.413   -2.706  -28.677 1.00 42.38  ? 1034 HOH A O   1 
HETATM 1621 O  O   . HOH B 2 .   ? 15.395  -2.185  -28.443 1.00 86.97  ? 1035 HOH A O   1 
HETATM 1622 O  O   . HOH B 2 .   ? 2.163   4.993   13.122  1.00 57.49  ? 1036 HOH A O   1 
HETATM 1623 O  O   . HOH B 2 .   ? 3.724   -4.800  -25.788 1.00 39.11  ? 1037 HOH A O   1 
HETATM 1624 O  O   . HOH B 2 .   ? -9.292  -15.256 18.724  1.00 71.09  ? 1038 HOH A O   1 
HETATM 1625 O  O   . HOH B 2 .   ? 4.887   -11.617 7.580   1.00 77.57  ? 1039 HOH A O   1 
HETATM 1626 O  O   . HOH B 2 .   ? 5.843   10.355  -0.584  1.00 67.13  ? 1040 HOH A O   1 
HETATM 1627 O  O   . HOH B 2 .   ? 14.430  5.667   -10.808 1.00 95.19  ? 1041 HOH A O   1 
HETATM 1628 O  O   . HOH B 2 .   ? 15.653  -7.704  -2.032  1.00 66.18  ? 1042 HOH A O   1 
HETATM 1629 O  O   . HOH B 2 .   ? 12.142  -7.756  5.968   1.00 63.46  ? 1043 HOH A O   1 
HETATM 1630 O  O   . HOH B 2 .   ? -17.104 -7.079  2.578   1.00 50.48  ? 1044 HOH A O   1 
HETATM 1631 O  O   . HOH B 2 .   ? -13.655 9.338   4.750   1.00 56.53  ? 1045 HOH A O   1 
HETATM 1632 O  O   . HOH B 2 .   ? -2.835  12.691  -20.312 1.00 61.67  ? 1046 HOH A O   1 
HETATM 1633 O  O   . HOH B 2 .   ? 14.497  -2.159  -15.017 1.00 58.27  ? 1047 HOH A O   1 
HETATM 1634 O  O   . HOH B 2 .   ? -9.023  12.944  9.942   1.00 58.62  ? 1048 HOH A O   1 
HETATM 1635 O  O   . HOH B 2 .   ? 0.381   -10.099 12.969  1.00 67.09  ? 1049 HOH A O   1 
HETATM 1636 O  O   . HOH B 2 .   ? -12.554 7.295   -1.858  1.00 58.16  ? 1050 HOH A O   1 
HETATM 1637 O  O   . HOH B 2 .   ? -2.983  -4.250  -23.007 1.00 56.68  ? 1051 HOH A O   1 
HETATM 1638 O  O   . HOH B 2 .   ? -6.970  -5.715  30.635  1.00 85.94  ? 1052 HOH A O   1 
HETATM 1639 O  O   . HOH B 2 .   ? -2.716  -2.401  -4.218  1.00 41.48  ? 1053 HOH A O   1 
HETATM 1640 O  O   . HOH B 2 .   ? 11.186  -12.843 -4.203  1.00 66.34  ? 1054 HOH A O   1 
HETATM 1641 O  O   . HOH B 2 .   ? 0.919   17.323  -8.628  1.00 85.73  ? 1055 HOH A O   1 
HETATM 1642 O  O   . HOH B 2 .   ? 17.508  -2.155  -0.241  1.00 65.41  ? 1056 HOH A O   1 
HETATM 1643 O  O   . HOH B 2 .   ? -1.165  11.830  2.057   1.00 73.40  ? 1057 HOH A O   1 
HETATM 1644 O  O   . HOH B 2 .   ? -0.492  -14.813 -15.243 1.00 50.63  ? 1058 HOH A O   1 
HETATM 1645 O  O   . HOH B 2 .   ? -6.958  17.722  12.951  1.00 77.52  ? 1059 HOH A O   1 
HETATM 1646 O  O   . HOH B 2 .   ? 5.015   15.303  -9.391  1.00 69.68  ? 1060 HOH A O   1 
HETATM 1647 O  O   . HOH B 2 .   ? 17.018  4.520   -9.004  1.00 80.75  ? 1061 HOH A O   1 
HETATM 1648 O  O   . HOH B 2 .   ? -15.233 -6.125  18.511  1.00 80.09  ? 1062 HOH A O   1 
HETATM 1649 O  O   . HOH B 2 .   ? -0.540  -7.611  -17.364 1.00 46.85  ? 1063 HOH A O   1 
HETATM 1650 O  O   . HOH B 2 .   ? -4.328  -6.693  -8.999  1.00 75.46  ? 1064 HOH A O   1 
HETATM 1651 O  O   . HOH B 2 .   ? -1.330  -4.650  -7.037  1.00 81.72  ? 1065 HOH A O   1 
HETATM 1652 O  O   . HOH B 2 .   ? -7.800  -12.334 10.602  1.00 63.87  ? 1066 HOH A O   1 
HETATM 1653 O  O   . HOH B 2 .   ? -2.374  -11.871 12.823  1.00 77.70  ? 1067 HOH A O   1 
HETATM 1654 O  O   . HOH B 2 .   ? -3.426  -3.335  -8.221  1.00 60.33  ? 1068 HOH A O   1 
HETATM 1655 O  O   . HOH B 2 .   ? -11.482 6.834   -18.172 1.00 71.56  ? 1069 HOH A O   1 
HETATM 1656 O  O   . HOH B 2 .   ? 11.817  -4.812  8.791   1.00 83.67  ? 1070 HOH A O   1 
HETATM 1657 O  O   . HOH B 2 .   ? -3.903  -7.149  -14.624 1.00 61.39  ? 1071 HOH A O   1 
HETATM 1658 O  O   . HOH B 2 .   ? -4.375  -4.545  -4.348  1.00 66.35  ? 1072 HOH A O   1 
# 
